data_7LVL
#
_entry.id   7LVL
#
_cell.length_a   101.763
_cell.length_b   133.484
_cell.length_c   155.778
_cell.angle_alpha   90.00
_cell.angle_beta   100.45
_cell.angle_gamma   90.00
#
_symmetry.space_group_name_H-M   'C 1 2 1'
#
loop_
_entity.id
_entity.type
_entity.pdbx_description
1 polymer '4-hydroxy-tetrahydrodipicolinate synthase'
2 non-polymer LYSINE
3 water water
#
_entity_poly.entity_id   1
_entity_poly.type   'polypeptide(L)'
_entity_poly.pdbx_seq_one_letter_code
;MFQRSIPALITPFTKDNLIDEDSFVDHIEWQISEGSSGLVPAGTTGESSTLSYEEHCRVVELCVKTAAGRVPVMAGAGSN
NTKESIELAQYAQNTGADALLVVVPYYNKPNKKGLLAHFGSIANAVSLPIYIYNNPSRTVIEMDVDTMAELVKTYSNIVG
VKDATGRIELASGQRIACGSDFIQLSGDDSSALGFNVHGGVGCISVTANVAPRICAEFQKAISEGDYRQALEYQDKLFPL
HQALFIEPSISSVKYALSRLGRNVSLVVRAPMVSILEKETMFAIDQALDHIGLCAGHHHHHH
;
_entity_poly.pdbx_strand_id   A,B,C,D,E,F
#
# COMPACT_ATOMS: atom_id res chain seq x y z
N MET A 1 21.76 24.69 44.89
CA MET A 1 21.30 25.54 43.78
C MET A 1 20.44 24.73 42.81
N PHE A 2 20.95 23.58 42.38
CA PHE A 2 20.19 22.65 41.55
C PHE A 2 19.73 21.49 42.42
N GLN A 3 18.44 21.24 42.44
CA GLN A 3 17.92 20.15 43.25
C GLN A 3 16.56 19.76 42.68
N ARG A 4 16.06 18.60 43.13
CA ARG A 4 14.71 18.08 42.75
C ARG A 4 14.63 17.94 41.22
N SER A 5 13.53 18.35 40.58
CA SER A 5 13.21 17.93 39.21
C SER A 5 13.60 19.01 38.21
N ILE A 6 14.54 18.67 37.33
CA ILE A 6 15.17 19.60 36.40
C ILE A 6 15.02 19.03 34.99
N PRO A 7 14.10 19.56 34.18
CA PRO A 7 13.92 19.01 32.83
C PRO A 7 15.11 19.32 31.93
N ALA A 8 15.57 18.30 31.22
CA ALA A 8 16.47 18.45 30.07
C ALA A 8 15.58 18.86 28.90
N LEU A 9 15.44 20.17 28.69
CA LEU A 9 14.38 20.68 27.82
C LEU A 9 14.55 20.23 26.37
N ILE A 10 13.44 19.82 25.75
CA ILE A 10 13.41 19.68 24.29
C ILE A 10 13.63 21.04 23.63
N THR A 11 14.06 21.00 22.36
CA THR A 11 14.07 22.20 21.53
C THR A 11 13.01 22.04 20.45
N PRO A 12 11.87 22.72 20.54
CA PRO A 12 10.83 22.55 19.52
C PRO A 12 11.21 23.29 18.24
N PHE A 13 10.83 22.70 17.10
CA PHE A 13 11.10 23.27 15.77
C PHE A 13 9.79 23.58 15.05
N THR A 14 9.82 24.57 14.15
CA THR A 14 8.66 24.86 13.33
C THR A 14 8.53 23.84 12.21
N LYS A 15 7.38 23.92 11.51
CA LYS A 15 7.15 23.16 10.29
C LYS A 15 8.28 23.36 9.28
N ASP A 16 8.89 24.54 9.26
CA ASP A 16 9.97 24.87 8.34
C ASP A 16 11.36 24.65 8.94
N ASN A 17 11.46 23.95 10.05
CA ASN A 17 12.75 23.55 10.66
C ASN A 17 13.54 24.73 11.22
N LEU A 18 12.87 25.79 11.67
CA LEU A 18 13.52 26.81 12.48
C LEU A 18 13.20 26.55 13.95
N ILE A 19 13.94 27.23 14.83
CA ILE A 19 13.60 27.17 16.26
C ILE A 19 12.20 27.75 16.46
N ASP A 20 11.31 26.99 17.09
CA ASP A 20 10.00 27.49 17.45
C ASP A 20 10.14 28.23 18.78
N GLU A 21 10.45 29.52 18.69
CA GLU A 21 10.79 30.27 19.90
C GLU A 21 9.59 30.44 20.82
N ASP A 22 8.41 30.68 20.24
CA ASP A 22 7.20 30.81 21.04
C ASP A 22 6.89 29.53 21.79
N SER A 23 6.98 28.39 21.11
CA SER A 23 6.74 27.11 21.75
C SER A 23 7.74 26.84 22.86
N PHE A 24 9.02 27.18 22.63
CA PHE A 24 10.07 26.99 23.63
C PHE A 24 9.83 27.85 24.87
N VAL A 25 9.51 29.13 24.66
CA VAL A 25 9.20 30.02 25.77
C VAL A 25 7.99 29.49 26.54
N ASP A 26 6.93 29.07 25.82
CA ASP A 26 5.73 28.53 26.47
C ASP A 26 6.06 27.30 27.29
N HIS A 27 6.96 26.46 26.78
CA HIS A 27 7.32 25.22 27.46
C HIS A 27 8.02 25.52 28.78
N ILE A 28 8.93 26.50 28.77
CA ILE A 28 9.65 26.87 29.99
C ILE A 28 8.70 27.42 31.04
N GLU A 29 7.82 28.37 30.65
CA GLU A 29 6.84 28.95 31.57
C GLU A 29 6.01 27.85 32.22
N TRP A 30 5.53 26.92 31.40
CA TRP A 30 4.70 25.83 31.89
C TRP A 30 5.47 24.92 32.85
N GLN A 31 6.72 24.57 32.50
CA GLN A 31 7.58 23.80 33.40
C GLN A 31 7.73 24.49 34.76
N ILE A 32 8.07 25.78 34.75
CA ILE A 32 8.21 26.52 36.00
C ILE A 32 6.90 26.49 36.79
N SER A 33 5.77 26.70 36.11
CA SER A 33 4.51 26.78 36.84
C SER A 33 4.05 25.42 37.40
N GLU A 34 4.53 24.31 36.83
CA GLU A 34 4.19 22.98 37.31
C GLU A 34 5.15 22.46 38.38
N GLY A 35 6.23 23.19 38.67
CA GLY A 35 7.10 22.89 39.80
C GLY A 35 8.53 22.47 39.44
N SER A 36 8.92 22.47 38.17
CA SER A 36 10.31 22.20 37.85
C SER A 36 11.20 23.22 38.54
N SER A 37 12.33 22.75 39.06
CA SER A 37 13.19 23.52 39.96
C SER A 37 14.39 24.17 39.30
N GLY A 38 14.63 23.88 38.03
CA GLY A 38 15.80 24.35 37.31
C GLY A 38 15.58 23.92 35.87
N LEU A 39 16.46 24.42 34.98
CA LEU A 39 16.30 24.14 33.55
C LEU A 39 17.65 23.84 32.90
N VAL A 40 17.64 22.90 31.96
CA VAL A 40 18.80 22.56 31.15
C VAL A 40 18.43 22.76 29.69
N PRO A 41 18.76 23.90 29.10
CA PRO A 41 18.55 24.09 27.66
C PRO A 41 19.74 23.58 26.86
N ALA A 42 19.45 23.11 25.65
CA ALA A 42 20.49 22.73 24.67
C ALA A 42 21.39 21.59 25.18
N GLY A 43 20.78 20.60 25.83
CA GLY A 43 21.46 19.35 26.14
C GLY A 43 21.12 18.28 25.13
N THR A 44 21.35 17.02 25.51
CA THR A 44 21.06 15.90 24.63
C THR A 44 19.59 15.89 24.19
N THR A 45 18.68 15.95 25.16
CA THR A 45 17.26 15.99 24.87
C THR A 45 16.87 17.25 24.11
N GLY A 46 17.66 18.31 24.21
CA GLY A 46 17.45 19.50 23.41
C GLY A 46 17.99 19.42 21.99
N GLU A 47 18.40 18.23 21.56
CA GLU A 47 18.94 17.98 20.20
C GLU A 47 20.13 18.88 19.89
N SER A 48 20.97 19.14 20.90
CA SER A 48 22.13 20.00 20.70
C SER A 48 23.02 19.51 19.55
N SER A 49 23.05 18.20 19.30
CA SER A 49 23.88 17.67 18.21
C SER A 49 23.50 18.24 16.83
N THR A 50 22.23 18.63 16.65
CA THR A 50 21.74 19.09 15.36
C THR A 50 21.43 20.58 15.34
N LEU A 51 21.83 21.31 16.37
CA LEU A 51 21.80 22.78 16.38
C LEU A 51 23.10 23.33 15.81
N SER A 52 23.01 24.43 15.04
CA SER A 52 24.24 25.17 14.76
C SER A 52 24.74 25.83 16.04
N TYR A 53 25.97 26.35 15.98
CA TYR A 53 26.48 27.15 17.08
C TYR A 53 25.52 28.28 17.43
N GLU A 54 25.04 28.98 16.41
CA GLU A 54 24.19 30.15 16.64
C GLU A 54 22.85 29.75 17.23
N GLU A 55 22.26 28.66 16.75
CA GLU A 55 21.01 28.17 17.34
C GLU A 55 21.21 27.73 18.78
N HIS A 56 22.27 26.96 19.03
CA HIS A 56 22.58 26.54 20.40
C HIS A 56 22.63 27.76 21.33
N CYS A 57 23.41 28.78 20.95
CA CYS A 57 23.50 29.99 21.75
C CYS A 57 22.14 30.65 21.94
N ARG A 58 21.34 30.70 20.87
CA ARG A 58 20.03 31.34 20.95
C ARG A 58 19.10 30.59 21.90
N VAL A 59 19.17 29.25 21.88
CA VAL A 59 18.36 28.44 22.81
C VAL A 59 18.75 28.73 24.25
N VAL A 60 20.04 28.79 24.54
CA VAL A 60 20.49 29.12 25.88
C VAL A 60 20.04 30.53 26.25
N GLU A 61 20.23 31.48 25.32
CA GLU A 61 19.83 32.86 25.56
C GLU A 61 18.36 32.95 25.91
N LEU A 62 17.50 32.34 25.11
CA LEU A 62 16.05 32.39 25.32
C LEU A 62 15.66 31.80 26.66
N CYS A 63 16.36 30.74 27.07
CA CYS A 63 16.00 30.06 28.32
C CYS A 63 16.33 30.94 29.50
N VAL A 64 17.53 31.54 29.49
CA VAL A 64 17.95 32.44 30.56
C VAL A 64 16.99 33.63 30.67
N LYS A 65 16.66 34.24 29.54
CA LYS A 65 15.75 35.39 29.55
C LYS A 65 14.35 34.99 30.04
N THR A 66 13.86 33.84 29.60
CA THR A 66 12.51 33.43 30.00
C THR A 66 12.46 33.09 31.48
N ALA A 67 13.49 32.40 31.99
CA ALA A 67 13.50 32.05 33.42
C ALA A 67 13.47 33.29 34.30
N ALA A 68 14.16 34.35 33.87
CA ALA A 68 14.11 35.64 34.57
C ALA A 68 14.41 35.50 36.06
N GLY A 69 15.37 34.63 36.39
CA GLY A 69 15.78 34.44 37.77
C GLY A 69 14.87 33.60 38.63
N ARG A 70 13.71 33.16 38.14
CA ARG A 70 12.79 32.40 38.99
C ARG A 70 13.37 31.04 39.34
N VAL A 71 14.06 30.41 38.40
CA VAL A 71 14.75 29.13 38.59
C VAL A 71 16.10 29.20 37.92
N PRO A 72 17.09 28.47 38.44
CA PRO A 72 18.44 28.52 37.84
C PRO A 72 18.51 27.77 36.52
N VAL A 73 19.46 28.19 35.68
CA VAL A 73 19.63 27.66 34.32
C VAL A 73 21.03 27.08 34.21
N MET A 74 21.10 25.78 33.90
CA MET A 74 22.33 25.05 33.64
C MET A 74 22.44 24.83 32.13
N ALA A 75 23.24 25.66 31.46
CA ALA A 75 23.33 25.60 30.01
C ALA A 75 24.13 24.38 29.56
N GLY A 76 23.60 23.65 28.59
CA GLY A 76 24.44 22.65 27.94
C GLY A 76 25.64 23.31 27.27
N ALA A 77 26.85 22.81 27.54
CA ALA A 77 28.05 23.27 26.85
C ALA A 77 28.87 22.09 26.37
N GLY A 78 28.20 20.99 26.02
CA GLY A 78 28.91 19.75 25.73
C GLY A 78 29.39 19.70 24.29
N SER A 79 30.61 19.21 24.13
CA SER A 79 31.18 18.97 22.81
C SER A 79 32.28 17.93 22.97
N ASN A 80 32.63 17.28 21.87
CA ASN A 80 33.81 16.43 21.86
C ASN A 80 35.05 17.19 21.39
N ASN A 81 34.91 18.50 21.21
CA ASN A 81 35.95 19.43 20.81
C ASN A 81 36.10 20.45 21.93
N THR A 82 37.22 20.41 22.66
CA THR A 82 37.40 21.31 23.80
C THR A 82 37.22 22.78 23.41
N LYS A 83 37.76 23.17 22.24
CA LYS A 83 37.65 24.56 21.80
C LYS A 83 36.19 24.98 21.65
N GLU A 84 35.34 24.11 21.09
CA GLU A 84 33.91 24.43 20.96
C GLU A 84 33.24 24.51 22.32
N SER A 85 33.62 23.64 23.26
CA SER A 85 33.03 23.69 24.60
C SER A 85 33.34 25.01 25.28
N ILE A 86 34.58 25.50 25.16
CA ILE A 86 34.93 26.78 25.79
C ILE A 86 34.09 27.90 25.20
N GLU A 87 33.88 27.88 23.89
CA GLU A 87 33.11 28.95 23.26
C GLU A 87 31.65 28.92 23.73
N LEU A 88 31.03 27.73 23.75
CA LEU A 88 29.66 27.60 24.27
C LEU A 88 29.60 27.97 25.76
N ALA A 89 30.63 27.59 26.52
CA ALA A 89 30.64 27.91 27.95
C ALA A 89 30.76 29.41 28.17
N GLN A 90 31.66 30.07 27.43
CA GLN A 90 31.80 31.51 27.60
C GLN A 90 30.54 32.24 27.14
N TYR A 91 29.91 31.76 26.06
CA TYR A 91 28.66 32.37 25.64
C TYR A 91 27.63 32.29 26.75
N ALA A 92 27.47 31.10 27.34
CA ALA A 92 26.45 30.90 28.37
C ALA A 92 26.71 31.80 29.57
N GLN A 93 27.97 31.90 29.99
CA GLN A 93 28.30 32.77 31.11
C GLN A 93 27.92 34.22 30.81
N ASN A 94 28.31 34.69 29.62
CA ASN A 94 28.11 36.08 29.25
C ASN A 94 26.65 36.42 29.03
N THR A 95 25.81 35.44 28.74
CA THR A 95 24.40 35.69 28.58
C THR A 95 23.63 35.52 29.88
N GLY A 96 24.26 35.01 30.93
CA GLY A 96 23.66 34.95 32.25
C GLY A 96 23.23 33.56 32.76
N ALA A 97 23.70 32.48 32.15
CA ALA A 97 23.45 31.16 32.71
C ALA A 97 24.00 31.07 34.13
N ASP A 98 23.41 30.19 34.93
CA ASP A 98 23.86 30.00 36.31
C ASP A 98 24.90 28.91 36.45
N ALA A 99 25.02 28.02 35.47
CA ALA A 99 25.94 26.90 35.56
C ALA A 99 26.01 26.25 34.18
N LEU A 100 26.90 25.27 34.05
CA LEU A 100 27.16 24.59 32.79
C LEU A 100 27.05 23.08 32.99
N LEU A 101 26.46 22.41 32.00
CA LEU A 101 26.47 20.95 31.89
C LEU A 101 27.46 20.55 30.78
N VAL A 102 28.50 19.81 31.14
CA VAL A 102 29.59 19.46 30.21
C VAL A 102 29.71 17.94 30.14
N VAL A 103 29.33 17.36 28.99
CA VAL A 103 29.39 15.92 28.78
C VAL A 103 30.85 15.47 28.58
N VAL A 104 31.14 14.25 29.04
CA VAL A 104 32.37 13.56 28.67
C VAL A 104 32.43 13.47 27.15
N PRO A 105 33.55 13.81 26.51
CA PRO A 105 33.60 13.79 25.03
C PRO A 105 33.18 12.45 24.43
N TYR A 106 32.41 12.52 23.33
CA TYR A 106 31.91 11.37 22.59
C TYR A 106 32.69 11.18 21.30
N TYR A 107 32.71 9.94 20.82
CA TYR A 107 33.24 9.49 19.54
C TYR A 107 34.77 9.41 19.49
N ASN A 108 35.48 10.48 19.87
CA ASN A 108 36.94 10.43 19.72
C ASN A 108 37.64 9.77 20.91
N LYS A 109 36.92 9.43 21.98
CA LYS A 109 37.40 8.60 23.07
C LYS A 109 38.75 9.05 23.65
N PRO A 110 38.80 10.25 24.25
CA PRO A 110 40.01 10.64 24.99
C PRO A 110 40.28 9.68 26.14
N ASN A 111 41.55 9.60 26.54
CA ASN A 111 41.88 8.81 27.72
C ASN A 111 41.76 9.72 28.95
N LYS A 112 42.22 9.21 30.11
CA LYS A 112 42.09 9.96 31.36
C LYS A 112 42.81 11.30 31.28
N LYS A 113 44.01 11.33 30.69
CA LYS A 113 44.73 12.60 30.56
C LYS A 113 43.95 13.58 29.69
N GLY A 114 43.27 13.07 28.66
CA GLY A 114 42.44 13.93 27.84
C GLY A 114 41.23 14.47 28.59
N LEU A 115 40.58 13.64 29.43
CA LEU A 115 39.48 14.14 30.26
C LEU A 115 39.95 15.25 31.19
N LEU A 116 41.11 15.08 31.82
CA LEU A 116 41.65 16.13 32.68
C LEU A 116 41.92 17.41 31.87
N ALA A 117 42.50 17.27 30.67
CA ALA A 117 42.76 18.46 29.85
C ALA A 117 41.47 19.12 29.39
N HIS A 118 40.47 18.32 29.01
CA HIS A 118 39.20 18.87 28.56
C HIS A 118 38.50 19.64 29.68
N PHE A 119 38.22 18.96 30.81
CA PHE A 119 37.44 19.62 31.85
C PHE A 119 38.24 20.72 32.53
N GLY A 120 39.56 20.55 32.64
CA GLY A 120 40.38 21.61 33.21
C GLY A 120 40.44 22.84 32.34
N SER A 121 40.55 22.66 31.01
CA SER A 121 40.57 23.83 30.12
C SER A 121 39.27 24.62 30.20
N ILE A 122 38.13 23.91 30.26
CA ILE A 122 36.83 24.59 30.38
C ILE A 122 36.73 25.30 31.73
N ALA A 123 37.13 24.61 32.81
CA ALA A 123 37.02 25.20 34.14
C ALA A 123 37.88 26.46 34.26
N ASN A 124 39.05 26.47 33.63
CA ASN A 124 39.90 27.66 33.69
C ASN A 124 39.40 28.78 32.80
N ALA A 125 38.50 28.50 31.85
CA ALA A 125 38.05 29.48 30.89
C ALA A 125 36.78 30.23 31.32
N VAL A 126 36.07 29.75 32.35
CA VAL A 126 34.88 30.43 32.87
C VAL A 126 34.95 30.42 34.39
N SER A 127 34.11 31.24 35.02
CA SER A 127 33.97 31.19 36.48
C SER A 127 32.68 30.52 36.93
N LEU A 128 31.79 30.13 36.01
CA LEU A 128 30.54 29.46 36.38
C LEU A 128 30.81 28.07 36.98
N PRO A 129 29.91 27.58 37.85
CA PRO A 129 29.97 26.17 38.29
C PRO A 129 29.73 25.23 37.12
N ILE A 130 30.39 24.06 37.17
CA ILE A 130 30.38 23.08 36.09
C ILE A 130 29.92 21.74 36.63
N TYR A 131 28.95 21.11 35.95
CA TYR A 131 28.52 19.75 36.23
C TYR A 131 29.03 18.81 35.15
N ILE A 132 29.69 17.74 35.57
CA ILE A 132 30.17 16.72 34.66
C ILE A 132 29.00 15.82 34.27
N TYR A 133 28.82 15.61 32.97
CA TYR A 133 27.74 14.74 32.49
C TYR A 133 28.38 13.42 32.05
N ASN A 134 28.22 12.38 32.87
CA ASN A 134 28.83 11.07 32.63
C ASN A 134 27.73 10.17 32.07
N ASN A 135 27.88 9.74 30.81
CA ASN A 135 26.85 8.95 30.13
C ASN A 135 27.50 7.97 29.15
N PRO A 136 28.15 6.93 29.67
CA PRO A 136 28.85 5.98 28.78
C PRO A 136 27.94 5.30 27.77
N SER A 137 26.63 5.16 28.05
CA SER A 137 25.74 4.60 27.02
C SER A 137 25.71 5.44 25.74
N ARG A 138 26.13 6.70 25.79
CA ARG A 138 26.30 7.51 24.58
C ARG A 138 27.75 7.79 24.23
N THR A 139 28.66 7.86 25.21
CA THR A 139 30.04 8.29 24.93
C THR A 139 31.04 7.14 24.82
N VAL A 140 30.63 5.92 25.19
CA VAL A 140 31.45 4.70 25.32
C VAL A 140 32.38 4.82 26.51
N ILE A 141 33.30 5.79 26.51
CA ILE A 141 34.20 5.95 27.66
C ILE A 141 33.40 6.45 28.86
N GLU A 142 33.87 6.13 30.07
CA GLU A 142 33.24 6.52 31.31
C GLU A 142 34.28 7.22 32.18
N MET A 143 33.95 8.38 32.71
CA MET A 143 34.85 9.00 33.67
C MET A 143 34.86 8.16 34.96
N ASP A 144 36.04 7.78 35.44
CA ASP A 144 36.06 6.99 36.66
C ASP A 144 36.06 7.90 37.88
N VAL A 145 35.87 7.28 39.06
CA VAL A 145 35.72 8.06 40.29
C VAL A 145 37.02 8.80 40.63
N ASP A 146 38.18 8.18 40.38
CA ASP A 146 39.45 8.83 40.66
C ASP A 146 39.59 10.12 39.86
N THR A 147 39.27 10.07 38.56
CA THR A 147 39.36 11.26 37.70
C THR A 147 38.41 12.34 38.16
N MET A 148 37.18 11.94 38.49
CA MET A 148 36.17 12.89 38.94
C MET A 148 36.62 13.57 40.23
N ALA A 149 37.19 12.79 41.16
CA ALA A 149 37.65 13.37 42.42
C ALA A 149 38.84 14.31 42.18
N GLU A 150 39.76 13.94 41.29
CA GLU A 150 40.88 14.83 40.99
C GLU A 150 40.39 16.17 40.45
N LEU A 151 39.39 16.15 39.56
CA LEU A 151 38.87 17.38 38.99
C LEU A 151 38.21 18.25 40.05
N VAL A 152 37.43 17.64 40.95
CA VAL A 152 36.81 18.39 42.06
C VAL A 152 37.89 19.02 42.94
N LYS A 153 38.95 18.26 43.23
CA LYS A 153 40.02 18.79 44.09
C LYS A 153 40.80 19.90 43.41
N THR A 154 40.92 19.85 42.08
CA THR A 154 41.81 20.78 41.37
C THR A 154 41.11 22.09 40.99
N TYR A 155 39.83 22.03 40.64
CA TYR A 155 39.08 23.17 40.10
C TYR A 155 37.89 23.45 40.99
N SER A 156 37.90 24.61 41.65
CA SER A 156 36.84 24.92 42.61
C SER A 156 35.47 25.01 41.95
N ASN A 157 35.40 25.30 40.65
CA ASN A 157 34.11 25.45 39.99
C ASN A 157 33.65 24.18 39.25
N ILE A 158 34.29 23.04 39.48
CA ILE A 158 33.71 21.76 39.09
C ILE A 158 33.00 21.22 40.33
N VAL A 159 31.67 21.24 40.31
CA VAL A 159 30.89 21.18 41.55
C VAL A 159 29.94 20.00 41.61
N GLY A 160 29.69 19.31 40.51
CA GLY A 160 28.66 18.27 40.54
C GLY A 160 28.75 17.35 39.34
N VAL A 161 27.79 16.41 39.28
CA VAL A 161 27.72 15.42 38.22
C VAL A 161 26.26 15.18 37.86
N LYS A 162 25.98 15.05 36.56
CA LYS A 162 24.76 14.42 36.05
C LYS A 162 25.18 12.99 35.74
N ASP A 163 24.71 12.05 36.55
CA ASP A 163 25.18 10.66 36.47
C ASP A 163 24.10 9.84 35.76
N ALA A 164 24.31 9.61 34.46
CA ALA A 164 23.38 8.84 33.65
C ALA A 164 23.75 7.36 33.57
N THR A 165 24.62 6.86 34.46
CA THR A 165 25.03 5.46 34.33
C THR A 165 23.91 4.50 34.72
N GLY A 166 23.04 4.91 35.65
CA GLY A 166 22.05 3.99 36.17
C GLY A 166 22.61 2.93 37.10
N ARG A 167 23.88 3.02 37.47
CA ARG A 167 24.53 2.10 38.41
C ARG A 167 24.74 2.87 39.71
N ILE A 168 23.78 2.73 40.64
CA ILE A 168 23.76 3.70 41.74
C ILE A 168 24.86 3.45 42.77
N GLU A 169 25.52 2.28 42.76
CA GLU A 169 26.73 2.14 43.56
C GLU A 169 27.75 3.25 43.25
N LEU A 170 27.75 3.79 42.02
CA LEU A 170 28.68 4.87 41.70
C LEU A 170 28.35 6.14 42.46
N ALA A 171 27.07 6.35 42.80
CA ALA A 171 26.72 7.52 43.60
C ALA A 171 27.34 7.43 44.98
N SER A 172 27.41 6.23 45.58
CA SER A 172 28.10 6.07 46.86
C SER A 172 29.58 6.33 46.71
N GLY A 173 30.20 5.82 45.64
CA GLY A 173 31.63 6.01 45.44
C GLY A 173 31.98 7.47 45.21
N GLN A 174 31.14 8.17 44.44
CA GLN A 174 31.33 9.59 44.17
C GLN A 174 31.13 10.43 45.43
N ARG A 175 30.13 10.07 46.25
CA ARG A 175 29.91 10.78 47.52
C ARG A 175 31.12 10.69 48.43
N ILE A 176 31.75 9.51 48.48
CA ILE A 176 32.87 9.31 49.39
C ILE A 176 34.12 9.94 48.83
N ALA A 177 34.37 9.77 47.52
CA ALA A 177 35.62 10.24 46.92
C ALA A 177 35.63 11.75 46.72
N CYS A 178 34.48 12.34 46.38
CA CYS A 178 34.38 13.75 46.06
C CYS A 178 33.85 14.60 47.22
N GLY A 179 33.24 13.99 48.22
CA GLY A 179 32.68 14.67 49.37
C GLY A 179 31.16 14.78 49.30
N SER A 180 30.52 14.90 50.47
CA SER A 180 29.08 15.06 50.50
C SER A 180 28.63 16.44 49.99
N ASP A 181 29.54 17.42 49.85
CA ASP A 181 29.19 18.70 49.23
C ASP A 181 29.18 18.65 47.70
N PHE A 182 29.77 17.62 47.10
CA PHE A 182 29.68 17.39 45.66
C PHE A 182 28.22 17.17 45.29
N ILE A 183 27.71 17.90 44.29
CA ILE A 183 26.27 17.89 44.01
C ILE A 183 25.98 16.78 42.97
N GLN A 184 25.28 15.74 43.38
CA GLN A 184 24.99 14.65 42.46
C GLN A 184 23.53 14.71 41.99
N LEU A 185 23.36 14.71 40.68
CA LEU A 185 22.04 14.73 40.05
C LEU A 185 21.92 13.49 39.18
N SER A 186 20.78 12.80 39.30
CA SER A 186 20.56 11.63 38.46
C SER A 186 20.37 12.03 37.00
N GLY A 187 20.99 11.28 36.10
CA GLY A 187 20.75 11.44 34.68
C GLY A 187 19.95 10.27 34.13
N ASP A 188 19.28 9.52 35.03
CA ASP A 188 18.50 8.33 34.64
C ASP A 188 17.19 8.33 35.43
N ASP A 189 16.09 8.69 34.75
CA ASP A 189 14.79 8.84 35.41
C ASP A 189 14.38 7.59 36.18
N SER A 190 14.62 6.41 35.60
CA SER A 190 14.08 5.18 36.17
C SER A 190 14.79 4.77 37.46
N SER A 191 16.00 5.28 37.70
CA SER A 191 16.73 4.96 38.93
C SER A 191 16.95 6.19 39.81
N ALA A 192 16.32 7.32 39.48
CA ALA A 192 16.52 8.55 40.24
C ALA A 192 16.11 8.39 41.71
N LEU A 193 15.10 7.57 42.01
CA LEU A 193 14.70 7.36 43.40
C LEU A 193 15.85 6.80 44.24
N GLY A 194 16.40 5.65 43.84
CA GLY A 194 17.51 5.08 44.60
C GLY A 194 18.77 5.93 44.54
N PHE A 195 18.99 6.62 43.42
CA PHE A 195 20.13 7.54 43.31
C PHE A 195 20.09 8.59 44.43
N ASN A 196 18.93 9.14 44.71
CA ASN A 196 18.83 10.14 45.78
C ASN A 196 19.10 9.53 47.15
N VAL A 197 18.62 8.32 47.42
CA VAL A 197 18.86 7.78 48.78
C VAL A 197 20.35 7.45 48.99
N HIS A 198 21.10 7.20 47.92
CA HIS A 198 22.55 7.07 47.97
C HIS A 198 23.28 8.41 48.04
N GLY A 199 22.58 9.54 47.99
CA GLY A 199 23.26 10.81 48.12
C GLY A 199 22.94 11.85 47.06
N GLY A 200 22.20 11.48 46.00
CA GLY A 200 21.75 12.47 45.02
C GLY A 200 20.77 13.47 45.61
N VAL A 201 20.62 14.63 44.95
CA VAL A 201 19.69 15.65 45.44
C VAL A 201 18.71 16.08 44.35
N GLY A 202 18.66 15.34 43.25
CA GLY A 202 17.75 15.71 42.18
C GLY A 202 18.01 14.90 40.93
N CYS A 203 17.31 15.28 39.86
CA CYS A 203 17.37 14.53 38.61
C CYS A 203 17.23 15.50 37.44
N ILE A 204 18.19 15.48 36.51
CA ILE A 204 18.03 16.16 35.23
C ILE A 204 17.33 15.15 34.33
N SER A 205 16.09 15.48 33.96
CA SER A 205 15.07 14.48 33.65
C SER A 205 14.54 14.63 32.23
N VAL A 206 14.39 13.49 31.54
CA VAL A 206 13.68 13.46 30.26
C VAL A 206 12.18 13.56 30.49
N THR A 207 11.67 12.72 31.39
CA THR A 207 10.22 12.61 31.59
C THR A 207 9.60 13.91 32.11
N ALA A 208 10.37 14.73 32.83
CA ALA A 208 9.82 15.98 33.35
C ALA A 208 9.31 16.89 32.23
N ASN A 209 9.86 16.76 31.01
CA ASN A 209 9.30 17.49 29.85
C ASN A 209 7.80 17.21 29.70
N VAL A 210 7.39 15.98 29.97
CA VAL A 210 6.06 15.50 29.64
C VAL A 210 5.13 15.57 30.85
N ALA A 211 5.65 15.25 32.03
CA ALA A 211 4.86 15.18 33.26
C ALA A 211 5.54 16.01 34.35
N PRO A 212 5.71 17.32 34.12
CA PRO A 212 6.50 18.11 35.09
C PRO A 212 5.92 18.11 36.50
N ARG A 213 4.59 18.10 36.65
CA ARG A 213 4.03 18.26 38.00
C ARG A 213 4.26 17.02 38.87
N ILE A 214 3.94 15.82 38.34
CA ILE A 214 4.17 14.58 39.09
C ILE A 214 5.66 14.39 39.35
N CYS A 215 6.49 14.69 38.35
CA CYS A 215 7.94 14.58 38.54
C CYS A 215 8.41 15.47 39.68
N ALA A 216 7.87 16.68 39.78
CA ALA A 216 8.24 17.56 40.89
C ALA A 216 7.68 17.04 42.22
N GLU A 217 6.44 16.58 42.23
CA GLU A 217 5.89 15.99 43.44
C GLU A 217 6.73 14.80 43.91
N PHE A 218 7.17 13.98 42.95
CA PHE A 218 8.02 12.84 43.26
C PHE A 218 9.31 13.30 43.95
N GLN A 219 10.00 14.28 43.36
CA GLN A 219 11.23 14.76 43.98
C GLN A 219 10.97 15.48 45.31
N LYS A 220 9.82 16.13 45.46
CA LYS A 220 9.52 16.78 46.74
C LYS A 220 9.31 15.73 47.83
N ALA A 221 8.60 14.64 47.52
CA ALA A 221 8.43 13.57 48.51
C ALA A 221 9.77 13.03 48.98
N ILE A 222 10.70 12.86 48.03
CA ILE A 222 12.04 12.36 48.36
C ILE A 222 12.74 13.32 49.32
N SER A 223 12.73 14.63 48.99
CA SER A 223 13.48 15.58 49.79
C SER A 223 12.87 15.78 51.17
N GLU A 224 11.59 15.43 51.35
CA GLU A 224 10.96 15.44 52.65
C GLU A 224 11.16 14.14 53.42
N GLY A 225 11.86 13.17 52.83
CA GLY A 225 12.04 11.87 53.47
C GLY A 225 10.80 11.00 53.51
N ASP A 226 9.80 11.32 52.69
CA ASP A 226 8.58 10.51 52.59
C ASP A 226 8.81 9.47 51.49
N TYR A 227 9.60 8.45 51.81
CA TYR A 227 10.01 7.49 50.79
C TYR A 227 8.90 6.51 50.45
N ARG A 228 7.95 6.27 51.36
CA ARG A 228 6.78 5.48 51.02
C ARG A 228 5.95 6.18 49.94
N GLN A 229 5.78 7.49 50.06
CA GLN A 229 5.06 8.24 49.05
C GLN A 229 5.86 8.32 47.75
N ALA A 230 7.18 8.49 47.86
CA ALA A 230 8.02 8.54 46.67
C ALA A 230 7.93 7.23 45.88
N LEU A 231 7.79 6.10 46.58
CA LEU A 231 7.67 4.82 45.89
C LEU A 231 6.32 4.69 45.19
N GLU A 232 5.27 5.30 45.76
CA GLU A 232 3.98 5.32 45.07
C GLU A 232 4.06 6.10 43.77
N TYR A 233 4.75 7.25 43.78
CA TYR A 233 4.96 8.02 42.55
C TYR A 233 5.82 7.24 41.55
N GLN A 234 6.88 6.58 42.04
CA GLN A 234 7.74 5.77 41.17
C GLN A 234 6.94 4.72 40.41
N ASP A 235 6.03 4.01 41.11
CA ASP A 235 5.23 3.00 40.44
C ASP A 235 4.34 3.63 39.36
N LYS A 236 3.87 4.87 39.61
CA LYS A 236 3.05 5.56 38.62
C LYS A 236 3.87 6.03 37.43
N LEU A 237 5.09 6.52 37.70
CA LEU A 237 5.93 7.13 36.66
C LEU A 237 6.74 6.11 35.87
N PHE A 238 7.13 5.00 36.51
CA PHE A 238 8.04 4.05 35.87
C PHE A 238 7.59 3.62 34.48
N PRO A 239 6.31 3.29 34.24
CA PRO A 239 5.92 2.90 32.87
C PRO A 239 6.12 4.02 31.87
N LEU A 240 5.92 5.28 32.27
CA LEU A 240 6.16 6.39 31.35
C LEU A 240 7.65 6.58 31.07
N HIS A 241 8.48 6.60 32.13
CA HIS A 241 9.94 6.62 31.93
C HIS A 241 10.36 5.60 30.88
N GLN A 242 9.85 4.38 31.01
CA GLN A 242 10.29 3.30 30.15
C GLN A 242 9.74 3.46 28.73
N ALA A 243 8.46 3.82 28.60
CA ALA A 243 7.86 3.95 27.27
C ALA A 243 8.50 5.09 26.46
N LEU A 244 9.01 6.12 27.13
CA LEU A 244 9.64 7.22 26.41
C LEU A 244 11.00 6.88 25.81
N PHE A 245 11.59 5.70 26.08
CA PHE A 245 12.83 5.40 25.36
C PHE A 245 12.80 4.03 24.67
N ILE A 246 11.60 3.49 24.38
CA ILE A 246 11.48 2.41 23.42
C ILE A 246 12.13 2.79 22.10
N GLU A 247 11.85 4.01 21.65
CA GLU A 247 12.47 4.64 20.49
C GLU A 247 13.14 5.90 21.02
N PRO A 248 13.92 6.64 20.22
CA PRO A 248 14.67 7.77 20.78
C PRO A 248 13.76 8.75 21.53
N SER A 249 14.22 9.18 22.71
CA SER A 249 13.36 9.96 23.60
C SER A 249 12.98 11.31 23.00
N ILE A 250 13.84 11.90 22.17
CA ILE A 250 13.52 13.17 21.51
C ILE A 250 12.12 13.12 20.89
N SER A 251 11.93 12.16 20.00
CA SER A 251 10.71 12.11 19.22
C SER A 251 9.57 11.57 20.05
N SER A 252 9.88 10.71 21.03
CA SER A 252 8.84 10.19 21.92
C SER A 252 8.30 11.29 22.82
N VAL A 253 9.17 12.15 23.36
CA VAL A 253 8.70 13.27 24.18
C VAL A 253 7.83 14.22 23.36
N LYS A 254 8.28 14.56 22.15
CA LYS A 254 7.50 15.49 21.32
C LYS A 254 6.16 14.86 20.93
N TYR A 255 6.14 13.57 20.59
CA TYR A 255 4.88 12.87 20.37
C TYR A 255 3.94 13.02 21.57
N ALA A 256 4.47 12.79 22.77
CA ALA A 256 3.62 12.84 23.96
C ALA A 256 3.08 14.25 24.20
N LEU A 257 3.93 15.27 24.06
CA LEU A 257 3.51 16.65 24.29
C LEU A 257 2.46 17.09 23.29
N SER A 258 2.66 16.74 22.01
CA SER A 258 1.65 17.01 21.00
C SER A 258 0.32 16.37 21.38
N ARG A 259 0.37 15.10 21.79
CA ARG A 259 -0.85 14.40 22.18
C ARG A 259 -1.54 15.08 23.37
N LEU A 260 -0.76 15.62 24.32
CA LEU A 260 -1.33 16.29 25.49
C LEU A 260 -1.88 17.68 25.18
N GLY A 261 -1.72 18.18 23.97
CA GLY A 261 -2.28 19.48 23.61
C GLY A 261 -1.31 20.63 23.77
N ARG A 262 -0.06 20.36 24.11
CA ARG A 262 0.95 21.42 24.15
C ARG A 262 1.24 21.88 22.72
N ASN A 263 1.62 23.15 22.58
CA ASN A 263 1.92 23.69 21.25
C ASN A 263 3.37 23.35 20.89
N VAL A 264 3.59 22.07 20.58
CA VAL A 264 4.90 21.54 20.21
C VAL A 264 4.73 20.67 18.98
N SER A 265 5.42 21.01 17.89
CA SER A 265 5.33 20.18 16.70
C SER A 265 6.14 18.89 16.89
N LEU A 266 5.87 17.91 16.04
CA LEU A 266 6.59 16.64 16.05
C LEU A 266 7.96 16.73 15.39
N VAL A 267 8.29 17.84 14.75
CA VAL A 267 9.49 17.96 13.93
C VAL A 267 10.74 17.73 14.78
N VAL A 268 11.62 16.84 14.31
CA VAL A 268 12.96 16.63 14.84
C VAL A 268 13.93 16.69 13.66
N ARG A 269 15.23 16.79 13.96
CA ARG A 269 16.25 16.91 12.92
C ARG A 269 16.99 15.59 12.71
N ALA A 270 17.13 15.20 11.44
CA ALA A 270 17.84 14.00 11.06
C ALA A 270 19.25 14.00 11.66
N PRO A 271 19.74 12.87 12.20
CA PRO A 271 19.17 11.53 12.02
C PRO A 271 18.06 11.06 12.97
N MET A 272 17.51 11.92 13.83
CA MET A 272 16.26 11.57 14.51
C MET A 272 15.12 11.62 13.50
N VAL A 273 14.08 10.80 13.71
CA VAL A 273 12.89 10.87 12.88
C VAL A 273 11.68 10.91 13.79
N SER A 274 10.63 11.60 13.35
CA SER A 274 9.43 11.72 14.18
C SER A 274 8.47 10.54 14.03
N ILE A 275 8.61 9.73 12.99
CA ILE A 275 7.76 8.55 12.83
C ILE A 275 8.05 7.56 13.94
N LEU A 276 7.04 7.24 14.75
CA LEU A 276 7.13 6.18 15.75
C LEU A 276 6.28 4.98 15.34
N GLU A 277 6.70 3.79 15.76
CA GLU A 277 5.87 2.61 15.53
C GLU A 277 4.56 2.75 16.31
N LYS A 278 3.49 2.12 15.80
CA LYS A 278 2.22 2.17 16.51
C LYS A 278 2.32 1.54 17.91
N GLU A 279 3.14 0.49 18.07
CA GLU A 279 3.27 -0.14 19.38
C GLU A 279 3.93 0.80 20.39
N THR A 280 4.88 1.61 19.91
CA THR A 280 5.51 2.62 20.74
C THR A 280 4.49 3.68 21.18
N MET A 281 3.71 4.21 20.23
CA MET A 281 2.73 5.22 20.58
C MET A 281 1.69 4.66 21.54
N PHE A 282 1.30 3.40 21.32
CA PHE A 282 0.36 2.75 22.24
C PHE A 282 0.93 2.68 23.65
N ALA A 283 2.21 2.28 23.77
CA ALA A 283 2.81 2.16 25.10
C ALA A 283 2.88 3.53 25.78
N ILE A 284 3.21 4.58 25.02
CA ILE A 284 3.28 5.92 25.60
C ILE A 284 1.88 6.36 26.04
N ASP A 285 0.89 6.19 25.16
CA ASP A 285 -0.48 6.60 25.47
C ASP A 285 -1.01 5.89 26.72
N GLN A 286 -0.74 4.59 26.87
CA GLN A 286 -1.21 3.86 28.05
C GLN A 286 -0.54 4.37 29.33
N ALA A 287 0.76 4.68 29.27
CA ALA A 287 1.46 5.21 30.43
C ALA A 287 0.98 6.61 30.79
N LEU A 288 0.68 7.45 29.78
CA LEU A 288 0.13 8.76 30.06
C LEU A 288 -1.24 8.65 30.73
N ASP A 289 -2.07 7.73 30.24
CA ASP A 289 -3.43 7.62 30.77
C ASP A 289 -3.43 7.02 32.18
N HIS A 290 -2.52 6.08 32.45
CA HIS A 290 -2.35 5.56 33.80
C HIS A 290 -2.08 6.67 34.81
N ILE A 291 -1.27 7.65 34.43
CA ILE A 291 -0.94 8.80 35.27
C ILE A 291 -2.10 9.79 35.30
N GLY A 292 -2.89 9.85 34.22
CA GLY A 292 -4.06 10.69 34.13
C GLY A 292 -3.80 12.08 33.57
N LEU A 293 -2.96 12.19 32.53
CA LEU A 293 -2.43 13.49 32.12
C LEU A 293 -3.25 14.20 31.03
N CYS A 294 -4.13 13.48 30.32
CA CYS A 294 -4.95 14.11 29.28
C CYS A 294 -6.05 14.98 29.89
N ALA A 295 -6.07 16.27 29.52
CA ALA A 295 -7.08 17.17 30.07
C ALA A 295 -8.48 16.80 29.60
N GLY A 296 -8.61 16.33 28.36
CA GLY A 296 -9.91 16.04 27.76
C GLY A 296 -10.63 14.82 28.31
N MET B 1 37.62 0.24 -7.38
CA MET B 1 38.22 1.57 -7.25
C MET B 1 39.08 1.69 -5.99
N PHE B 2 38.55 1.27 -4.83
CA PHE B 2 39.30 1.29 -3.59
C PHE B 2 39.71 -0.15 -3.23
N GLN B 3 41.00 -0.38 -3.07
CA GLN B 3 41.50 -1.71 -2.73
C GLN B 3 42.82 -1.58 -1.99
N ARG B 4 43.27 -2.69 -1.42
CA ARG B 4 44.59 -2.84 -0.78
C ARG B 4 44.72 -1.82 0.34
N SER B 5 45.84 -1.10 0.45
CA SER B 5 46.19 -0.37 1.66
C SER B 5 45.85 1.11 1.47
N ILE B 6 44.91 1.59 2.29
CA ILE B 6 44.35 2.94 2.21
C ILE B 6 44.52 3.60 3.58
N PRO B 7 45.46 4.54 3.73
CA PRO B 7 45.64 5.19 5.03
C PRO B 7 44.47 6.11 5.38
N ALA B 8 44.01 5.99 6.62
CA ALA B 8 43.16 6.99 7.29
C ALA B 8 44.11 8.09 7.74
N LEU B 9 44.29 9.11 6.90
CA LEU B 9 45.37 10.08 7.07
C LEU B 9 45.26 10.88 8.36
N ILE B 10 46.39 11.01 9.07
CA ILE B 10 46.48 12.01 10.14
C ILE B 10 46.38 13.40 9.52
N THR B 11 45.96 14.35 10.36
CA THR B 11 46.01 15.78 10.05
C THR B 11 47.11 16.40 10.90
N PRO B 12 48.27 16.74 10.33
CA PRO B 12 49.32 17.38 11.14
C PRO B 12 48.96 18.83 11.45
N PHE B 13 49.36 19.28 12.65
CA PHE B 13 49.15 20.67 13.07
C PHE B 13 50.50 21.32 13.36
N THR B 14 50.58 22.64 13.13
CA THR B 14 51.78 23.39 13.51
C THR B 14 51.80 23.63 15.01
N LYS B 15 52.96 24.10 15.51
CA LYS B 15 53.10 24.39 16.94
C LYS B 15 52.10 25.45 17.39
N ASP B 16 51.64 26.31 16.48
CA ASP B 16 50.61 27.31 16.76
C ASP B 16 49.20 26.81 16.46
N ASN B 17 49.03 25.49 16.30
CA ASN B 17 47.72 24.86 16.16
C ASN B 17 47.01 25.23 14.86
N LEU B 18 47.74 25.51 13.79
CA LEU B 18 47.13 25.60 12.47
C LEU B 18 47.35 24.28 11.72
N ILE B 19 46.61 24.08 10.63
CA ILE B 19 46.89 22.92 9.80
C ILE B 19 48.27 23.09 9.19
N ASP B 20 49.14 22.10 9.40
CA ASP B 20 50.46 22.13 8.79
C ASP B 20 50.32 21.57 7.36
N GLU B 21 50.07 22.48 6.42
CA GLU B 21 49.76 22.08 5.06
C GLU B 21 50.96 21.44 4.37
N ASP B 22 52.16 22.00 4.60
CA ASP B 22 53.37 21.42 4.02
C ASP B 22 53.61 19.99 4.51
N SER B 23 53.42 19.76 5.81
CA SER B 23 53.57 18.42 6.35
C SER B 23 52.52 17.46 5.79
N PHE B 24 51.29 17.94 5.63
CA PHE B 24 50.22 17.10 5.11
C PHE B 24 50.51 16.67 3.67
N VAL B 25 50.90 17.63 2.81
CA VAL B 25 51.25 17.32 1.42
C VAL B 25 52.41 16.32 1.37
N ASP B 26 53.45 16.55 2.18
CA ASP B 26 54.58 15.64 2.23
C ASP B 26 54.15 14.24 2.65
N HIS B 27 53.27 14.15 3.64
CA HIS B 27 52.77 12.84 4.08
C HIS B 27 52.06 12.11 2.95
N ILE B 28 51.24 12.84 2.18
CA ILE B 28 50.48 12.26 1.07
C ILE B 28 51.42 11.78 -0.04
N GLU B 29 52.38 12.63 -0.42
CA GLU B 29 53.37 12.25 -1.44
C GLU B 29 54.08 10.98 -1.05
N TRP B 30 54.57 10.93 0.20
CA TRP B 30 55.26 9.77 0.73
C TRP B 30 54.36 8.54 0.73
N GLN B 31 53.11 8.71 1.18
CA GLN B 31 52.15 7.61 1.16
C GLN B 31 52.01 7.02 -0.24
N ILE B 32 51.88 7.90 -1.24
CA ILE B 32 51.69 7.43 -2.62
C ILE B 32 52.94 6.74 -3.13
N SER B 33 54.12 7.30 -2.85
CA SER B 33 55.32 6.66 -3.40
C SER B 33 55.69 5.37 -2.66
N GLU B 34 55.20 5.19 -1.44
CA GLU B 34 55.45 3.93 -0.75
C GLU B 34 54.44 2.84 -1.09
N GLY B 35 53.41 3.13 -1.86
CA GLY B 35 52.50 2.12 -2.37
C GLY B 35 51.08 2.10 -1.81
N SER B 36 50.67 3.08 -1.01
CA SER B 36 49.26 3.20 -0.64
C SER B 36 48.41 3.39 -1.90
N SER B 37 47.25 2.74 -1.93
CA SER B 37 46.41 2.70 -3.12
C SER B 37 45.25 3.68 -3.11
N GLY B 38 45.08 4.45 -2.04
CA GLY B 38 43.96 5.37 -1.89
C GLY B 38 44.22 6.20 -0.65
N LEU B 39 43.35 7.19 -0.41
CA LEU B 39 43.54 8.11 0.71
C LEU B 39 42.19 8.48 1.32
N VAL B 40 42.12 8.50 2.64
CA VAL B 40 40.94 8.97 3.37
C VAL B 40 41.38 10.17 4.22
N PRO B 41 41.11 11.38 3.76
CA PRO B 41 41.42 12.56 4.59
C PRO B 41 40.23 12.94 5.45
N ALA B 42 40.54 13.61 6.57
CA ALA B 42 39.51 14.16 7.44
C ALA B 42 38.55 13.09 7.96
N GLY B 43 39.09 11.91 8.26
CA GLY B 43 38.37 10.88 9.00
C GLY B 43 38.64 10.95 10.49
N THR B 44 38.39 9.84 11.18
CA THR B 44 38.63 9.76 12.62
C THR B 44 40.11 9.90 12.96
N THR B 45 40.96 9.17 12.26
CA THR B 45 42.39 9.31 12.48
C THR B 45 42.89 10.69 12.08
N GLY B 46 42.13 11.38 11.22
CA GLY B 46 42.40 12.74 10.81
C GLY B 46 41.91 13.79 11.79
N GLU B 47 41.40 13.36 12.95
CA GLU B 47 40.91 14.28 14.00
C GLU B 47 39.77 15.15 13.49
N SER B 48 38.90 14.57 12.66
CA SER B 48 37.77 15.33 12.12
C SER B 48 36.93 15.98 13.21
N SER B 49 36.86 15.35 14.39
CA SER B 49 36.02 15.90 15.46
C SER B 49 36.50 17.27 15.93
N THR B 50 37.78 17.56 15.83
CA THR B 50 38.32 18.83 16.33
C THR B 50 38.73 19.79 15.21
N LEU B 51 38.39 19.48 13.96
CA LEU B 51 38.51 20.43 12.87
C LEU B 51 37.27 21.31 12.77
N SER B 52 37.45 22.61 12.49
CA SER B 52 36.29 23.42 12.10
C SER B 52 35.77 22.93 10.75
N TYR B 53 34.55 23.37 10.42
CA TYR B 53 34.00 23.09 9.11
C TYR B 53 34.95 23.59 8.01
N GLU B 54 35.46 24.81 8.17
CA GLU B 54 36.39 25.35 7.18
C GLU B 54 37.64 24.50 7.08
N GLU B 55 38.23 24.13 8.22
CA GLU B 55 39.45 23.32 8.21
C GLU B 55 39.19 21.94 7.61
N HIS B 56 38.05 21.33 7.93
CA HIS B 56 37.70 20.03 7.37
C HIS B 56 37.70 20.07 5.85
N CYS B 57 36.96 21.05 5.27
CA CYS B 57 36.96 21.26 3.82
C CYS B 57 38.35 21.49 3.26
N ARG B 58 39.14 22.32 3.93
CA ARG B 58 40.51 22.58 3.49
C ARG B 58 41.35 21.30 3.46
N VAL B 59 41.21 20.46 4.49
CA VAL B 59 41.95 19.18 4.52
C VAL B 59 41.54 18.31 3.33
N VAL B 60 40.23 18.22 3.04
CA VAL B 60 39.79 17.44 1.89
C VAL B 60 40.28 18.06 0.57
N GLU B 61 40.10 19.38 0.42
CA GLU B 61 40.55 20.03 -0.81
C GLU B 61 42.03 19.81 -1.05
N LEU B 62 42.85 19.96 0.00
CA LEU B 62 44.30 19.85 -0.14
C LEU B 62 44.73 18.42 -0.47
N CYS B 63 44.01 17.42 0.08
CA CYS B 63 44.28 16.03 -0.26
C CYS B 63 43.97 15.74 -1.73
N VAL B 64 42.77 16.14 -2.18
CA VAL B 64 42.38 15.97 -3.58
C VAL B 64 43.37 16.64 -4.51
N LYS B 65 43.77 17.87 -4.19
CA LYS B 65 44.70 18.59 -5.04
C LYS B 65 46.05 17.89 -5.09
N THR B 66 46.58 17.53 -3.93
CA THR B 66 47.88 16.85 -3.87
C THR B 66 47.83 15.52 -4.62
N ALA B 67 46.79 14.72 -4.38
CA ALA B 67 46.70 13.40 -5.01
C ALA B 67 46.64 13.52 -6.53
N ALA B 68 45.93 14.53 -7.05
CA ALA B 68 45.95 14.90 -8.47
C ALA B 68 45.55 13.73 -9.37
N GLY B 69 44.62 12.89 -8.90
CA GLY B 69 44.19 11.76 -9.70
C GLY B 69 45.11 10.55 -9.70
N ARG B 70 46.22 10.60 -8.94
CA ARG B 70 47.17 9.48 -8.92
C ARG B 70 46.58 8.29 -8.19
N VAL B 71 45.96 8.51 -7.03
CA VAL B 71 45.20 7.51 -6.30
C VAL B 71 43.84 8.11 -5.98
N PRO B 72 42.80 7.30 -5.80
CA PRO B 72 41.49 7.87 -5.50
C PRO B 72 41.40 8.35 -4.06
N VAL B 73 40.52 9.34 -3.85
CA VAL B 73 40.39 10.04 -2.57
C VAL B 73 38.97 9.81 -2.05
N MET B 74 38.86 9.19 -0.88
CA MET B 74 37.57 8.96 -0.22
C MET B 74 37.48 9.95 0.94
N ALA B 75 36.73 11.04 0.75
CA ALA B 75 36.69 12.11 1.73
C ALA B 75 35.80 11.75 2.92
N GLY B 76 36.29 11.99 4.12
CA GLY B 76 35.47 11.90 5.30
C GLY B 76 34.36 12.93 5.26
N ALA B 77 33.11 12.47 5.34
CA ALA B 77 31.95 13.33 5.45
C ALA B 77 31.09 12.87 6.63
N GLY B 78 31.73 12.41 7.69
CA GLY B 78 31.01 11.89 8.83
C GLY B 78 30.56 13.01 9.75
N SER B 79 29.34 12.86 10.28
CA SER B 79 28.81 13.74 11.32
C SER B 79 27.66 12.99 11.97
N ASN B 80 27.30 13.41 13.19
CA ASN B 80 26.03 12.94 13.77
C ASN B 80 24.86 13.86 13.42
N ASN B 81 25.09 14.81 12.53
CA ASN B 81 24.08 15.79 12.12
C ASN B 81 23.92 15.65 10.61
N THR B 82 22.78 15.12 10.16
CA THR B 82 22.61 14.83 8.74
C THR B 82 22.86 16.06 7.87
N LYS B 83 22.37 17.21 8.29
CA LYS B 83 22.59 18.44 7.53
C LYS B 83 24.09 18.71 7.35
N GLU B 84 24.88 18.56 8.43
CA GLU B 84 26.33 18.76 8.30
C GLU B 84 26.96 17.74 7.36
N SER B 85 26.50 16.49 7.41
CA SER B 85 27.06 15.47 6.52
C SER B 85 26.80 15.84 5.06
N ILE B 86 25.59 16.31 4.75
CA ILE B 86 25.27 16.71 3.39
C ILE B 86 26.21 17.82 2.94
N GLU B 87 26.44 18.82 3.80
CA GLU B 87 27.29 19.94 3.42
C GLU B 87 28.74 19.50 3.18
N LEU B 88 29.29 18.66 4.06
CA LEU B 88 30.65 18.14 3.84
C LEU B 88 30.71 17.28 2.57
N ALA B 89 29.67 16.47 2.34
CA ALA B 89 29.66 15.60 1.17
C ALA B 89 29.62 16.39 -0.13
N GLN B 90 28.80 17.45 -0.17
CA GLN B 90 28.69 18.24 -1.39
C GLN B 90 29.95 19.04 -1.63
N TYR B 91 30.58 19.53 -0.55
CA TYR B 91 31.88 20.18 -0.72
C TYR B 91 32.91 19.21 -1.29
N ALA B 92 32.93 17.97 -0.79
CA ALA B 92 33.92 17.00 -1.29
C ALA B 92 33.68 16.69 -2.76
N GLN B 93 32.42 16.47 -3.13
CA GLN B 93 32.09 16.27 -4.54
C GLN B 93 32.57 17.45 -5.38
N ASN B 94 32.23 18.68 -4.94
CA ASN B 94 32.56 19.86 -5.74
C ASN B 94 34.06 20.09 -5.84
N THR B 95 34.83 19.70 -4.81
CA THR B 95 36.27 19.93 -4.88
C THR B 95 37.02 18.83 -5.63
N GLY B 96 36.36 17.72 -5.96
CA GLY B 96 36.97 16.68 -6.77
C GLY B 96 37.25 15.35 -6.08
N ALA B 97 36.69 15.10 -4.90
CA ALA B 97 36.86 13.80 -4.27
C ALA B 97 36.25 12.70 -5.12
N ASP B 98 36.76 11.47 -4.96
CA ASP B 98 36.28 10.33 -5.73
C ASP B 98 35.16 9.54 -5.02
N ALA B 99 35.11 9.58 -3.70
CA ALA B 99 34.09 8.87 -2.95
C ALA B 99 33.98 9.53 -1.57
N LEU B 100 33.04 9.04 -0.76
CA LEU B 100 32.72 9.60 0.56
C LEU B 100 32.73 8.50 1.61
N LEU B 101 33.30 8.78 2.78
CA LEU B 101 33.23 7.87 3.92
C LEU B 101 32.29 8.48 4.95
N VAL B 102 31.20 7.79 5.29
CA VAL B 102 30.12 8.35 6.13
C VAL B 102 29.92 7.45 7.34
N VAL B 103 30.31 7.93 8.52
CA VAL B 103 30.16 7.13 9.73
C VAL B 103 28.70 7.06 10.17
N VAL B 104 28.32 5.93 10.75
CA VAL B 104 27.07 5.80 11.50
C VAL B 104 27.04 6.91 12.55
N PRO B 105 25.96 7.69 12.67
CA PRO B 105 25.93 8.79 13.65
C PRO B 105 26.32 8.35 15.07
N TYR B 106 27.12 9.18 15.74
CA TYR B 106 27.57 8.94 17.11
C TYR B 106 26.81 9.83 18.09
N TYR B 107 26.81 9.41 19.35
CA TYR B 107 26.29 10.14 20.50
C TYR B 107 24.77 10.21 20.57
N ASN B 108 24.07 10.65 19.50
CA ASN B 108 22.62 10.81 19.58
C ASN B 108 21.84 9.52 19.26
N LYS B 109 22.50 8.44 18.85
CA LYS B 109 21.92 7.10 18.81
C LYS B 109 20.60 6.98 18.05
N PRO B 110 20.59 7.35 16.76
CA PRO B 110 19.39 7.10 15.95
C PRO B 110 19.03 5.62 15.93
N ASN B 111 17.74 5.33 15.69
CA ASN B 111 17.34 3.94 15.50
C ASN B 111 17.49 3.60 14.01
N LYS B 112 17.04 2.39 13.62
CA LYS B 112 17.17 1.96 12.23
C LYS B 112 16.49 2.93 11.27
N LYS B 113 15.28 3.39 11.61
CA LYS B 113 14.64 4.39 10.75
C LYS B 113 15.53 5.61 10.58
N GLY B 114 16.20 6.03 11.65
CA GLY B 114 17.08 7.19 11.55
C GLY B 114 18.29 6.94 10.68
N LEU B 115 18.85 5.72 10.73
CA LEU B 115 19.96 5.36 9.84
C LEU B 115 19.53 5.40 8.38
N LEU B 116 18.37 4.84 8.07
CA LEU B 116 17.85 4.94 6.70
C LEU B 116 17.69 6.41 6.28
N ALA B 117 17.15 7.26 7.16
CA ALA B 117 16.98 8.66 6.79
C ALA B 117 18.31 9.37 6.61
N HIS B 118 19.28 9.07 7.48
CA HIS B 118 20.59 9.72 7.41
C HIS B 118 21.31 9.35 6.11
N PHE B 119 21.49 8.05 5.87
CA PHE B 119 22.25 7.63 4.70
C PHE B 119 21.46 7.88 3.42
N GLY B 120 20.13 7.77 3.46
CA GLY B 120 19.31 8.11 2.31
C GLY B 120 19.40 9.58 1.93
N SER B 121 19.34 10.47 2.92
CA SER B 121 19.43 11.89 2.63
C SER B 121 20.78 12.22 1.99
N ILE B 122 21.86 11.60 2.47
CA ILE B 122 23.16 11.88 1.89
C ILE B 122 23.24 11.33 0.47
N ALA B 123 22.78 10.09 0.28
CA ALA B 123 22.79 9.46 -1.04
C ALA B 123 22.00 10.28 -2.04
N ASN B 124 20.91 10.91 -1.60
CA ASN B 124 20.08 11.76 -2.46
C ASN B 124 20.76 13.09 -2.81
N ALA B 125 21.75 13.52 -2.02
CA ALA B 125 22.28 14.86 -2.22
C ALA B 125 23.59 14.88 -3.02
N VAL B 126 24.15 13.72 -3.35
CA VAL B 126 25.41 13.66 -4.09
C VAL B 126 25.31 12.54 -5.11
N SER B 127 26.22 12.57 -6.08
CA SER B 127 26.34 11.44 -7.00
C SER B 127 27.59 10.60 -6.75
N LEU B 128 28.47 11.01 -5.81
CA LEU B 128 29.66 10.23 -5.48
C LEU B 128 29.26 8.88 -4.87
N PRO B 129 30.11 7.84 -5.01
CA PRO B 129 29.93 6.61 -4.22
C PRO B 129 30.16 6.85 -2.73
N ILE B 130 29.35 6.17 -1.91
CA ILE B 130 29.37 6.33 -0.45
C ILE B 130 29.76 5.01 0.19
N TYR B 131 30.65 5.07 1.16
CA TYR B 131 31.03 3.90 1.95
C TYR B 131 30.51 4.09 3.37
N ILE B 132 29.77 3.10 3.86
CA ILE B 132 29.26 3.12 5.24
C ILE B 132 30.42 2.81 6.18
N TYR B 133 30.64 3.65 7.19
CA TYR B 133 31.67 3.39 8.21
C TYR B 133 30.95 2.90 9.48
N ASN B 134 31.05 1.59 9.74
CA ASN B 134 30.42 0.94 10.90
C ASN B 134 31.47 0.76 11.98
N ASN B 135 31.32 1.46 13.10
CA ASN B 135 32.33 1.44 14.18
C ASN B 135 31.64 1.59 15.54
N PRO B 136 30.93 0.55 16.00
CA PRO B 136 30.20 0.68 17.27
C PRO B 136 31.10 0.91 18.46
N SER B 137 32.39 0.57 18.38
CA SER B 137 33.27 0.90 19.51
C SER B 137 33.37 2.41 19.74
N ARG B 138 33.02 3.23 18.74
CA ARG B 138 32.93 4.67 18.89
C ARG B 138 31.51 5.23 18.84
N THR B 139 30.59 4.58 18.12
CA THR B 139 29.25 5.14 17.96
C THR B 139 28.20 4.53 18.89
N VAL B 140 28.55 3.45 19.61
CA VAL B 140 27.65 2.59 20.42
C VAL B 140 26.72 1.78 19.53
N ILE B 141 25.84 2.45 18.77
CA ILE B 141 24.95 1.70 17.88
C ILE B 141 25.76 1.07 16.75
N GLU B 142 25.25 -0.06 16.23
CA GLU B 142 25.85 -0.79 15.11
C GLU B 142 24.82 -0.88 13.98
N MET B 143 25.18 -0.52 12.75
CA MET B 143 24.27 -0.81 11.65
C MET B 143 24.21 -2.31 11.42
N ASP B 144 23.00 -2.88 11.39
CA ASP B 144 22.90 -4.32 11.20
C ASP B 144 22.88 -4.65 9.70
N VAL B 145 23.00 -5.95 9.40
CA VAL B 145 23.21 -6.37 8.01
C VAL B 145 21.96 -6.14 7.17
N ASP B 146 20.76 -6.28 7.75
CA ASP B 146 19.53 -6.02 6.99
C ASP B 146 19.45 -4.55 6.58
N THR B 147 19.80 -3.65 7.50
CA THR B 147 19.81 -2.22 7.18
C THR B 147 20.82 -1.91 6.09
N MET B 148 22.03 -2.47 6.22
CA MET B 148 23.07 -2.20 5.24
C MET B 148 22.64 -2.70 3.87
N ALA B 149 22.08 -3.91 3.82
CA ALA B 149 21.61 -4.47 2.56
C ALA B 149 20.46 -3.66 1.96
N GLU B 150 19.55 -3.17 2.81
CA GLU B 150 18.44 -2.35 2.31
C GLU B 150 18.97 -1.06 1.69
N LEU B 151 19.95 -0.41 2.34
CA LEU B 151 20.55 0.80 1.77
C LEU B 151 21.22 0.51 0.44
N VAL B 152 21.94 -0.62 0.34
CA VAL B 152 22.61 -0.99 -0.92
C VAL B 152 21.59 -1.25 -2.02
N LYS B 153 20.53 -1.98 -1.70
CA LYS B 153 19.48 -2.26 -2.69
C LYS B 153 18.79 -0.96 -3.14
N THR B 154 18.62 -0.01 -2.22
CA THR B 154 17.79 1.18 -2.49
C THR B 154 18.57 2.25 -3.27
N TYR B 155 19.85 2.44 -2.95
CA TYR B 155 20.63 3.55 -3.47
C TYR B 155 21.85 3.00 -4.19
N SER B 156 21.94 3.28 -5.49
CA SER B 156 23.01 2.73 -6.31
C SER B 156 24.36 3.33 -5.96
N ASN B 157 24.41 4.49 -5.29
CA ASN B 157 25.67 5.10 -4.91
C ASN B 157 26.08 4.80 -3.46
N ILE B 158 25.41 3.85 -2.80
CA ILE B 158 25.94 3.28 -1.55
C ILE B 158 26.61 1.98 -1.95
N VAL B 159 27.95 1.97 -1.97
CA VAL B 159 28.70 0.96 -2.70
C VAL B 159 29.52 0.05 -1.80
N GLY B 160 29.76 0.40 -0.55
CA GLY B 160 30.70 -0.36 0.24
C GLY B 160 30.62 0.01 1.71
N VAL B 161 31.51 -0.64 2.48
CA VAL B 161 31.57 -0.44 3.92
C VAL B 161 33.04 -0.39 4.35
N LYS B 162 33.34 0.46 5.33
CA LYS B 162 34.52 0.35 6.17
C LYS B 162 34.03 -0.32 7.45
N ASP B 163 34.42 -1.58 7.65
CA ASP B 163 33.86 -2.40 8.73
C ASP B 163 34.89 -2.48 9.85
N ALA B 164 34.71 -1.66 10.88
CA ALA B 164 35.66 -1.57 11.98
C ALA B 164 35.28 -2.44 13.18
N THR B 165 34.30 -3.34 13.02
CA THR B 165 33.86 -4.16 14.16
C THR B 165 34.96 -5.12 14.62
N GLY B 166 35.82 -5.58 13.71
CA GLY B 166 36.77 -6.64 14.00
C GLY B 166 36.15 -8.01 14.19
N ARG B 167 34.85 -8.16 13.91
CA ARG B 167 34.14 -9.43 14.00
C ARG B 167 33.93 -9.96 12.58
N ILE B 168 34.81 -10.88 12.18
CA ILE B 168 34.99 -11.21 10.77
C ILE B 168 33.76 -11.91 10.20
N GLU B 169 32.98 -12.60 11.06
CA GLU B 169 31.74 -13.23 10.58
C GLU B 169 30.81 -12.22 9.92
N LEU B 170 30.85 -10.95 10.33
CA LEU B 170 30.04 -9.94 9.67
C LEU B 170 30.42 -9.76 8.20
N ALA B 171 31.70 -9.97 7.85
CA ALA B 171 32.08 -9.83 6.45
C ALA B 171 31.38 -10.85 5.57
N SER B 172 31.21 -12.08 6.09
CA SER B 172 30.48 -13.10 5.35
C SER B 172 29.00 -12.73 5.24
N GLY B 173 28.41 -12.25 6.34
CA GLY B 173 27.00 -11.87 6.31
C GLY B 173 26.75 -10.74 5.34
N GLN B 174 27.65 -9.75 5.33
CA GLN B 174 27.53 -8.61 4.44
C GLN B 174 27.75 -9.03 2.99
N ARG B 175 28.66 -9.99 2.76
CA ARG B 175 28.91 -10.47 1.42
C ARG B 175 27.69 -11.18 0.85
N ILE B 176 27.02 -11.99 1.68
CA ILE B 176 25.85 -12.73 1.23
C ILE B 176 24.65 -11.79 1.08
N ALA B 177 24.46 -10.86 2.02
CA ALA B 177 23.25 -10.03 1.99
C ALA B 177 23.34 -8.91 0.96
N CYS B 178 24.53 -8.31 0.81
CA CYS B 178 24.74 -7.17 -0.06
C CYS B 178 25.29 -7.54 -1.42
N GLY B 179 25.76 -8.77 -1.60
CA GLY B 179 26.32 -9.23 -2.86
C GLY B 179 27.84 -9.10 -2.90
N SER B 180 28.46 -9.88 -3.79
CA SER B 180 29.92 -9.85 -3.89
C SER B 180 30.44 -8.60 -4.62
N ASP B 181 29.57 -7.84 -5.29
CA ASP B 181 29.91 -6.52 -5.86
C ASP B 181 30.03 -5.43 -4.79
N PHE B 182 29.48 -5.68 -3.60
CA PHE B 182 29.61 -4.75 -2.48
C PHE B 182 31.06 -4.68 -2.02
N ILE B 183 31.63 -3.47 -1.92
CA ILE B 183 33.06 -3.29 -1.68
C ILE B 183 33.28 -3.25 -0.17
N GLN B 184 33.92 -4.27 0.38
CA GLN B 184 34.16 -4.33 1.82
C GLN B 184 35.62 -4.03 2.11
N LEU B 185 35.85 -3.10 3.02
CA LEU B 185 37.19 -2.69 3.43
C LEU B 185 37.30 -2.84 4.94
N SER B 186 38.38 -3.48 5.41
CA SER B 186 38.55 -3.61 6.85
C SER B 186 38.77 -2.24 7.49
N GLY B 187 38.16 -2.03 8.65
CA GLY B 187 38.47 -0.84 9.44
C GLY B 187 39.22 -1.21 10.70
N ASP B 188 39.82 -2.41 10.71
CA ASP B 188 40.49 -2.93 11.90
C ASP B 188 41.80 -3.61 11.45
N ASP B 189 42.92 -2.90 11.62
CA ASP B 189 44.22 -3.34 11.10
C ASP B 189 44.55 -4.77 11.53
N SER B 190 44.26 -5.10 12.79
CA SER B 190 44.71 -6.36 13.37
C SER B 190 43.97 -7.57 12.80
N SER B 191 42.80 -7.37 12.20
CA SER B 191 42.05 -8.48 11.63
C SER B 191 41.83 -8.32 10.12
N ALA B 192 42.53 -7.36 9.50
CA ALA B 192 42.41 -7.13 8.07
C ALA B 192 42.71 -8.38 7.24
N LEU B 193 43.67 -9.18 7.69
CA LEU B 193 44.03 -10.40 6.95
C LEU B 193 42.84 -11.34 6.82
N GLY B 194 42.22 -11.71 7.95
CA GLY B 194 41.06 -12.58 7.92
C GLY B 194 39.87 -11.96 7.23
N PHE B 195 39.72 -10.64 7.36
CA PHE B 195 38.61 -9.92 6.73
C PHE B 195 38.66 -10.09 5.21
N ASN B 196 39.86 -10.05 4.63
CA ASN B 196 39.95 -10.17 3.17
C ASN B 196 39.66 -11.59 2.72
N VAL B 197 40.12 -12.60 3.46
CA VAL B 197 39.82 -13.96 3.01
C VAL B 197 38.32 -14.25 3.12
N HIS B 198 37.59 -13.53 3.98
CA HIS B 198 36.14 -13.63 4.03
C HIS B 198 35.45 -12.79 2.95
N GLY B 199 36.19 -12.03 2.15
CA GLY B 199 35.56 -11.27 1.07
C GLY B 199 35.94 -9.81 0.95
N GLY B 200 36.66 -9.25 1.93
CA GLY B 200 37.15 -7.89 1.81
C GLY B 200 38.19 -7.73 0.70
N VAL B 201 38.42 -6.48 0.27
CA VAL B 201 39.40 -6.23 -0.79
C VAL B 201 40.43 -5.16 -0.38
N GLY B 202 40.44 -4.77 0.89
CA GLY B 202 41.44 -3.82 1.32
C GLY B 202 41.22 -3.39 2.75
N CYS B 203 42.01 -2.41 3.19
CA CYS B 203 41.91 -1.94 4.57
C CYS B 203 42.09 -0.43 4.58
N ILE B 204 41.15 0.27 5.21
CA ILE B 204 41.35 1.67 5.57
C ILE B 204 42.04 1.65 6.93
N SER B 205 43.32 2.01 6.94
CA SER B 205 44.29 1.59 7.94
C SER B 205 44.84 2.75 8.76
N VAL B 206 44.94 2.55 10.06
CA VAL B 206 45.70 3.46 10.91
C VAL B 206 47.20 3.23 10.73
N THR B 207 47.62 1.96 10.76
CA THR B 207 49.04 1.63 10.75
C THR B 207 49.72 2.06 9.44
N ALA B 208 48.98 2.09 8.34
CA ALA B 208 49.54 2.52 7.06
C ALA B 208 50.14 3.93 7.13
N ASN B 209 49.65 4.78 8.04
CA ASN B 209 50.26 6.11 8.21
C ASN B 209 51.73 5.99 8.54
N VAL B 210 52.08 4.98 9.33
CA VAL B 210 53.41 4.82 9.90
C VAL B 210 54.28 3.92 9.05
N ALA B 211 53.71 2.86 8.50
CA ALA B 211 54.47 1.86 7.74
C ALA B 211 53.80 1.58 6.40
N PRO B 212 53.70 2.58 5.52
CA PRO B 212 52.93 2.39 4.28
C PRO B 212 53.46 1.31 3.37
N ARG B 213 54.79 1.18 3.25
CA ARG B 213 55.35 0.21 2.30
C ARG B 213 55.00 -1.22 2.72
N ILE B 214 55.24 -1.54 3.99
CA ILE B 214 55.01 -2.91 4.46
C ILE B 214 53.51 -3.25 4.46
N CYS B 215 52.65 -2.29 4.87
CA CYS B 215 51.21 -2.48 4.73
C CYS B 215 50.80 -2.72 3.28
N ALA B 216 51.42 -2.02 2.35
CA ALA B 216 51.10 -2.22 0.95
C ALA B 216 51.58 -3.59 0.47
N GLU B 217 52.77 -4.00 0.89
CA GLU B 217 53.27 -5.33 0.54
C GLU B 217 52.38 -6.40 1.15
N PHE B 218 51.93 -6.19 2.39
CA PHE B 218 50.98 -7.09 3.04
C PHE B 218 49.70 -7.23 2.20
N GLN B 219 49.08 -6.12 1.82
CA GLN B 219 47.86 -6.21 1.02
C GLN B 219 48.12 -6.76 -0.38
N LYS B 220 49.30 -6.49 -0.95
CA LYS B 220 49.63 -7.04 -2.26
C LYS B 220 49.67 -8.57 -2.21
N ALA B 221 50.33 -9.14 -1.18
CA ALA B 221 50.41 -10.59 -1.05
C ALA B 221 49.01 -11.23 -0.95
N ILE B 222 48.10 -10.63 -0.18
CA ILE B 222 46.73 -11.13 -0.11
C ILE B 222 46.06 -11.07 -1.48
N SER B 223 46.17 -9.92 -2.16
CA SER B 223 45.60 -9.78 -3.51
C SER B 223 46.12 -10.87 -4.44
N GLU B 224 47.37 -11.27 -4.29
CA GLU B 224 47.93 -12.31 -5.15
C GLU B 224 47.65 -13.72 -4.62
N GLY B 225 46.91 -13.85 -3.52
CA GLY B 225 46.65 -15.16 -2.95
C GLY B 225 47.83 -15.83 -2.29
N ASP B 226 48.89 -15.09 -2.01
CA ASP B 226 50.05 -15.64 -1.31
C ASP B 226 49.83 -15.48 0.20
N TYR B 227 48.88 -16.29 0.71
CA TYR B 227 48.47 -16.11 2.09
C TYR B 227 49.52 -16.58 3.08
N ARG B 228 50.44 -17.45 2.64
CA ARG B 228 51.60 -17.78 3.48
C ARG B 228 52.47 -16.56 3.71
N GLN B 229 52.79 -15.81 2.64
CA GLN B 229 53.57 -14.58 2.81
C GLN B 229 52.79 -13.53 3.60
N ALA B 230 51.46 -13.46 3.41
CA ALA B 230 50.66 -12.49 4.13
C ALA B 230 50.70 -12.75 5.63
N LEU B 231 50.71 -14.03 6.04
CA LEU B 231 50.83 -14.35 7.46
C LEU B 231 52.18 -13.89 8.02
N GLU B 232 53.25 -14.06 7.24
CA GLU B 232 54.56 -13.55 7.65
C GLU B 232 54.52 -12.05 7.87
N TYR B 233 53.86 -11.31 6.97
CA TYR B 233 53.70 -9.87 7.19
C TYR B 233 52.84 -9.60 8.41
N GLN B 234 51.75 -10.36 8.56
CA GLN B 234 50.89 -10.20 9.74
C GLN B 234 51.72 -10.26 11.01
N ASP B 235 52.61 -11.27 11.10
CA ASP B 235 53.39 -11.46 12.32
C ASP B 235 54.36 -10.29 12.55
N LYS B 236 54.88 -9.67 11.48
CA LYS B 236 55.76 -8.52 11.65
C LYS B 236 54.98 -7.27 12.03
N LEU B 237 53.78 -7.08 11.46
CA LEU B 237 52.99 -5.86 11.68
C LEU B 237 52.16 -5.89 12.95
N PHE B 238 51.71 -7.07 13.39
CA PHE B 238 50.79 -7.14 14.52
C PHE B 238 51.27 -6.41 15.77
N PRO B 239 52.54 -6.51 16.21
CA PRO B 239 52.93 -5.76 17.40
C PRO B 239 52.78 -4.25 17.22
N LEU B 240 53.03 -3.74 16.01
CA LEU B 240 52.83 -2.30 15.78
C LEU B 240 51.34 -1.94 15.71
N HIS B 241 50.52 -2.76 15.04
CA HIS B 241 49.07 -2.56 15.09
C HIS B 241 48.62 -2.39 16.53
N GLN B 242 49.10 -3.26 17.42
CA GLN B 242 48.62 -3.25 18.80
C GLN B 242 49.23 -2.10 19.60
N ALA B 243 50.51 -1.78 19.35
CA ALA B 243 51.16 -0.73 20.13
C ALA B 243 50.57 0.65 19.85
N LEU B 244 49.99 0.83 18.66
CA LEU B 244 49.45 2.13 18.25
C LEU B 244 48.08 2.42 18.84
N PHE B 245 47.45 1.48 19.57
CA PHE B 245 46.23 1.87 20.28
C PHE B 245 46.25 1.51 21.77
N ILE B 246 47.43 1.31 22.35
CA ILE B 246 47.51 1.31 23.82
C ILE B 246 46.91 2.60 24.36
N GLU B 247 47.34 3.71 23.80
CA GLU B 247 46.75 5.02 24.03
C GLU B 247 46.09 5.46 22.72
N PRO B 248 45.36 6.58 22.71
CA PRO B 248 44.65 6.96 21.48
C PRO B 248 45.57 6.98 20.27
N SER B 249 45.06 6.48 19.14
CA SER B 249 45.90 6.25 17.98
C SER B 249 46.43 7.54 17.38
N ILE B 250 45.66 8.63 17.46
CA ILE B 250 46.07 9.93 16.93
C ILE B 250 47.46 10.28 17.42
N SER B 251 47.61 10.38 18.74
CA SER B 251 48.89 10.78 19.29
C SER B 251 49.95 9.70 19.08
N SER B 252 49.54 8.42 19.11
CA SER B 252 50.50 7.33 18.96
C SER B 252 51.12 7.33 17.57
N VAL B 253 50.29 7.56 16.55
CA VAL B 253 50.77 7.60 15.16
C VAL B 253 51.72 8.78 14.96
N LYS B 254 51.33 9.96 15.45
CA LYS B 254 52.20 11.12 15.27
C LYS B 254 53.53 10.94 16.01
N TYR B 255 53.49 10.28 17.18
CA TYR B 255 54.73 9.98 17.89
C TYR B 255 55.60 9.03 17.07
N ALA B 256 54.99 7.97 16.51
CA ALA B 256 55.74 7.03 15.68
C ALA B 256 56.34 7.72 14.46
N LEU B 257 55.59 8.63 13.85
CA LEU B 257 56.10 9.34 12.68
C LEU B 257 57.30 10.21 13.04
N SER B 258 57.25 10.93 14.17
CA SER B 258 58.42 11.69 14.59
C SER B 258 59.59 10.76 14.88
N ARG B 259 59.32 9.62 15.51
CA ARG B 259 60.37 8.63 15.79
C ARG B 259 61.04 8.13 14.52
N LEU B 260 60.29 8.08 13.41
CA LEU B 260 60.85 7.71 12.11
C LEU B 260 61.61 8.85 11.45
N GLY B 261 61.53 10.06 12.00
CA GLY B 261 62.17 11.21 11.42
C GLY B 261 61.37 11.94 10.37
N ARG B 262 60.07 11.66 10.25
CA ARG B 262 59.23 12.42 9.34
C ARG B 262 58.97 13.82 9.93
N ASN B 263 58.56 14.74 9.06
CA ASN B 263 58.30 16.13 9.49
C ASN B 263 56.84 16.27 9.91
N VAL B 264 56.53 15.65 11.04
CA VAL B 264 55.21 15.69 11.63
C VAL B 264 55.37 16.07 13.10
N SER B 265 54.73 17.17 13.51
CA SER B 265 54.80 17.54 14.91
C SER B 265 53.89 16.65 15.75
N LEU B 266 54.12 16.67 17.05
CA LEU B 266 53.34 15.86 17.98
C LEU B 266 51.99 16.49 18.33
N VAL B 267 51.73 17.72 17.87
CA VAL B 267 50.56 18.47 18.33
C VAL B 267 49.28 17.77 17.92
N VAL B 268 48.38 17.58 18.89
CA VAL B 268 47.01 17.11 18.68
C VAL B 268 46.09 18.11 19.37
N ARG B 269 44.78 17.98 19.12
CA ARG B 269 43.82 18.94 19.64
C ARG B 269 42.99 18.35 20.77
N ALA B 270 42.86 19.11 21.86
CA ALA B 270 42.07 18.70 23.01
C ALA B 270 40.65 18.35 22.58
N PRO B 271 40.05 17.27 23.14
CA PRO B 271 40.45 16.45 24.28
C PRO B 271 41.58 15.41 24.06
N MET B 272 42.11 15.26 22.85
CA MET B 272 43.32 14.44 22.70
C MET B 272 44.51 15.16 23.34
N VAL B 273 45.49 14.38 23.79
CA VAL B 273 46.74 14.93 24.32
C VAL B 273 47.89 14.20 23.68
N SER B 274 49.01 14.90 23.53
CA SER B 274 50.18 14.33 22.86
C SER B 274 51.07 13.55 23.81
N ILE B 275 51.06 13.86 25.10
CA ILE B 275 51.90 13.15 26.07
C ILE B 275 51.48 11.68 26.15
N LEU B 276 52.44 10.78 25.92
CA LEU B 276 52.27 9.35 26.07
C LEU B 276 53.09 8.84 27.25
N GLU B 277 52.56 7.84 27.95
CA GLU B 277 53.31 7.17 29.01
C GLU B 277 54.59 6.56 28.46
N LYS B 278 55.60 6.46 29.33
CA LYS B 278 56.90 5.97 28.92
C LYS B 278 56.79 4.54 28.37
N GLU B 279 55.92 3.72 28.99
CA GLU B 279 55.77 2.34 28.54
C GLU B 279 55.10 2.26 27.17
N THR B 280 54.17 3.17 26.89
CA THR B 280 53.55 3.25 25.56
C THR B 280 54.59 3.58 24.50
N MET B 281 55.38 4.62 24.74
CA MET B 281 56.40 5.02 23.77
C MET B 281 57.39 3.90 23.51
N PHE B 282 57.77 3.16 24.56
CA PHE B 282 58.73 2.07 24.35
C PHE B 282 58.10 0.91 23.59
N ALA B 283 56.82 0.61 23.85
CA ALA B 283 56.13 -0.40 23.05
C ALA B 283 56.11 -0.01 21.58
N ILE B 284 55.89 1.27 21.29
CA ILE B 284 55.89 1.70 19.90
C ILE B 284 57.29 1.59 19.29
N ASP B 285 58.33 2.05 20.02
CA ASP B 285 59.72 1.95 19.52
C ASP B 285 60.12 0.52 19.21
N GLN B 286 59.75 -0.41 20.11
CA GLN B 286 60.15 -1.81 19.92
C GLN B 286 59.45 -2.41 18.70
N ALA B 287 58.15 -2.15 18.52
CA ALA B 287 57.44 -2.63 17.35
C ALA B 287 58.01 -2.05 16.06
N LEU B 288 58.41 -0.77 16.09
CA LEU B 288 59.07 -0.18 14.93
C LEU B 288 60.43 -0.81 14.67
N ASP B 289 61.20 -1.04 15.73
CA ASP B 289 62.47 -1.76 15.59
C ASP B 289 62.25 -3.13 14.98
N HIS B 290 61.15 -3.79 15.37
CA HIS B 290 60.88 -5.14 14.91
C HIS B 290 60.62 -5.19 13.41
N ILE B 291 60.13 -4.09 12.82
CA ILE B 291 60.02 -4.02 11.37
C ILE B 291 61.23 -3.28 10.82
N GLY B 292 62.34 -3.32 11.55
CA GLY B 292 63.59 -2.75 11.09
C GLY B 292 63.56 -1.27 10.75
N LEU B 293 62.35 -0.74 10.55
CA LEU B 293 62.09 0.61 10.03
C LEU B 293 62.73 1.70 10.86
N CYS B 294 63.31 1.34 12.00
CA CYS B 294 64.19 2.25 12.70
C CYS B 294 65.59 1.64 12.79
N ALA B 295 65.80 0.77 13.79
CA ALA B 295 67.13 0.47 14.28
C ALA B 295 68.01 -0.13 13.19
N GLY B 296 67.59 -1.26 12.61
CA GLY B 296 68.39 -1.99 11.63
C GLY B 296 68.88 -1.19 10.44
N MET C 1 -33.74 22.66 1.75
CA MET C 1 -34.28 22.12 3.00
C MET C 1 -33.19 21.34 3.73
N PHE C 2 -32.56 20.41 3.02
CA PHE C 2 -31.44 19.63 3.56
C PHE C 2 -30.14 20.12 2.94
N GLN C 3 -29.20 20.54 3.79
CA GLN C 3 -27.89 20.99 3.34
C GLN C 3 -26.89 20.80 4.48
N ARG C 4 -25.62 21.00 4.15
CA ARG C 4 -24.49 20.99 5.11
C ARG C 4 -24.42 19.61 5.79
N SER C 5 -24.18 19.54 7.10
CA SER C 5 -23.80 18.28 7.74
C SER C 5 -25.04 17.66 8.38
N ILE C 6 -25.40 16.46 7.92
CA ILE C 6 -26.61 15.74 8.36
C ILE C 6 -26.20 14.36 8.87
N PRO C 7 -26.21 14.11 10.18
CA PRO C 7 -25.77 12.80 10.69
C PRO C 7 -26.75 11.69 10.31
N ALA C 8 -26.20 10.57 9.85
CA ALA C 8 -26.94 9.31 9.76
C ALA C 8 -26.91 8.72 11.16
N LEU C 9 -27.99 8.93 11.92
CA LEU C 9 -27.96 8.71 13.37
C LEU C 9 -27.80 7.23 13.69
N ILE C 10 -26.86 6.93 14.60
CA ILE C 10 -26.84 5.62 15.22
C ILE C 10 -28.12 5.42 16.01
N THR C 11 -28.45 4.16 16.26
CA THR C 11 -29.55 3.82 17.17
C THR C 11 -28.93 3.17 18.39
N PRO C 12 -28.90 3.83 19.55
CA PRO C 12 -28.25 3.22 20.72
C PRO C 12 -29.18 2.22 21.39
N PHE C 13 -28.58 1.14 21.90
CA PHE C 13 -29.31 0.09 22.58
C PHE C 13 -28.88 0.02 24.05
N THR C 14 -29.81 -0.39 24.92
CA THR C 14 -29.47 -0.64 26.31
C THR C 14 -28.71 -1.96 26.44
N LYS C 15 -28.21 -2.23 27.66
CA LYS C 15 -27.54 -3.50 27.93
C LYS C 15 -28.49 -4.68 27.71
N ASP C 16 -29.79 -4.45 27.85
CA ASP C 16 -30.79 -5.49 27.65
C ASP C 16 -31.36 -5.53 26.22
N ASN C 17 -30.68 -4.88 25.27
CA ASN C 17 -31.04 -4.91 23.85
C ASN C 17 -32.41 -4.27 23.57
N LEU C 18 -32.78 -3.25 24.34
CA LEU C 18 -33.88 -2.39 23.95
C LEU C 18 -33.33 -1.08 23.39
N ILE C 19 -34.22 -0.31 22.77
CA ILE C 19 -33.82 1.01 22.29
C ILE C 19 -33.55 1.89 23.51
N ASP C 20 -32.35 2.46 23.58
CA ASP C 20 -31.97 3.36 24.67
C ASP C 20 -32.49 4.75 24.31
N GLU C 21 -33.77 4.98 24.66
CA GLU C 21 -34.44 6.19 24.20
C GLU C 21 -33.82 7.44 24.80
N ASP C 22 -33.45 7.40 26.09
CA ASP C 22 -32.76 8.52 26.72
C ASP C 22 -31.47 8.86 25.98
N SER C 23 -30.67 7.83 25.67
CA SER C 23 -29.44 8.02 24.91
C SER C 23 -29.72 8.62 23.52
N PHE C 24 -30.75 8.12 22.83
CA PHE C 24 -31.08 8.62 21.50
C PHE C 24 -31.43 10.11 21.56
N VAL C 25 -32.30 10.49 22.49
CA VAL C 25 -32.72 11.89 22.63
C VAL C 25 -31.52 12.78 22.94
N ASP C 26 -30.66 12.33 23.87
CA ASP C 26 -29.49 13.13 24.25
C ASP C 26 -28.56 13.30 23.06
N HIS C 27 -28.42 12.26 22.25
CA HIS C 27 -27.55 12.33 21.07
C HIS C 27 -28.09 13.35 20.05
N ILE C 28 -29.40 13.34 19.81
CA ILE C 28 -30.00 14.30 18.88
C ILE C 28 -29.82 15.73 19.40
N GLU C 29 -30.13 15.96 20.68
CA GLU C 29 -29.94 17.29 21.26
C GLU C 29 -28.50 17.75 21.08
N TRP C 30 -27.55 16.88 21.40
CA TRP C 30 -26.14 17.22 21.22
C TRP C 30 -25.83 17.52 19.77
N GLN C 31 -26.35 16.70 18.84
CA GLN C 31 -26.14 16.94 17.42
C GLN C 31 -26.63 18.32 17.01
N ILE C 32 -27.83 18.69 17.46
CA ILE C 32 -28.38 20.01 17.15
C ILE C 32 -27.56 21.10 17.83
N SER C 33 -27.27 20.93 19.12
CA SER C 33 -26.40 21.87 19.83
C SER C 33 -25.10 22.15 19.07
N GLU C 34 -24.48 21.10 18.52
CA GLU C 34 -23.16 21.19 17.92
C GLU C 34 -23.15 21.70 16.48
N GLY C 35 -24.32 21.88 15.85
CA GLY C 35 -24.39 22.49 14.54
C GLY C 35 -24.88 21.63 13.38
N SER C 36 -25.36 20.42 13.65
CA SER C 36 -25.90 19.60 12.56
C SER C 36 -27.15 20.26 12.01
N SER C 37 -27.35 20.17 10.69
CA SER C 37 -28.41 20.91 10.01
C SER C 37 -29.65 20.08 9.71
N GLY C 38 -29.60 18.78 9.97
CA GLY C 38 -30.69 17.86 9.65
C GLY C 38 -30.37 16.54 10.30
N LEU C 39 -31.33 15.61 10.22
CA LEU C 39 -31.18 14.32 10.89
C LEU C 39 -31.76 13.21 10.04
N VAL C 40 -31.07 12.07 9.99
CA VAL C 40 -31.58 10.87 9.34
C VAL C 40 -31.65 9.76 10.39
N PRO C 41 -32.84 9.50 10.94
CA PRO C 41 -33.01 8.36 11.83
C PRO C 41 -33.36 7.09 11.08
N ALA C 42 -32.89 5.95 11.63
CA ALA C 42 -33.26 4.62 11.14
C ALA C 42 -32.81 4.41 9.70
N GLY C 43 -31.65 4.95 9.35
CA GLY C 43 -30.95 4.59 8.13
C GLY C 43 -30.04 3.41 8.39
N THR C 44 -29.04 3.25 7.51
CA THR C 44 -28.15 2.11 7.65
C THR C 44 -27.22 2.25 8.85
N THR C 45 -26.66 3.45 9.07
CA THR C 45 -25.89 3.68 10.29
C THR C 45 -26.76 3.55 11.53
N GLY C 46 -28.08 3.68 11.38
CA GLY C 46 -29.05 3.45 12.43
C GLY C 46 -29.44 2.01 12.66
N GLU C 47 -28.77 1.07 11.99
CA GLU C 47 -29.04 -0.36 12.15
C GLU C 47 -30.48 -0.72 11.80
N SER C 48 -31.02 -0.07 10.76
CA SER C 48 -32.41 -0.33 10.38
C SER C 48 -32.63 -1.79 10.01
N SER C 49 -31.58 -2.46 9.51
CA SER C 49 -31.68 -3.88 9.16
C SER C 49 -32.08 -4.76 10.35
N THR C 50 -31.65 -4.41 11.56
CA THR C 50 -31.94 -5.26 12.72
C THR C 50 -32.98 -4.65 13.66
N LEU C 51 -33.67 -3.60 13.25
CA LEU C 51 -34.82 -3.09 13.97
C LEU C 51 -36.07 -3.79 13.48
N SER C 52 -37.00 -4.08 14.40
CA SER C 52 -38.34 -4.48 14.00
C SER C 52 -39.07 -3.28 13.38
N TYR C 53 -40.24 -3.58 12.79
CA TYR C 53 -41.05 -2.50 12.21
C TYR C 53 -41.48 -1.51 13.28
N GLU C 54 -41.92 -2.01 14.44
CA GLU C 54 -42.30 -1.12 15.54
C GLU C 54 -41.11 -0.30 16.04
N GLU C 55 -39.94 -0.93 16.19
CA GLU C 55 -38.74 -0.21 16.63
C GLU C 55 -38.32 0.84 15.61
N HIS C 56 -38.36 0.49 14.32
CA HIS C 56 -38.04 1.46 13.27
C HIS C 56 -38.95 2.68 13.36
N CYS C 57 -40.26 2.44 13.50
CA CYS C 57 -41.23 3.52 13.62
C CYS C 57 -40.96 4.37 14.87
N ARG C 58 -40.74 3.71 16.00
CA ARG C 58 -40.43 4.42 17.25
C ARG C 58 -39.21 5.32 17.08
N VAL C 59 -38.14 4.80 16.44
CA VAL C 59 -36.93 5.62 16.24
C VAL C 59 -37.26 6.88 15.44
N VAL C 60 -38.02 6.71 14.35
CA VAL C 60 -38.45 7.86 13.55
C VAL C 60 -39.27 8.82 14.41
N GLU C 61 -40.23 8.27 15.16
CA GLU C 61 -41.14 9.12 15.94
C GLU C 61 -40.39 9.94 16.96
N LEU C 62 -39.45 9.31 17.68
CA LEU C 62 -38.71 10.03 18.72
C LEU C 62 -37.80 11.09 18.12
N CYS C 63 -37.20 10.80 16.97
CA CYS C 63 -36.39 11.79 16.27
C CYS C 63 -37.22 13.02 15.88
N VAL C 64 -38.39 12.79 15.27
CA VAL C 64 -39.26 13.90 14.89
C VAL C 64 -39.66 14.71 16.11
N LYS C 65 -39.97 14.01 17.22
CA LYS C 65 -40.42 14.69 18.43
C LYS C 65 -39.30 15.50 19.06
N THR C 66 -38.11 14.88 19.21
CA THR C 66 -36.99 15.59 19.83
C THR C 66 -36.55 16.77 18.98
N ALA C 67 -36.50 16.61 17.66
CA ALA C 67 -36.12 17.72 16.80
C ALA C 67 -37.07 18.89 16.95
N ALA C 68 -38.37 18.59 17.07
CA ALA C 68 -39.39 19.60 17.35
C ALA C 68 -39.30 20.79 16.39
N GLY C 69 -39.07 20.49 15.12
CA GLY C 69 -39.07 21.50 14.08
C GLY C 69 -37.80 22.32 13.98
N ARG C 70 -36.83 22.12 14.87
CA ARG C 70 -35.62 22.94 14.85
C ARG C 70 -34.77 22.66 13.62
N VAL C 71 -34.66 21.38 13.23
CA VAL C 71 -33.92 20.96 12.04
C VAL C 71 -34.81 19.96 11.31
N PRO C 72 -34.69 19.81 9.99
CA PRO C 72 -35.55 18.85 9.29
C PRO C 72 -35.12 17.41 9.51
N VAL C 73 -36.11 16.51 9.46
CA VAL C 73 -35.93 15.10 9.74
C VAL C 73 -36.22 14.33 8.45
N MET C 74 -35.23 13.55 7.97
CA MET C 74 -35.39 12.73 6.78
C MET C 74 -35.42 11.28 7.23
N ALA C 75 -36.61 10.71 7.34
CA ALA C 75 -36.74 9.38 7.90
C ALA C 75 -36.26 8.32 6.91
N GLY C 76 -35.44 7.39 7.41
CA GLY C 76 -35.15 6.16 6.68
C GLY C 76 -36.41 5.36 6.43
N ALA C 77 -36.69 5.10 5.15
CA ALA C 77 -37.84 4.30 4.70
C ALA C 77 -37.38 3.23 3.71
N GLY C 78 -36.17 2.71 3.93
CA GLY C 78 -35.56 1.81 2.97
C GLY C 78 -35.95 0.37 3.21
N SER C 79 -36.15 -0.34 2.11
CA SER C 79 -36.40 -1.78 2.13
C SER C 79 -36.12 -2.33 0.75
N ASN C 80 -35.85 -3.63 0.69
CA ASN C 80 -35.85 -4.35 -0.58
C ASN C 80 -37.24 -4.89 -0.92
N ASN C 81 -38.26 -4.48 -0.17
CA ASN C 81 -39.64 -4.93 -0.36
C ASN C 81 -40.52 -3.69 -0.48
N THR C 82 -41.06 -3.45 -1.68
CA THR C 82 -41.80 -2.21 -1.94
C THR C 82 -42.95 -2.01 -0.94
N LYS C 83 -43.68 -3.07 -0.61
CA LYS C 83 -44.79 -2.93 0.34
C LYS C 83 -44.30 -2.45 1.71
N GLU C 84 -43.18 -3.01 2.20
CA GLU C 84 -42.59 -2.53 3.47
C GLU C 84 -42.19 -1.07 3.38
N SER C 85 -41.55 -0.66 2.27
CA SER C 85 -41.12 0.73 2.14
C SER C 85 -42.31 1.68 2.20
N ILE C 86 -43.42 1.28 1.59
CA ILE C 86 -44.61 2.14 1.59
C ILE C 86 -45.13 2.31 3.01
N GLU C 87 -45.18 1.22 3.78
CA GLU C 87 -45.64 1.31 5.17
C GLU C 87 -44.71 2.18 6.02
N LEU C 88 -43.39 2.00 5.87
CA LEU C 88 -42.45 2.86 6.59
C LEU C 88 -42.61 4.32 6.17
N ALA C 89 -42.80 4.56 4.87
CA ALA C 89 -42.90 5.94 4.39
C ALA C 89 -44.15 6.61 4.91
N GLN C 90 -45.29 5.92 4.85
CA GLN C 90 -46.53 6.52 5.32
C GLN C 90 -46.52 6.74 6.82
N TYR C 91 -45.88 5.85 7.59
CA TYR C 91 -45.76 6.12 9.02
C TYR C 91 -44.96 7.39 9.25
N ALA C 92 -43.79 7.49 8.60
CA ALA C 92 -42.95 8.67 8.74
C ALA C 92 -43.74 9.93 8.42
N GLN C 93 -44.50 9.91 7.32
CA GLN C 93 -45.31 11.05 6.95
C GLN C 93 -46.32 11.38 8.04
N ASN C 94 -47.04 10.36 8.52
CA ASN C 94 -48.12 10.59 9.49
C ASN C 94 -47.59 11.04 10.84
N THR C 95 -46.36 10.67 11.21
CA THR C 95 -45.81 11.11 12.49
C THR C 95 -45.06 12.44 12.39
N GLY C 96 -44.91 13.01 11.19
CA GLY C 96 -44.40 14.35 11.03
C GLY C 96 -42.98 14.51 10.49
N ALA C 97 -42.40 13.48 9.89
CA ALA C 97 -41.10 13.63 9.24
C ALA C 97 -41.18 14.66 8.11
N ASP C 98 -40.04 15.23 7.75
CA ASP C 98 -40.00 16.25 6.70
C ASP C 98 -39.63 15.71 5.33
N ALA C 99 -39.00 14.53 5.25
CA ALA C 99 -38.60 13.93 3.99
C ALA C 99 -38.35 12.44 4.21
N LEU C 100 -38.06 11.72 3.11
CA LEU C 100 -37.83 10.28 3.16
C LEU C 100 -36.52 9.92 2.45
N LEU C 101 -35.78 8.99 3.03
CA LEU C 101 -34.56 8.44 2.43
C LEU C 101 -34.83 7.00 2.01
N VAL C 102 -34.70 6.71 0.71
CA VAL C 102 -35.15 5.42 0.16
C VAL C 102 -34.00 4.79 -0.62
N VAL C 103 -33.41 3.73 -0.05
CA VAL C 103 -32.29 3.07 -0.69
C VAL C 103 -32.76 2.28 -1.91
N VAL C 104 -31.91 2.20 -2.92
CA VAL C 104 -32.06 1.22 -4.01
C VAL C 104 -32.20 -0.16 -3.37
N PRO C 105 -33.22 -0.96 -3.73
CA PRO C 105 -33.38 -2.28 -3.11
C PRO C 105 -32.12 -3.14 -3.18
N TYR C 106 -31.86 -3.85 -2.09
CA TYR C 106 -30.66 -4.66 -1.93
C TYR C 106 -31.03 -6.14 -2.00
N TYR C 107 -30.06 -6.96 -2.40
CA TYR C 107 -30.14 -8.43 -2.41
C TYR C 107 -30.99 -9.04 -3.54
N ASN C 108 -32.21 -8.56 -3.77
CA ASN C 108 -33.01 -9.20 -4.82
C ASN C 108 -32.75 -8.61 -6.22
N LYS C 109 -31.92 -7.57 -6.34
CA LYS C 109 -31.43 -7.06 -7.61
C LYS C 109 -32.51 -6.83 -8.68
N PRO C 110 -33.46 -5.93 -8.45
CA PRO C 110 -34.38 -5.55 -9.52
C PRO C 110 -33.64 -4.91 -10.68
N ASN C 111 -34.20 -5.03 -11.88
CA ASN C 111 -33.63 -4.34 -13.03
C ASN C 111 -34.15 -2.91 -13.06
N LYS C 112 -33.87 -2.17 -14.14
CA LYS C 112 -34.32 -0.79 -14.27
C LYS C 112 -35.84 -0.67 -14.14
N LYS C 113 -36.58 -1.58 -14.75
CA LYS C 113 -38.05 -1.54 -14.64
C LYS C 113 -38.48 -1.69 -13.20
N GLY C 114 -37.79 -2.55 -12.44
CA GLY C 114 -38.13 -2.71 -11.03
C GLY C 114 -37.81 -1.48 -10.20
N LEU C 115 -36.74 -0.76 -10.54
CA LEU C 115 -36.44 0.48 -9.83
C LEU C 115 -37.52 1.52 -10.10
N LEU C 116 -37.96 1.62 -11.36
CA LEU C 116 -39.04 2.56 -11.67
C LEU C 116 -40.30 2.23 -10.89
N ALA C 117 -40.63 0.94 -10.77
CA ALA C 117 -41.85 0.52 -10.08
C ALA C 117 -41.73 0.67 -8.55
N HIS C 118 -40.54 0.44 -7.99
CA HIS C 118 -40.34 0.62 -6.56
C HIS C 118 -40.45 2.10 -6.18
N PHE C 119 -39.65 2.96 -6.80
CA PHE C 119 -39.68 4.37 -6.46
C PHE C 119 -40.98 5.03 -6.91
N GLY C 120 -41.59 4.56 -8.00
CA GLY C 120 -42.87 5.11 -8.42
C GLY C 120 -44.00 4.79 -7.45
N SER C 121 -44.02 3.55 -6.93
CA SER C 121 -45.05 3.18 -5.96
C SER C 121 -44.92 4.00 -4.69
N ILE C 122 -43.70 4.22 -4.22
CA ILE C 122 -43.51 5.00 -3.00
C ILE C 122 -43.92 6.45 -3.23
N ALA C 123 -43.46 7.04 -4.35
CA ALA C 123 -43.85 8.40 -4.69
C ALA C 123 -45.37 8.56 -4.78
N ASN C 124 -46.06 7.55 -5.31
CA ASN C 124 -47.53 7.62 -5.37
C ASN C 124 -48.18 7.52 -4.00
N ALA C 125 -47.51 6.91 -3.02
CA ALA C 125 -48.16 6.57 -1.76
C ALA C 125 -48.00 7.65 -0.69
N VAL C 126 -47.14 8.64 -0.90
CA VAL C 126 -46.89 9.71 0.06
C VAL C 126 -46.79 11.03 -0.69
N SER C 127 -46.87 12.13 0.07
CA SER C 127 -46.64 13.45 -0.49
C SER C 127 -45.31 14.07 -0.04
N LEU C 128 -44.60 13.44 0.89
CA LEU C 128 -43.31 13.96 1.35
C LEU C 128 -42.28 13.94 0.21
N PRO C 129 -41.27 14.80 0.29
CA PRO C 129 -40.13 14.69 -0.63
C PRO C 129 -39.34 13.40 -0.40
N ILE C 130 -38.81 12.85 -1.49
CA ILE C 130 -38.11 11.58 -1.46
C ILE C 130 -36.67 11.78 -1.93
N TYR C 131 -35.71 11.25 -1.18
CA TYR C 131 -34.32 11.22 -1.59
C TYR C 131 -33.94 9.77 -1.92
N ILE C 132 -33.40 9.56 -3.12
CA ILE C 132 -32.87 8.28 -3.56
C ILE C 132 -31.51 8.08 -2.90
N TYR C 133 -31.30 6.90 -2.33
CA TYR C 133 -30.06 6.54 -1.67
C TYR C 133 -29.40 5.49 -2.57
N ASN C 134 -28.38 5.91 -3.32
CA ASN C 134 -27.64 5.06 -4.25
C ASN C 134 -26.37 4.62 -3.53
N ASN C 135 -26.21 3.30 -3.35
CA ASN C 135 -25.08 2.77 -2.57
C ASN C 135 -24.75 1.37 -3.06
N PRO C 136 -24.17 1.25 -4.26
CA PRO C 136 -23.90 -0.09 -4.81
C PRO C 136 -22.90 -0.91 -4.02
N SER C 137 -22.04 -0.28 -3.20
CA SER C 137 -21.16 -1.11 -2.37
C SER C 137 -21.95 -1.93 -1.36
N ARG C 138 -23.23 -1.62 -1.15
CA ARG C 138 -24.12 -2.43 -0.31
C ARG C 138 -25.25 -3.12 -1.07
N THR C 139 -25.74 -2.54 -2.17
CA THR C 139 -26.87 -3.08 -2.92
C THR C 139 -26.48 -3.86 -4.17
N VAL C 140 -25.20 -3.85 -4.56
CA VAL C 140 -24.68 -4.41 -5.80
C VAL C 140 -25.13 -3.61 -7.02
N ILE C 141 -26.44 -3.55 -7.27
CA ILE C 141 -26.90 -2.79 -8.42
C ILE C 141 -26.74 -1.30 -8.14
N GLU C 142 -26.56 -0.52 -9.21
CA GLU C 142 -26.43 0.93 -9.16
C GLU C 142 -27.54 1.56 -9.99
N MET C 143 -28.24 2.55 -9.44
CA MET C 143 -29.17 3.31 -10.27
C MET C 143 -28.37 4.19 -11.21
N ASP C 144 -28.63 4.08 -12.52
CA ASP C 144 -27.91 4.90 -13.48
C ASP C 144 -28.59 6.26 -13.63
N VAL C 145 -27.85 7.18 -14.25
CA VAL C 145 -28.28 8.58 -14.31
C VAL C 145 -29.58 8.73 -15.12
N ASP C 146 -29.75 7.90 -16.17
CA ASP C 146 -30.97 7.98 -16.96
C ASP C 146 -32.20 7.61 -16.13
N THR C 147 -32.09 6.55 -15.34
CA THR C 147 -33.17 6.13 -14.45
C THR C 147 -33.47 7.21 -13.41
N MET C 148 -32.41 7.78 -12.83
CA MET C 148 -32.58 8.85 -11.86
C MET C 148 -33.29 10.05 -12.48
N ALA C 149 -32.81 10.51 -13.64
CA ALA C 149 -33.45 11.63 -14.34
C ALA C 149 -34.90 11.32 -14.67
N GLU C 150 -35.18 10.09 -15.11
CA GLU C 150 -36.55 9.72 -15.42
C GLU C 150 -37.45 9.83 -14.20
N LEU C 151 -36.99 9.32 -13.05
CA LEU C 151 -37.79 9.42 -11.84
C LEU C 151 -38.03 10.87 -11.44
N VAL C 152 -36.99 11.71 -11.55
CA VAL C 152 -37.14 13.14 -11.24
C VAL C 152 -38.18 13.78 -12.15
N LYS C 153 -38.07 13.53 -13.45
CA LYS C 153 -39.01 14.12 -14.41
C LYS C 153 -40.45 13.65 -14.16
N THR C 154 -40.62 12.39 -13.72
CA THR C 154 -41.94 11.76 -13.66
C THR C 154 -42.69 12.10 -12.37
N TYR C 155 -41.97 12.22 -11.26
CA TYR C 155 -42.57 12.36 -9.92
C TYR C 155 -41.98 13.60 -9.26
N SER C 156 -42.82 14.62 -9.04
CA SER C 156 -42.30 15.88 -8.54
C SER C 156 -41.88 15.81 -7.07
N ASN C 157 -42.22 14.74 -6.35
CA ASN C 157 -41.74 14.57 -4.99
C ASN C 157 -40.51 13.67 -4.88
N ILE C 158 -39.87 13.31 -5.99
CA ILE C 158 -38.53 12.72 -5.97
C ILE C 158 -37.57 13.87 -6.24
N VAL C 159 -36.89 14.35 -5.20
CA VAL C 159 -36.27 15.67 -5.22
C VAL C 159 -34.75 15.62 -5.12
N GLY C 160 -34.17 14.52 -4.66
CA GLY C 160 -32.74 14.52 -4.36
C GLY C 160 -32.18 13.11 -4.31
N VAL C 161 -30.89 13.06 -3.99
CA VAL C 161 -30.13 11.80 -3.92
C VAL C 161 -29.16 11.88 -2.76
N LYS C 162 -28.98 10.75 -2.05
CA LYS C 162 -27.82 10.49 -1.20
C LYS C 162 -26.89 9.61 -2.01
N ASP C 163 -25.79 10.17 -2.49
CA ASP C 163 -24.91 9.50 -3.46
C ASP C 163 -23.70 8.95 -2.70
N ALA C 164 -23.73 7.66 -2.41
CA ALA C 164 -22.68 6.98 -1.68
C ALA C 164 -21.69 6.26 -2.60
N THR C 165 -21.64 6.60 -3.89
CA THR C 165 -20.71 5.89 -4.77
C THR C 165 -19.26 6.28 -4.48
N GLY C 166 -19.03 7.53 -4.09
CA GLY C 166 -17.67 8.05 -4.04
C GLY C 166 -17.05 8.34 -5.38
N ARG C 167 -17.80 8.23 -6.48
CA ARG C 167 -17.29 8.55 -7.82
C ARG C 167 -17.91 9.88 -8.23
N ILE C 168 -17.19 10.98 -8.01
CA ILE C 168 -17.87 12.27 -8.04
C ILE C 168 -18.14 12.76 -9.45
N GLU C 169 -17.52 12.15 -10.46
CA GLU C 169 -17.97 12.32 -11.85
C GLU C 169 -19.49 12.14 -11.97
N LEU C 170 -20.07 11.25 -11.17
CA LEU C 170 -21.52 11.03 -11.19
C LEU C 170 -22.31 12.24 -10.67
N ALA C 171 -21.72 13.04 -9.77
CA ALA C 171 -22.42 14.24 -9.33
C ALA C 171 -22.62 15.21 -10.48
N SER C 172 -21.60 15.33 -11.35
CA SER C 172 -21.76 16.15 -12.55
C SER C 172 -22.81 15.56 -13.48
N GLY C 173 -22.77 14.24 -13.71
CA GLY C 173 -23.77 13.63 -14.58
C GLY C 173 -25.18 13.83 -14.06
N GLN C 174 -25.37 13.70 -12.74
CA GLN C 174 -26.67 13.87 -12.13
C GLN C 174 -27.11 15.33 -12.13
N ARG C 175 -26.15 16.25 -11.93
CA ARG C 175 -26.48 17.67 -12.00
C ARG C 175 -26.99 18.06 -13.39
N ILE C 176 -26.35 17.54 -14.44
CA ILE C 176 -26.72 17.91 -15.80
C ILE C 176 -28.03 17.22 -16.22
N ALA C 177 -28.23 15.95 -15.83
CA ALA C 177 -29.39 15.21 -16.30
C ALA C 177 -30.65 15.49 -15.49
N CYS C 178 -30.51 15.71 -14.18
CA CYS C 178 -31.67 15.99 -13.33
C CYS C 178 -31.88 17.48 -13.06
N GLY C 179 -30.98 18.35 -13.52
CA GLY C 179 -31.09 19.78 -13.31
C GLY C 179 -30.42 20.25 -12.02
N SER C 180 -30.11 21.55 -11.98
CA SER C 180 -29.41 22.08 -10.83
C SER C 180 -30.31 22.22 -9.59
N ASP C 181 -31.64 22.12 -9.75
CA ASP C 181 -32.58 22.11 -8.64
C ASP C 181 -32.65 20.76 -7.92
N PHE C 182 -32.13 19.71 -8.55
CA PHE C 182 -32.03 18.39 -7.92
C PHE C 182 -31.03 18.46 -6.76
N ILE C 183 -31.45 18.04 -5.56
CA ILE C 183 -30.67 18.24 -4.33
C ILE C 183 -29.72 17.06 -4.14
N GLN C 184 -28.42 17.29 -4.29
CA GLN C 184 -27.43 16.22 -4.19
C GLN C 184 -26.72 16.29 -2.85
N LEU C 185 -26.77 15.20 -2.09
CA LEU C 185 -26.09 15.06 -0.81
C LEU C 185 -25.08 13.93 -0.90
N SER C 186 -23.87 14.16 -0.40
CA SER C 186 -22.87 13.09 -0.40
C SER C 186 -23.25 12.04 0.64
N GLY C 187 -23.06 10.76 0.30
CA GLY C 187 -23.15 9.68 1.26
C GLY C 187 -21.81 9.02 1.52
N ASP C 188 -20.72 9.79 1.34
CA ASP C 188 -19.35 9.28 1.50
C ASP C 188 -18.52 10.39 2.11
N ASP C 189 -18.32 10.32 3.44
CA ASP C 189 -17.65 11.40 4.18
C ASP C 189 -16.33 11.79 3.54
N SER C 190 -15.57 10.80 3.08
CA SER C 190 -14.19 11.00 2.63
C SER C 190 -14.09 11.79 1.33
N SER C 191 -15.16 11.81 0.52
CA SER C 191 -15.17 12.56 -0.73
C SER C 191 -16.26 13.63 -0.75
N ALA C 192 -16.85 13.94 0.41
CA ALA C 192 -17.90 14.97 0.49
C ALA C 192 -17.40 16.32 -0.02
N LEU C 193 -16.11 16.62 0.16
CA LEU C 193 -15.57 17.93 -0.24
C LEU C 193 -15.65 18.11 -1.74
N GLY C 194 -15.11 17.16 -2.51
CA GLY C 194 -15.19 17.25 -3.96
C GLY C 194 -16.61 17.09 -4.47
N PHE C 195 -17.42 16.28 -3.79
CA PHE C 195 -18.82 16.13 -4.16
C PHE C 195 -19.53 17.48 -4.18
N ASN C 196 -19.29 18.31 -3.16
CA ASN C 196 -19.99 19.59 -3.10
C ASN C 196 -19.51 20.56 -4.18
N VAL C 197 -18.21 20.55 -4.50
CA VAL C 197 -17.75 21.47 -5.53
C VAL C 197 -18.28 21.07 -6.91
N HIS C 198 -18.61 19.80 -7.12
CA HIS C 198 -19.26 19.34 -8.34
C HIS C 198 -20.76 19.62 -8.36
N GLY C 199 -21.33 20.11 -7.26
CA GLY C 199 -22.75 20.46 -7.26
C GLY C 199 -23.53 20.01 -6.04
N GLY C 200 -22.95 19.18 -5.17
CA GLY C 200 -23.64 18.78 -3.95
C GLY C 200 -23.80 19.95 -2.99
N VAL C 201 -24.71 19.81 -2.01
CA VAL C 201 -24.97 20.89 -1.05
C VAL C 201 -24.89 20.40 0.40
N GLY C 202 -24.49 19.16 0.60
CA GLY C 202 -24.33 18.67 1.96
C GLY C 202 -23.86 17.23 1.95
N CYS C 203 -23.86 16.63 3.13
CA CYS C 203 -23.42 15.25 3.33
C CYS C 203 -24.27 14.57 4.39
N ILE C 204 -24.81 13.40 4.07
CA ILE C 204 -25.45 12.53 5.07
C ILE C 204 -24.36 11.62 5.60
N SER C 205 -23.94 11.86 6.84
CA SER C 205 -22.58 11.58 7.30
C SER C 205 -22.57 10.56 8.43
N VAL C 206 -21.62 9.61 8.35
CA VAL C 206 -21.35 8.73 9.49
C VAL C 206 -20.51 9.46 10.53
N THR C 207 -19.44 10.14 10.08
CA THR C 207 -18.51 10.79 11.01
C THR C 207 -19.19 11.85 11.87
N ALA C 208 -20.20 12.54 11.35
CA ALA C 208 -20.85 13.61 12.11
C ALA C 208 -21.46 13.10 13.41
N ASN C 209 -21.76 11.79 13.50
CA ASN C 209 -22.18 11.19 14.77
C ASN C 209 -21.15 11.44 15.86
N VAL C 210 -19.87 11.36 15.50
CA VAL C 210 -18.75 11.36 16.46
C VAL C 210 -18.21 12.76 16.67
N ALA C 211 -18.08 13.53 15.59
CA ALA C 211 -17.49 14.86 15.62
C ALA C 211 -18.42 15.90 14.98
N PRO C 212 -19.62 16.11 15.55
CA PRO C 212 -20.61 16.96 14.86
C PRO C 212 -20.15 18.40 14.63
N ARG C 213 -19.44 18.99 15.59
CA ARG C 213 -19.06 20.39 15.43
C ARG C 213 -18.07 20.57 14.29
N ILE C 214 -17.05 19.71 14.21
CA ILE C 214 -16.04 19.91 13.16
C ILE C 214 -16.65 19.63 11.78
N CYS C 215 -17.50 18.59 11.69
CA CYS C 215 -18.22 18.30 10.45
C CYS C 215 -19.06 19.50 10.04
N ALA C 216 -19.72 20.11 11.01
CA ALA C 216 -20.54 21.29 10.75
C ALA C 216 -19.68 22.46 10.26
N GLU C 217 -18.53 22.69 10.90
CA GLU C 217 -17.68 23.79 10.47
C GLU C 217 -17.08 23.52 9.09
N PHE C 218 -16.77 22.24 8.81
CA PHE C 218 -16.31 21.84 7.48
C PHE C 218 -17.34 22.20 6.41
N GLN C 219 -18.58 21.75 6.58
CA GLN C 219 -19.64 22.09 5.63
C GLN C 219 -19.91 23.60 5.60
N LYS C 220 -19.79 24.27 6.74
CA LYS C 220 -19.93 25.73 6.76
C LYS C 220 -18.89 26.38 5.86
N ALA C 221 -17.62 25.96 5.98
CA ALA C 221 -16.57 26.52 5.13
C ALA C 221 -16.85 26.31 3.64
N ILE C 222 -17.34 25.13 3.26
CA ILE C 222 -17.66 24.86 1.86
C ILE C 222 -18.78 25.77 1.40
N SER C 223 -19.84 25.92 2.21
CA SER C 223 -20.98 26.77 1.85
C SER C 223 -20.55 28.21 1.58
N GLU C 224 -19.61 28.73 2.40
CA GLU C 224 -19.11 30.08 2.21
C GLU C 224 -18.08 30.19 1.10
N GLY C 225 -17.79 29.10 0.39
CA GLY C 225 -16.78 29.10 -0.64
C GLY C 225 -15.35 29.20 -0.13
N ASP C 226 -15.12 29.01 1.17
CA ASP C 226 -13.77 29.05 1.73
C ASP C 226 -13.13 27.69 1.56
N TYR C 227 -12.75 27.38 0.32
CA TYR C 227 -12.32 26.03 0.04
C TYR C 227 -10.94 25.73 0.59
N ARG C 228 -10.16 26.77 0.92
CA ARG C 228 -8.87 26.50 1.54
C ARG C 228 -9.02 26.16 3.02
N GLN C 229 -9.96 26.80 3.71
CA GLN C 229 -10.26 26.38 5.09
C GLN C 229 -10.91 25.00 5.12
N ALA C 230 -11.74 24.70 4.12
CA ALA C 230 -12.38 23.39 4.04
C ALA C 230 -11.36 22.27 3.85
N LEU C 231 -10.32 22.54 3.06
CA LEU C 231 -9.26 21.56 2.87
C LEU C 231 -8.48 21.31 4.17
N GLU C 232 -8.29 22.36 4.98
CA GLU C 232 -7.69 22.17 6.31
C GLU C 232 -8.56 21.26 7.18
N TYR C 233 -9.88 21.45 7.12
CA TYR C 233 -10.78 20.57 7.86
C TYR C 233 -10.71 19.13 7.34
N GLN C 234 -10.67 18.97 6.01
CA GLN C 234 -10.54 17.64 5.39
C GLN C 234 -9.32 16.91 5.91
N ASP C 235 -8.17 17.58 5.94
CA ASP C 235 -6.95 16.93 6.43
C ASP C 235 -7.08 16.54 7.90
N LYS C 236 -7.83 17.32 8.69
CA LYS C 236 -8.06 16.99 10.11
C LYS C 236 -9.01 15.81 10.27
N LEU C 237 -10.04 15.72 9.42
CA LEU C 237 -11.12 14.74 9.58
C LEU C 237 -10.87 13.44 8.83
N PHE C 238 -10.04 13.47 7.78
CA PHE C 238 -9.83 12.30 6.94
C PHE C 238 -9.38 11.07 7.72
N PRO C 239 -8.40 11.14 8.63
CA PRO C 239 -8.02 9.93 9.36
C PRO C 239 -9.16 9.35 10.16
N LEU C 240 -10.02 10.20 10.73
CA LEU C 240 -11.19 9.69 11.44
C LEU C 240 -12.23 9.08 10.49
N HIS C 241 -12.51 9.76 9.35
CA HIS C 241 -13.38 9.17 8.33
C HIS C 241 -12.92 7.75 8.00
N GLN C 242 -11.61 7.58 7.81
CA GLN C 242 -11.07 6.29 7.39
C GLN C 242 -11.01 5.29 8.54
N ALA C 243 -10.68 5.76 9.76
CA ALA C 243 -10.60 4.85 10.90
C ALA C 243 -11.97 4.27 11.26
N LEU C 244 -13.04 5.02 10.97
CA LEU C 244 -14.37 4.58 11.34
C LEU C 244 -14.92 3.49 10.42
N PHE C 245 -14.25 3.14 9.32
CA PHE C 245 -14.72 1.96 8.59
C PHE C 245 -13.62 0.92 8.35
N ILE C 246 -12.54 0.93 9.15
CA ILE C 246 -11.64 -0.23 9.17
C ILE C 246 -12.45 -1.50 9.42
N GLU C 247 -13.35 -1.44 10.40
CA GLU C 247 -14.35 -2.47 10.69
C GLU C 247 -15.72 -1.80 10.48
N PRO C 248 -16.85 -2.54 10.56
CA PRO C 248 -18.15 -1.89 10.33
C PRO C 248 -18.34 -0.61 11.14
N SER C 249 -18.94 0.39 10.50
CA SER C 249 -18.99 1.72 11.08
C SER C 249 -19.91 1.76 12.30
N ILE C 250 -20.95 0.92 12.31
CA ILE C 250 -21.89 0.88 13.43
C ILE C 250 -21.14 0.76 14.76
N SER C 251 -20.39 -0.33 14.92
CA SER C 251 -19.69 -0.54 16.18
C SER C 251 -18.55 0.46 16.35
N SER C 252 -17.96 0.90 15.23
CA SER C 252 -16.85 1.84 15.29
C SER C 252 -17.30 3.18 15.84
N VAL C 253 -18.47 3.65 15.38
CA VAL C 253 -19.01 4.92 15.87
C VAL C 253 -19.40 4.80 17.34
N LYS C 254 -20.02 3.68 17.72
CA LYS C 254 -20.42 3.52 19.12
C LYS C 254 -19.20 3.43 20.02
N TYR C 255 -18.13 2.76 19.56
CA TYR C 255 -16.88 2.77 20.32
C TYR C 255 -16.31 4.18 20.44
N ALA C 256 -16.32 4.95 19.34
CA ALA C 256 -15.77 6.31 19.41
C ALA C 256 -16.57 7.17 20.38
N LEU C 257 -17.90 7.05 20.36
CA LEU C 257 -18.75 7.86 21.23
C LEU C 257 -18.49 7.54 22.70
N SER C 258 -18.34 6.26 23.04
CA SER C 258 -17.98 5.89 24.41
C SER C 258 -16.63 6.51 24.79
N ARG C 259 -15.64 6.42 23.89
CA ARG C 259 -14.33 6.99 24.19
C ARG C 259 -14.43 8.49 24.46
N LEU C 260 -15.32 9.19 23.75
CA LEU C 260 -15.54 10.61 24.02
C LEU C 260 -16.28 10.85 25.33
N GLY C 261 -16.78 9.80 25.97
CA GLY C 261 -17.51 9.95 27.22
C GLY C 261 -19.01 10.15 27.08
N ARG C 262 -19.56 10.05 25.87
CA ARG C 262 -21.00 10.17 25.70
C ARG C 262 -21.71 8.99 26.37
N ASN C 263 -23.00 9.16 26.64
CA ASN C 263 -23.80 8.10 27.25
C ASN C 263 -24.39 7.20 26.15
N VAL C 264 -23.50 6.47 25.49
CA VAL C 264 -23.87 5.54 24.43
C VAL C 264 -23.26 4.18 24.72
N SER C 265 -24.10 3.18 24.86
CA SER C 265 -23.64 1.81 25.05
C SER C 265 -22.98 1.26 23.78
N LEU C 266 -22.08 0.29 23.98
CA LEU C 266 -21.42 -0.39 22.87
C LEU C 266 -22.29 -1.44 22.20
N VAL C 267 -23.47 -1.75 22.75
CA VAL C 267 -24.32 -2.82 22.23
C VAL C 267 -24.68 -2.57 20.77
N VAL C 268 -24.46 -3.59 19.93
CA VAL C 268 -24.96 -3.64 18.56
C VAL C 268 -25.69 -4.98 18.38
N ARG C 269 -26.40 -5.11 17.26
CA ARG C 269 -27.25 -6.28 17.03
C ARG C 269 -26.65 -7.18 15.94
N ALA C 270 -26.54 -8.47 16.24
CA ALA C 270 -26.01 -9.43 15.29
C ALA C 270 -26.77 -9.34 13.96
N PRO C 271 -26.09 -9.48 12.81
CA PRO C 271 -24.68 -9.90 12.65
C PRO C 271 -23.60 -8.86 12.91
N MET C 272 -23.94 -7.62 13.28
CA MET C 272 -22.90 -6.72 13.79
C MET C 272 -22.40 -7.22 15.15
N VAL C 273 -21.10 -7.02 15.40
CA VAL C 273 -20.50 -7.34 16.69
C VAL C 273 -19.83 -6.10 17.24
N SER C 274 -19.79 -5.98 18.57
CA SER C 274 -19.22 -4.80 19.21
C SER C 274 -17.72 -4.89 19.41
N ILE C 275 -17.17 -6.11 19.53
CA ILE C 275 -15.73 -6.27 19.73
C ILE C 275 -14.98 -5.76 18.52
N LEU C 276 -13.99 -4.91 18.75
CA LEU C 276 -13.12 -4.37 17.71
C LEU C 276 -11.70 -4.84 17.96
N GLU C 277 -10.93 -5.04 16.89
CA GLU C 277 -9.52 -5.41 17.04
C GLU C 277 -8.80 -4.31 17.80
N LYS C 278 -7.74 -4.71 18.52
CA LYS C 278 -6.90 -3.74 19.23
C LYS C 278 -6.39 -2.64 18.29
N GLU C 279 -5.99 -3.01 17.07
CA GLU C 279 -5.42 -2.05 16.13
C GLU C 279 -6.46 -1.08 15.61
N THR C 280 -7.69 -1.57 15.42
CA THR C 280 -8.81 -0.71 15.03
C THR C 280 -9.10 0.32 16.10
N MET C 281 -9.25 -0.14 17.34
CA MET C 281 -9.50 0.75 18.47
C MET C 281 -8.43 1.83 18.55
N PHE C 282 -7.15 1.45 18.40
CA PHE C 282 -6.09 2.44 18.52
C PHE C 282 -6.13 3.41 17.35
N ALA C 283 -6.48 2.93 16.15
CA ALA C 283 -6.57 3.84 15.02
C ALA C 283 -7.68 4.89 15.21
N ILE C 284 -8.79 4.49 15.83
CA ILE C 284 -9.86 5.44 16.16
C ILE C 284 -9.41 6.40 17.25
N ASP C 285 -8.84 5.86 18.34
CA ASP C 285 -8.29 6.69 19.41
C ASP C 285 -7.35 7.75 18.85
N GLN C 286 -6.43 7.33 17.98
CA GLN C 286 -5.45 8.26 17.44
C GLN C 286 -6.11 9.33 16.56
N ALA C 287 -7.10 8.95 15.77
CA ALA C 287 -7.78 9.96 14.95
C ALA C 287 -8.60 10.92 15.82
N LEU C 288 -9.14 10.44 16.94
CA LEU C 288 -9.82 11.34 17.86
C LEU C 288 -8.83 12.27 18.55
N ASP C 289 -7.67 11.75 18.95
CA ASP C 289 -6.65 12.63 19.54
C ASP C 289 -6.20 13.70 18.56
N HIS C 290 -6.15 13.35 17.26
CA HIS C 290 -5.74 14.32 16.24
C HIS C 290 -6.74 15.46 16.11
N ILE C 291 -8.02 15.25 16.42
CA ILE C 291 -8.95 16.37 16.38
C ILE C 291 -9.15 16.89 17.80
N GLY C 292 -8.15 16.66 18.65
CA GLY C 292 -8.13 17.19 19.99
C GLY C 292 -9.25 16.71 20.89
N LEU C 293 -10.34 16.22 20.29
CA LEU C 293 -11.58 15.87 21.00
C LEU C 293 -11.33 14.95 22.18
N CYS C 294 -10.24 14.20 22.16
CA CYS C 294 -9.72 13.56 23.37
C CYS C 294 -8.29 14.04 23.59
N ALA C 295 -7.82 13.82 24.81
CA ALA C 295 -6.48 14.18 25.25
C ALA C 295 -6.32 15.69 25.35
N GLY C 296 -6.10 16.38 24.23
CA GLY C 296 -5.85 17.82 24.21
C GLY C 296 -6.69 18.71 25.13
N MET D 1 5.86 23.56 -10.81
CA MET D 1 6.40 23.48 -12.17
C MET D 1 5.32 23.02 -13.16
N PHE D 2 4.57 21.99 -12.76
CA PHE D 2 3.44 21.51 -13.54
C PHE D 2 2.16 21.83 -12.79
N GLN D 3 1.25 22.54 -13.46
CA GLN D 3 -0.01 22.95 -12.86
C GLN D 3 -1.00 23.22 -13.99
N ARG D 4 -2.28 23.33 -13.63
CA ARG D 4 -3.38 23.71 -14.54
C ARG D 4 -3.50 22.67 -15.67
N SER D 5 -3.68 23.10 -16.91
CA SER D 5 -4.11 22.22 -17.99
C SER D 5 -2.90 21.73 -18.80
N ILE D 6 -2.68 20.42 -18.79
CA ILE D 6 -1.54 19.78 -19.41
C ILE D 6 -2.03 18.68 -20.35
N PRO D 7 -2.01 18.87 -21.67
CA PRO D 7 -2.52 17.84 -22.57
C PRO D 7 -1.63 16.61 -22.60
N ALA D 8 -2.27 15.43 -22.54
CA ALA D 8 -1.62 14.18 -22.94
C ALA D 8 -1.67 14.15 -24.47
N LEU D 9 -0.60 14.63 -25.09
CA LEU D 9 -0.62 14.92 -26.53
C LEU D 9 -0.84 13.65 -27.34
N ILE D 10 -1.74 13.73 -28.33
CA ILE D 10 -1.83 12.69 -29.35
C ILE D 10 -0.56 12.69 -30.19
N THR D 11 -0.33 11.58 -30.89
CA THR D 11 0.73 11.46 -31.88
C THR D 11 0.07 11.32 -33.25
N PRO D 12 0.05 12.37 -34.06
CA PRO D 12 -0.58 12.26 -35.37
C PRO D 12 0.28 11.44 -36.32
N PHE D 13 -0.38 10.67 -37.18
CA PHE D 13 0.29 9.84 -38.18
C PHE D 13 -0.10 10.33 -39.58
N THR D 14 0.75 10.02 -40.56
CA THR D 14 0.40 10.24 -41.96
C THR D 14 -0.34 9.03 -42.52
N LYS D 15 -1.02 9.22 -43.65
CA LYS D 15 -1.73 8.11 -44.29
C LYS D 15 -0.80 6.95 -44.59
N ASP D 16 0.51 7.19 -44.74
CA ASP D 16 1.52 6.16 -44.93
C ASP D 16 2.10 5.64 -43.60
N ASN D 17 1.48 6.00 -42.46
CA ASN D 17 1.83 5.47 -41.14
C ASN D 17 3.23 5.90 -40.69
N LEU D 18 3.64 7.11 -41.04
CA LEU D 18 4.79 7.76 -40.45
C LEU D 18 4.32 8.78 -39.42
N ILE D 19 5.23 9.22 -38.56
CA ILE D 19 4.91 10.34 -37.68
C ILE D 19 4.65 11.58 -38.54
N ASP D 20 3.49 12.20 -38.37
CA ASP D 20 3.17 13.45 -39.06
C ASP D 20 3.79 14.59 -38.24
N GLU D 21 5.09 14.81 -38.47
CA GLU D 21 5.83 15.76 -37.65
C GLU D 21 5.27 17.16 -37.76
N ASP D 22 4.93 17.60 -38.98
CA ASP D 22 4.33 18.91 -39.17
C ASP D 22 3.06 19.06 -38.35
N SER D 23 2.20 18.06 -38.38
CA SER D 23 0.95 18.08 -37.61
C SER D 23 1.22 18.17 -36.11
N PHE D 24 2.14 17.33 -35.63
CA PHE D 24 2.48 17.32 -34.20
C PHE D 24 2.97 18.69 -33.75
N VAL D 25 3.91 19.28 -34.50
CA VAL D 25 4.44 20.61 -34.18
C VAL D 25 3.33 21.65 -34.17
N ASP D 26 2.48 21.65 -35.21
CA ASP D 26 1.34 22.56 -35.25
C ASP D 26 0.42 22.37 -34.05
N HIS D 27 0.15 21.11 -33.69
CA HIS D 27 -0.69 20.82 -32.53
C HIS D 27 -0.09 21.37 -31.24
N ILE D 28 1.23 21.22 -31.06
CA ILE D 28 1.90 21.75 -29.88
C ILE D 28 1.84 23.27 -29.85
N GLU D 29 2.17 23.91 -30.98
CA GLU D 29 2.11 25.37 -31.06
C GLU D 29 0.72 25.86 -30.68
N TRP D 30 -0.31 25.21 -31.23
CA TRP D 30 -1.68 25.58 -30.95
C TRP D 30 -2.01 25.39 -29.48
N GLN D 31 -1.59 24.27 -28.88
CA GLN D 31 -1.81 24.03 -27.47
C GLN D 31 -1.24 25.17 -26.62
N ILE D 32 -0.04 25.65 -26.97
CA ILE D 32 0.61 26.67 -26.18
C ILE D 32 -0.11 28.01 -26.33
N SER D 33 -0.42 28.40 -27.57
CA SER D 33 -1.15 29.65 -27.78
C SER D 33 -2.53 29.61 -27.14
N GLU D 34 -3.14 28.43 -27.04
CA GLU D 34 -4.48 28.37 -26.45
C GLU D 34 -4.47 28.34 -24.92
N GLY D 35 -3.30 28.23 -24.29
CA GLY D 35 -3.20 28.37 -22.84
C GLY D 35 -2.77 27.15 -22.05
N SER D 36 -2.41 26.05 -22.70
CA SER D 36 -1.93 24.88 -21.98
C SER D 36 -0.64 25.22 -21.26
N SER D 37 -0.47 24.70 -20.04
CA SER D 37 0.62 25.10 -19.16
C SER D 37 1.80 24.11 -19.15
N GLY D 38 1.67 22.99 -19.84
CA GLY D 38 2.72 21.98 -19.88
C GLY D 38 2.34 20.99 -20.96
N LEU D 39 3.24 20.05 -21.25
CA LEU D 39 2.97 19.06 -22.28
C LEU D 39 3.46 17.68 -21.85
N VAL D 40 2.67 16.66 -22.15
CA VAL D 40 3.07 15.26 -21.98
C VAL D 40 3.10 14.61 -23.36
N PRO D 41 4.27 14.47 -23.96
CA PRO D 41 4.38 13.72 -25.21
C PRO D 41 4.65 12.24 -24.95
N ALA D 42 4.12 11.41 -25.85
CA ALA D 42 4.41 9.97 -25.88
C ALA D 42 3.93 9.26 -24.61
N GLY D 43 2.75 9.63 -24.13
CA GLY D 43 2.04 8.87 -23.11
C GLY D 43 0.97 7.99 -23.75
N THR D 44 0.02 7.56 -22.91
CA THR D 44 -1.08 6.71 -23.36
C THR D 44 -1.83 7.36 -24.54
N THR D 45 -2.25 8.60 -24.37
CA THR D 45 -3.01 9.27 -25.43
C THR D 45 -2.15 9.50 -26.68
N GLY D 46 -0.83 9.55 -26.52
CA GLY D 46 0.10 9.60 -27.64
C GLY D 46 0.39 8.27 -28.30
N GLU D 47 -0.32 7.21 -27.89
CA GLU D 47 -0.21 5.88 -28.49
C GLU D 47 1.19 5.30 -28.30
N SER D 48 1.75 5.49 -27.10
CA SER D 48 3.13 5.05 -26.89
C SER D 48 3.26 3.54 -27.08
N SER D 49 2.18 2.79 -26.88
CA SER D 49 2.23 1.34 -27.04
C SER D 49 2.54 0.91 -28.48
N THR D 50 2.24 1.74 -29.47
CA THR D 50 2.45 1.35 -30.85
C THR D 50 3.55 2.19 -31.53
N LEU D 51 4.30 2.97 -30.76
CA LEU D 51 5.50 3.62 -31.25
C LEU D 51 6.69 2.69 -31.08
N SER D 52 7.56 2.64 -32.10
CA SER D 52 8.86 2.01 -31.90
C SER D 52 9.66 2.83 -30.89
N TYR D 53 10.75 2.24 -30.38
CA TYR D 53 11.61 2.99 -29.47
C TYR D 53 12.13 4.26 -30.13
N GLU D 54 12.49 4.16 -31.42
CA GLU D 54 13.00 5.31 -32.16
C GLU D 54 11.94 6.39 -32.28
N GLU D 55 10.70 6.00 -32.62
CA GLU D 55 9.63 6.97 -32.79
C GLU D 55 9.24 7.64 -31.48
N HIS D 56 9.21 6.86 -30.40
CA HIS D 56 8.98 7.40 -29.06
C HIS D 56 9.97 8.53 -28.74
N CYS D 57 11.28 8.24 -28.90
CA CYS D 57 12.31 9.25 -28.65
C CYS D 57 12.12 10.46 -29.54
N ARG D 58 11.86 10.23 -30.83
CA ARG D 58 11.64 11.31 -31.78
C ARG D 58 10.46 12.18 -31.36
N VAL D 59 9.39 11.57 -30.86
CA VAL D 59 8.24 12.35 -30.41
C VAL D 59 8.61 13.22 -29.21
N VAL D 60 9.34 12.66 -28.23
CA VAL D 60 9.79 13.47 -27.10
C VAL D 60 10.72 14.58 -27.59
N GLU D 61 11.69 14.21 -28.44
CA GLU D 61 12.64 15.19 -28.97
C GLU D 61 11.91 16.34 -29.66
N LEU D 62 11.00 16.01 -30.57
CA LEU D 62 10.24 17.03 -31.29
C LEU D 62 9.45 17.92 -30.34
N CYS D 63 8.85 17.33 -29.30
CA CYS D 63 8.08 18.11 -28.35
C CYS D 63 8.97 19.06 -27.56
N VAL D 64 10.10 18.56 -27.04
CA VAL D 64 11.05 19.40 -26.33
C VAL D 64 11.48 20.58 -27.20
N LYS D 65 11.82 20.31 -28.47
CA LYS D 65 12.37 21.39 -29.29
C LYS D 65 11.29 22.40 -29.66
N THR D 66 10.08 21.92 -29.99
CA THR D 66 8.98 22.81 -30.31
C THR D 66 8.61 23.69 -29.11
N ALA D 67 8.51 23.09 -27.91
CA ALA D 67 8.17 23.87 -26.73
C ALA D 67 9.19 24.98 -26.48
N ALA D 68 10.48 24.68 -26.68
CA ALA D 68 11.55 25.67 -26.61
C ALA D 68 11.52 26.44 -25.29
N GLY D 69 11.29 25.71 -24.20
CA GLY D 69 11.29 26.30 -22.87
C GLY D 69 10.08 27.13 -22.52
N ARG D 70 9.10 27.27 -23.42
CA ARG D 70 7.94 28.10 -23.12
C ARG D 70 7.09 27.47 -22.02
N VAL D 71 6.82 26.17 -22.13
CA VAL D 71 6.10 25.39 -21.12
C VAL D 71 6.93 24.15 -20.78
N PRO D 72 6.82 23.60 -19.59
CA PRO D 72 7.59 22.40 -19.26
C PRO D 72 7.07 21.16 -19.99
N VAL D 73 7.98 20.23 -20.24
CA VAL D 73 7.68 19.00 -20.97
C VAL D 73 7.92 17.84 -20.03
N MET D 74 6.88 17.04 -19.81
CA MET D 74 6.95 15.84 -18.99
C MET D 74 6.87 14.65 -19.95
N ALA D 75 8.03 14.09 -20.29
CA ALA D 75 8.11 13.01 -21.28
C ALA D 75 7.55 11.71 -20.73
N GLY D 76 6.76 11.01 -21.56
CA GLY D 76 6.35 9.67 -21.24
C GLY D 76 7.57 8.75 -21.23
N ALA D 77 7.79 8.05 -20.12
CA ALA D 77 8.85 7.07 -20.02
C ALA D 77 8.30 5.74 -19.52
N GLY D 78 7.06 5.42 -19.87
CA GLY D 78 6.37 4.28 -19.30
C GLY D 78 6.67 2.98 -20.04
N SER D 79 6.85 1.92 -19.27
CA SER D 79 6.95 0.58 -19.82
C SER D 79 6.67 -0.39 -18.69
N ASN D 80 6.27 -1.61 -19.05
CA ASN D 80 6.24 -2.69 -18.08
C ASN D 80 7.58 -3.41 -17.98
N ASN D 81 8.63 -2.80 -18.54
CA ASN D 81 9.98 -3.38 -18.58
C ASN D 81 10.93 -2.32 -18.04
N THR D 82 11.49 -2.57 -16.85
CA THR D 82 12.30 -1.56 -16.18
C THR D 82 13.47 -1.10 -17.05
N LYS D 83 14.12 -2.05 -17.73
CA LYS D 83 15.22 -1.71 -18.65
C LYS D 83 14.76 -0.71 -19.72
N GLU D 84 13.61 -0.97 -20.36
CA GLU D 84 13.09 -0.04 -21.37
C GLU D 84 12.79 1.33 -20.77
N SER D 85 12.13 1.34 -19.60
CA SER D 85 11.82 2.62 -18.95
C SER D 85 13.08 3.42 -18.70
N ILE D 86 14.14 2.77 -18.23
CA ILE D 86 15.38 3.47 -17.94
C ILE D 86 15.94 4.11 -19.21
N GLU D 87 15.94 3.36 -20.31
CA GLU D 87 16.47 3.90 -21.57
C GLU D 87 15.63 5.06 -22.08
N LEU D 88 14.29 4.97 -21.98
CA LEU D 88 13.44 6.08 -22.39
C LEU D 88 13.64 7.29 -21.48
N ALA D 89 13.81 7.05 -20.18
CA ALA D 89 13.99 8.14 -19.22
C ALA D 89 15.31 8.85 -19.47
N GLN D 90 16.38 8.10 -19.73
CA GLN D 90 17.69 8.71 -19.96
C GLN D 90 17.71 9.48 -21.28
N TYR D 91 17.08 8.94 -22.33
CA TYR D 91 16.95 9.71 -23.57
C TYR D 91 16.24 11.02 -23.31
N ALA D 92 15.08 10.96 -22.64
CA ALA D 92 14.32 12.19 -22.37
C ALA D 92 15.18 13.20 -21.62
N GLN D 93 15.99 12.72 -20.67
CA GLN D 93 16.87 13.63 -19.94
C GLN D 93 17.94 14.21 -20.86
N ASN D 94 18.58 13.38 -21.68
CA ASN D 94 19.63 13.89 -22.54
C ASN D 94 19.09 14.83 -23.60
N THR D 95 17.84 14.66 -24.03
CA THR D 95 17.28 15.53 -25.05
C THR D 95 16.66 16.81 -24.47
N GLY D 96 16.51 16.92 -23.17
CA GLY D 96 16.11 18.16 -22.53
C GLY D 96 14.68 18.23 -21.96
N ALA D 97 14.02 17.09 -21.75
CA ALA D 97 12.74 17.11 -21.05
C ALA D 97 12.91 17.68 -19.64
N ASP D 98 11.82 18.23 -19.11
CA ASP D 98 11.83 18.80 -17.77
C ASP D 98 11.48 17.80 -16.66
N ALA D 99 10.79 16.72 -16.99
CA ALA D 99 10.32 15.76 -16.01
C ALA D 99 9.93 14.48 -16.75
N LEU D 100 9.52 13.46 -15.98
CA LEU D 100 9.17 12.15 -16.53
C LEU D 100 7.82 11.69 -16.00
N LEU D 101 7.06 11.02 -16.87
CA LEU D 101 5.80 10.37 -16.47
C LEU D 101 6.02 8.87 -16.58
N VAL D 102 5.88 8.15 -15.47
CA VAL D 102 6.22 6.72 -15.43
C VAL D 102 5.00 5.94 -14.92
N VAL D 103 4.42 5.13 -15.80
CA VAL D 103 3.21 4.39 -15.42
C VAL D 103 3.58 3.20 -14.56
N VAL D 104 2.67 2.83 -13.66
CA VAL D 104 2.74 1.55 -12.96
C VAL D 104 2.80 0.48 -14.04
N PRO D 105 3.70 -0.50 -13.94
CA PRO D 105 3.79 -1.54 -14.97
C PRO D 105 2.46 -2.27 -15.21
N TYR D 106 2.18 -2.54 -16.49
CA TYR D 106 0.96 -3.19 -16.95
C TYR D 106 1.26 -4.63 -17.38
N TYR D 107 0.20 -5.44 -17.41
CA TYR D 107 0.19 -6.81 -17.87
C TYR D 107 0.93 -7.79 -16.95
N ASN D 108 2.21 -7.54 -16.62
CA ASN D 108 2.94 -8.54 -15.84
C ASN D 108 2.70 -8.46 -14.34
N LYS D 109 2.00 -7.44 -13.85
CA LYS D 109 1.50 -7.38 -12.47
C LYS D 109 2.55 -7.59 -11.39
N PRO D 110 3.56 -6.71 -11.28
CA PRO D 110 4.50 -6.81 -10.16
C PRO D 110 3.80 -6.56 -8.82
N ASN D 111 4.40 -7.07 -7.75
CA ASN D 111 3.87 -6.81 -6.43
C ASN D 111 4.49 -5.52 -5.90
N LYS D 112 4.20 -5.18 -4.64
CA LYS D 112 4.76 -4.00 -4.02
C LYS D 112 6.29 -3.97 -4.12
N LYS D 113 6.95 -5.12 -3.89
CA LYS D 113 8.42 -5.13 -4.00
C LYS D 113 8.86 -4.79 -5.43
N GLY D 114 8.12 -5.29 -6.44
CA GLY D 114 8.44 -4.94 -7.81
C GLY D 114 8.25 -3.47 -8.12
N LEU D 115 7.21 -2.85 -7.56
CA LEU D 115 7.01 -1.42 -7.79
C LEU D 115 8.15 -0.63 -7.19
N LEU D 116 8.56 -0.97 -5.97
CA LEU D 116 9.70 -0.30 -5.35
C LEU D 116 10.94 -0.48 -6.21
N ALA D 117 11.17 -1.70 -6.74
CA ALA D 117 12.33 -1.93 -7.58
C ALA D 117 12.25 -1.18 -8.91
N HIS D 118 11.05 -1.12 -9.52
CA HIS D 118 10.90 -0.46 -10.80
C HIS D 118 11.11 1.05 -10.66
N PHE D 119 10.38 1.68 -9.73
CA PHE D 119 10.51 3.12 -9.58
C PHE D 119 11.85 3.51 -8.94
N GLY D 120 12.38 2.67 -8.03
CA GLY D 120 13.70 2.93 -7.48
C GLY D 120 14.80 2.90 -8.52
N SER D 121 14.76 1.91 -9.43
CA SER D 121 15.77 1.84 -10.49
C SER D 121 15.70 3.04 -11.42
N ILE D 122 14.48 3.50 -11.75
CA ILE D 122 14.39 4.67 -12.63
C ILE D 122 14.90 5.89 -11.89
N ALA D 123 14.51 6.05 -10.62
CA ALA D 123 14.97 7.20 -9.83
C ALA D 123 16.49 7.21 -9.70
N ASN D 124 17.11 6.03 -9.56
CA ASN D 124 18.57 5.98 -9.48
C ASN D 124 19.23 6.33 -10.81
N ALA D 125 18.55 6.15 -11.94
CA ALA D 125 19.18 6.26 -13.25
C ALA D 125 19.09 7.65 -13.87
N VAL D 126 18.29 8.56 -13.32
CA VAL D 126 18.13 9.91 -13.86
C VAL D 126 18.09 10.90 -12.71
N SER D 127 18.28 12.18 -13.05
CA SER D 127 18.11 13.25 -12.06
C SER D 127 16.85 14.09 -12.30
N LEU D 128 16.15 13.87 -13.40
CA LEU D 128 14.87 14.53 -13.65
C LEU D 128 13.82 14.19 -12.58
N PRO D 129 12.90 15.12 -12.29
CA PRO D 129 11.73 14.77 -11.48
C PRO D 129 10.86 13.72 -12.15
N ILE D 130 10.28 12.83 -11.34
CA ILE D 130 9.48 11.70 -11.81
C ILE D 130 8.07 11.81 -11.23
N TYR D 131 7.07 11.61 -12.09
CA TYR D 131 5.67 11.55 -11.67
C TYR D 131 5.16 10.12 -11.85
N ILE D 132 4.65 9.54 -10.76
CA ILE D 132 4.01 8.23 -10.83
C ILE D 132 2.66 8.36 -11.52
N TYR D 133 2.43 7.51 -12.51
CA TYR D 133 1.14 7.49 -13.23
C TYR D 133 0.40 6.23 -12.77
N ASN D 134 -0.59 6.43 -11.91
CA ASN D 134 -1.40 5.36 -11.31
C ASN D 134 -2.70 5.30 -12.09
N ASN D 135 -2.94 4.16 -12.76
CA ASN D 135 -4.10 3.99 -13.64
C ASN D 135 -4.49 2.53 -13.65
N PRO D 136 -5.11 2.04 -12.56
CA PRO D 136 -5.47 0.62 -12.49
C PRO D 136 -6.47 0.19 -13.55
N SER D 137 -7.31 1.11 -14.06
CA SER D 137 -8.23 0.71 -15.14
C SER D 137 -7.49 0.25 -16.39
N ARG D 138 -6.20 0.57 -16.51
CA ARG D 138 -5.36 0.01 -17.57
C ARG D 138 -4.31 -0.98 -17.08
N THR D 139 -3.78 -0.81 -15.87
CA THR D 139 -2.69 -1.63 -15.37
C THR D 139 -3.15 -2.79 -14.49
N VAL D 140 -4.42 -2.81 -14.08
CA VAL D 140 -5.01 -3.77 -13.13
C VAL D 140 -4.52 -3.52 -11.71
N ILE D 141 -3.22 -3.64 -11.46
CA ILE D 141 -2.71 -3.37 -10.11
C ILE D 141 -2.77 -1.87 -9.85
N GLU D 142 -2.87 -1.51 -8.57
CA GLU D 142 -2.89 -0.12 -8.14
C GLU D 142 -1.77 0.12 -7.15
N MET D 143 -0.99 1.19 -7.33
CA MET D 143 -0.03 1.54 -6.30
C MET D 143 -0.78 2.09 -5.09
N ASP D 144 -0.57 1.49 -3.91
CA ASP D 144 -1.29 1.97 -2.74
C ASP D 144 -0.56 3.16 -2.11
N VAL D 145 -1.23 3.79 -1.14
CA VAL D 145 -0.74 5.05 -0.58
C VAL D 145 0.58 4.83 0.19
N ASP D 146 0.71 3.70 0.91
CA ASP D 146 1.94 3.43 1.66
C ASP D 146 3.14 3.31 0.72
N THR D 147 2.96 2.64 -0.41
CA THR D 147 4.02 2.48 -1.40
C THR D 147 4.39 3.83 -2.01
N MET D 148 3.39 4.61 -2.38
CA MET D 148 3.66 5.93 -2.94
C MET D 148 4.45 6.78 -1.94
N ALA D 149 3.99 6.81 -0.70
CA ALA D 149 4.65 7.61 0.34
C ALA D 149 6.07 7.12 0.59
N GLU D 150 6.28 5.80 0.57
CA GLU D 150 7.62 5.25 0.75
C GLU D 150 8.54 5.71 -0.37
N LEU D 151 8.06 5.68 -1.61
CA LEU D 151 8.87 6.14 -2.74
C LEU D 151 9.21 7.62 -2.63
N VAL D 152 8.23 8.44 -2.23
CA VAL D 152 8.48 9.88 -2.06
C VAL D 152 9.52 10.12 -0.97
N LYS D 153 9.39 9.42 0.16
CA LYS D 153 10.34 9.59 1.26
C LYS D 153 11.74 9.11 0.88
N THR D 154 11.83 8.08 0.05
CA THR D 154 13.12 7.44 -0.25
C THR D 154 13.91 8.19 -1.31
N TYR D 155 13.23 8.68 -2.36
CA TYR D 155 13.88 9.27 -3.52
C TYR D 155 13.41 10.70 -3.69
N SER D 156 14.33 11.65 -3.60
CA SER D 156 13.95 13.05 -3.64
C SER D 156 13.48 13.49 -5.03
N ASN D 157 13.82 12.76 -6.08
CA ASN D 157 13.36 13.10 -7.43
C ASN D 157 12.06 12.37 -7.83
N ILE D 158 11.42 11.64 -6.92
CA ILE D 158 10.05 11.18 -7.15
C ILE D 158 9.13 12.23 -6.50
N VAL D 159 8.48 13.04 -7.32
CA VAL D 159 7.94 14.32 -6.86
C VAL D 159 6.43 14.43 -6.94
N GLY D 160 5.73 13.54 -7.66
CA GLY D 160 4.31 13.74 -7.83
C GLY D 160 3.63 12.55 -8.47
N VAL D 161 2.35 12.74 -8.80
CA VAL D 161 1.50 11.66 -9.31
C VAL D 161 0.56 12.23 -10.37
N LYS D 162 0.30 11.42 -11.40
CA LYS D 162 -0.85 11.57 -12.28
C LYS D 162 -1.83 10.49 -11.83
N ASP D 163 -2.90 10.89 -11.14
CA ASP D 163 -3.80 9.95 -10.47
C ASP D 163 -5.05 9.79 -11.34
N ALA D 164 -5.10 8.69 -12.09
CA ALA D 164 -6.20 8.42 -13.00
C ALA D 164 -7.26 7.50 -12.40
N THR D 165 -7.31 7.35 -11.07
CA THR D 165 -8.33 6.46 -10.49
C THR D 165 -9.74 7.03 -10.58
N GLY D 166 -9.88 8.36 -10.60
CA GLY D 166 -11.18 8.97 -10.41
C GLY D 166 -11.80 8.78 -9.04
N ARG D 167 -11.03 8.33 -8.03
CA ARG D 167 -11.52 8.16 -6.67
C ARG D 167 -10.86 9.23 -5.81
N ILE D 168 -11.57 10.33 -5.61
CA ILE D 168 -10.97 11.55 -5.06
C ILE D 168 -10.54 11.41 -3.61
N GLU D 169 -11.08 10.44 -2.86
CA GLU D 169 -10.58 10.23 -1.51
C GLU D 169 -9.08 9.93 -1.51
N LEU D 170 -8.59 9.29 -2.57
CA LEU D 170 -7.16 8.97 -2.68
C LEU D 170 -6.29 10.22 -2.72
N ALA D 171 -6.81 11.33 -3.24
CA ALA D 171 -6.03 12.57 -3.24
C ALA D 171 -5.80 13.06 -1.83
N SER D 172 -6.83 12.95 -0.96
CA SER D 172 -6.66 13.29 0.45
C SER D 172 -5.66 12.36 1.13
N GLY D 173 -5.77 11.05 0.88
CA GLY D 173 -4.81 10.13 1.48
C GLY D 173 -3.40 10.40 1.00
N GLN D 174 -3.24 10.75 -0.27
CA GLN D 174 -1.92 11.00 -0.82
C GLN D 174 -1.35 12.33 -0.31
N ARG D 175 -2.22 13.34 -0.17
CA ARG D 175 -1.80 14.61 0.43
C ARG D 175 -1.26 14.42 1.84
N ILE D 176 -1.95 13.63 2.66
CA ILE D 176 -1.57 13.45 4.07
C ILE D 176 -0.33 12.57 4.19
N ALA D 177 -0.24 11.51 3.39
CA ALA D 177 0.84 10.55 3.54
C ALA D 177 2.13 11.03 2.87
N CYS D 178 2.00 11.72 1.73
CA CYS D 178 3.15 12.16 0.96
C CYS D 178 3.53 13.60 1.23
N GLY D 179 2.69 14.36 1.93
CA GLY D 179 2.92 15.75 2.23
C GLY D 179 2.25 16.68 1.22
N SER D 180 2.09 17.93 1.64
CA SER D 180 1.46 18.92 0.77
C SER D 180 2.38 19.37 -0.35
N ASP D 181 3.69 19.13 -0.24
CA ASP D 181 4.65 19.46 -1.30
C ASP D 181 4.60 18.45 -2.46
N PHE D 182 4.10 17.24 -2.20
CA PHE D 182 3.88 16.25 -3.26
C PHE D 182 2.92 16.82 -4.29
N ILE D 183 3.31 16.83 -5.56
CA ILE D 183 2.56 17.49 -6.63
C ILE D 183 1.53 16.50 -7.21
N GLN D 184 0.25 16.78 -7.03
CA GLN D 184 -0.79 15.83 -7.45
C GLN D 184 -1.52 16.41 -8.66
N LEU D 185 -1.52 15.65 -9.76
CA LEU D 185 -2.21 16.02 -11.00
C LEU D 185 -3.31 15.00 -11.30
N SER D 186 -4.51 15.48 -11.62
CA SER D 186 -5.59 14.58 -12.02
C SER D 186 -5.31 13.93 -13.37
N GLY D 187 -5.57 12.63 -13.46
CA GLY D 187 -5.48 11.95 -14.74
C GLY D 187 -6.86 11.53 -15.23
N ASP D 188 -7.90 12.18 -14.70
CA ASP D 188 -9.28 11.83 -15.02
C ASP D 188 -10.06 13.13 -15.24
N ASP D 189 -10.25 13.50 -16.52
CA ASP D 189 -10.83 14.79 -16.87
C ASP D 189 -12.13 15.07 -16.12
N SER D 190 -13.00 14.06 -16.01
CA SER D 190 -14.35 14.26 -15.49
C SER D 190 -14.40 14.54 -13.99
N SER D 191 -13.35 14.22 -13.24
CA SER D 191 -13.31 14.50 -11.80
C SER D 191 -12.16 15.43 -11.43
N ALA D 192 -11.54 16.06 -12.42
CA ALA D 192 -10.43 16.97 -12.17
C ALA D 192 -10.83 18.13 -11.25
N LEU D 193 -12.09 18.57 -11.31
CA LEU D 193 -12.51 19.69 -10.47
C LEU D 193 -12.45 19.33 -8.99
N GLY D 194 -13.09 18.21 -8.61
CA GLY D 194 -13.02 17.78 -7.21
C GLY D 194 -11.61 17.38 -6.79
N PHE D 195 -10.83 16.82 -7.73
CA PHE D 195 -9.45 16.45 -7.42
C PHE D 195 -8.64 17.66 -6.95
N ASN D 196 -8.83 18.81 -7.59
CA ASN D 196 -8.03 19.97 -7.19
C ASN D 196 -8.47 20.51 -5.83
N VAL D 197 -9.76 20.42 -5.49
CA VAL D 197 -10.17 20.93 -4.19
C VAL D 197 -9.70 20.02 -3.06
N HIS D 198 -9.47 18.73 -3.35
CA HIS D 198 -8.85 17.84 -2.38
C HIS D 198 -7.33 18.00 -2.30
N GLY D 199 -6.72 18.85 -3.12
CA GLY D 199 -5.28 19.05 -3.05
C GLY D 199 -4.54 19.03 -4.36
N GLY D 200 -5.19 18.59 -5.44
CA GLY D 200 -4.54 18.60 -6.75
C GLY D 200 -4.23 20.02 -7.23
N VAL D 201 -3.31 20.11 -8.20
CA VAL D 201 -2.96 21.44 -8.74
C VAL D 201 -3.08 21.47 -10.26
N GLY D 202 -3.63 20.44 -10.86
CA GLY D 202 -3.80 20.44 -12.29
C GLY D 202 -4.31 19.11 -12.79
N CYS D 203 -4.31 18.97 -14.11
CA CYS D 203 -4.86 17.79 -14.76
C CYS D 203 -4.05 17.48 -16.01
N ILE D 204 -3.56 16.24 -16.12
CA ILE D 204 -2.99 15.75 -17.37
C ILE D 204 -4.15 15.14 -18.15
N SER D 205 -4.55 15.79 -19.23
CA SER D 205 -5.92 15.76 -19.73
C SER D 205 -5.98 15.26 -21.17
N VAL D 206 -6.94 14.36 -21.42
CA VAL D 206 -7.25 13.97 -22.79
C VAL D 206 -8.01 15.08 -23.51
N THR D 207 -9.06 15.61 -22.87
CA THR D 207 -9.94 16.58 -23.51
C THR D 207 -9.20 17.84 -23.95
N ALA D 208 -8.13 18.19 -23.26
CA ALA D 208 -7.37 19.37 -23.62
C ALA D 208 -6.77 19.29 -25.03
N ASN D 209 -6.62 18.09 -25.59
CA ASN D 209 -6.22 17.98 -26.99
C ASN D 209 -7.21 18.70 -27.90
N VAL D 210 -8.49 18.66 -27.54
CA VAL D 210 -9.58 19.06 -28.41
C VAL D 210 -10.04 20.48 -28.10
N ALA D 211 -10.15 20.82 -26.81
CA ALA D 211 -10.63 22.13 -26.37
C ALA D 211 -9.63 22.78 -25.41
N PRO D 212 -8.40 23.08 -25.89
CA PRO D 212 -7.35 23.54 -24.96
C PRO D 212 -7.69 24.85 -24.28
N ARG D 213 -8.34 25.79 -24.98
CA ARG D 213 -8.61 27.08 -24.36
C ARG D 213 -9.59 26.95 -23.19
N ILE D 214 -10.69 26.21 -23.39
CA ILE D 214 -11.69 26.14 -22.33
C ILE D 214 -11.18 25.33 -21.15
N CYS D 215 -10.41 24.27 -21.42
CA CYS D 215 -9.77 23.52 -20.33
C CYS D 215 -8.84 24.43 -19.53
N ALA D 216 -8.09 25.29 -20.22
CA ALA D 216 -7.20 26.23 -19.54
C ALA D 216 -7.97 27.25 -18.71
N GLU D 217 -9.06 27.80 -19.25
CA GLU D 217 -9.91 28.71 -18.48
C GLU D 217 -10.51 27.99 -17.28
N PHE D 218 -10.89 26.72 -17.46
CA PHE D 218 -11.42 25.91 -16.37
C PHE D 218 -10.41 25.81 -15.22
N GLN D 219 -9.17 25.41 -15.54
CA GLN D 219 -8.14 25.30 -14.52
C GLN D 219 -7.74 26.66 -13.96
N LYS D 220 -7.75 27.71 -14.77
CA LYS D 220 -7.43 29.03 -14.25
C LYS D 220 -8.44 29.44 -13.17
N ALA D 221 -9.74 29.20 -13.43
CA ALA D 221 -10.78 29.55 -12.46
C ALA D 221 -10.59 28.82 -11.15
N ILE D 222 -10.24 27.53 -11.19
CA ILE D 222 -9.94 26.79 -9.97
C ILE D 222 -8.76 27.41 -9.25
N SER D 223 -7.70 27.70 -10.00
CA SER D 223 -6.48 28.26 -9.43
C SER D 223 -6.75 29.58 -8.71
N GLU D 224 -7.70 30.37 -9.22
CA GLU D 224 -8.07 31.62 -8.59
C GLU D 224 -9.12 31.46 -7.49
N GLY D 225 -9.52 30.23 -7.16
CA GLY D 225 -10.56 29.99 -6.18
C GLY D 225 -11.97 30.33 -6.63
N ASP D 226 -12.18 30.63 -7.92
CA ASP D 226 -13.53 30.92 -8.41
C ASP D 226 -14.20 29.60 -8.77
N TYR D 227 -14.64 28.90 -7.72
CA TYR D 227 -15.17 27.55 -7.89
C TYR D 227 -16.58 27.55 -8.47
N ARG D 228 -17.29 28.67 -8.38
CA ARG D 228 -18.58 28.76 -9.05
C ARG D 228 -18.40 28.90 -10.56
N GLN D 229 -17.38 29.65 -11.00
CA GLN D 229 -17.11 29.71 -12.43
C GLN D 229 -16.55 28.36 -12.93
N ALA D 230 -15.71 27.72 -12.11
CA ALA D 230 -15.19 26.40 -12.45
C ALA D 230 -16.31 25.42 -12.70
N LEU D 231 -17.38 25.48 -11.90
CA LEU D 231 -18.51 24.57 -12.06
C LEU D 231 -19.27 24.87 -13.36
N GLU D 232 -19.39 26.14 -13.73
CA GLU D 232 -19.99 26.46 -15.03
C GLU D 232 -19.21 25.85 -16.17
N TYR D 233 -17.87 25.89 -16.09
CA TYR D 233 -17.03 25.25 -17.10
C TYR D 233 -17.19 23.73 -17.08
N GLN D 234 -17.26 23.15 -15.88
CA GLN D 234 -17.46 21.71 -15.77
C GLN D 234 -18.74 21.26 -16.47
N ASP D 235 -19.84 21.98 -16.23
CA ASP D 235 -21.10 21.60 -16.87
C ASP D 235 -21.01 21.71 -18.39
N LYS D 236 -20.20 22.63 -18.92
CA LYS D 236 -20.02 22.74 -20.37
C LYS D 236 -19.07 21.68 -20.92
N LEU D 237 -18.00 21.33 -20.19
CA LEU D 237 -17.01 20.38 -20.69
C LEU D 237 -17.37 18.93 -20.44
N PHE D 238 -18.21 18.65 -19.43
CA PHE D 238 -18.47 17.26 -19.03
C PHE D 238 -19.05 16.43 -20.16
N PRO D 239 -20.05 16.89 -20.93
CA PRO D 239 -20.50 16.08 -22.08
C PRO D 239 -19.36 15.71 -23.03
N LEU D 240 -18.42 16.62 -23.28
CA LEU D 240 -17.27 16.29 -24.14
C LEU D 240 -16.33 15.32 -23.45
N HIS D 241 -16.04 15.52 -22.15
CA HIS D 241 -15.25 14.55 -21.41
C HIS D 241 -15.80 13.16 -21.62
N GLN D 242 -17.13 13.02 -21.46
CA GLN D 242 -17.76 11.70 -21.52
C GLN D 242 -17.82 11.18 -22.95
N ALA D 243 -18.13 12.05 -23.91
CA ALA D 243 -18.26 11.57 -25.28
C ALA D 243 -16.93 11.11 -25.85
N LEU D 244 -15.81 11.61 -25.32
CA LEU D 244 -14.51 11.23 -25.88
C LEU D 244 -14.05 9.85 -25.44
N PHE D 245 -14.76 9.16 -24.54
CA PHE D 245 -14.35 7.79 -24.24
C PHE D 245 -15.49 6.78 -24.38
N ILE D 246 -16.55 7.12 -25.13
CA ILE D 246 -17.51 6.10 -25.53
C ILE D 246 -16.79 4.97 -26.24
N GLU D 247 -15.96 5.32 -27.21
CA GLU D 247 -14.98 4.45 -27.84
C GLU D 247 -13.58 4.91 -27.41
N PRO D 248 -12.52 4.17 -27.77
CA PRO D 248 -11.18 4.55 -27.33
C PRO D 248 -10.86 6.02 -27.59
N SER D 249 -10.33 6.68 -26.55
CA SER D 249 -10.09 8.12 -26.60
C SER D 249 -9.15 8.52 -27.74
N ILE D 250 -8.22 7.65 -28.12
CA ILE D 250 -7.25 7.99 -29.17
C ILE D 250 -7.97 8.32 -30.47
N SER D 251 -8.86 7.41 -30.89
CA SER D 251 -9.61 7.61 -32.12
C SER D 251 -10.61 8.74 -31.98
N SER D 252 -11.21 8.86 -30.79
CA SER D 252 -12.24 9.86 -30.58
C SER D 252 -11.65 11.27 -30.65
N VAL D 253 -10.48 11.46 -30.05
CA VAL D 253 -9.82 12.77 -30.06
C VAL D 253 -9.43 13.17 -31.47
N LYS D 254 -8.85 12.23 -32.23
CA LYS D 254 -8.45 12.54 -33.60
C LYS D 254 -9.65 12.83 -34.48
N TYR D 255 -10.77 12.14 -34.24
CA TYR D 255 -12.00 12.47 -34.94
C TYR D 255 -12.47 13.89 -34.60
N ALA D 256 -12.45 14.25 -33.31
CA ALA D 256 -12.93 15.57 -32.92
C ALA D 256 -12.04 16.67 -33.50
N LEU D 257 -10.73 16.43 -33.54
CA LEU D 257 -9.82 17.42 -34.12
C LEU D 257 -10.13 17.68 -35.59
N SER D 258 -10.30 16.61 -36.37
CA SER D 258 -10.65 16.80 -37.79
C SER D 258 -11.94 17.59 -37.93
N ARG D 259 -12.98 17.21 -37.18
CA ARG D 259 -14.24 17.94 -37.22
C ARG D 259 -14.08 19.41 -36.86
N LEU D 260 -13.05 19.77 -36.11
CA LEU D 260 -12.74 21.18 -35.88
C LEU D 260 -11.96 21.80 -37.04
N GLY D 261 -11.50 20.99 -37.98
CA GLY D 261 -10.70 21.49 -39.08
C GLY D 261 -9.21 21.56 -38.82
N ARG D 262 -8.73 20.98 -37.72
CA ARG D 262 -7.30 20.98 -37.46
C ARG D 262 -6.57 20.05 -38.44
N ASN D 263 -5.29 20.33 -38.65
CA ASN D 263 -4.46 19.54 -39.56
C ASN D 263 -4.02 18.27 -38.83
N VAL D 264 -5.00 17.38 -38.61
CA VAL D 264 -4.75 16.12 -37.91
C VAL D 264 -5.45 15.00 -38.66
N SER D 265 -4.67 14.01 -39.09
CA SER D 265 -5.19 12.81 -39.74
C SER D 265 -6.01 11.96 -38.77
N LEU D 266 -6.87 11.11 -39.34
CA LEU D 266 -7.65 10.16 -38.57
C LEU D 266 -6.88 8.88 -38.25
N VAL D 267 -5.70 8.69 -38.82
CA VAL D 267 -5.00 7.42 -38.75
C VAL D 267 -4.59 7.11 -37.31
N VAL D 268 -4.80 5.85 -36.90
CA VAL D 268 -4.29 5.29 -35.65
C VAL D 268 -3.70 3.93 -35.97
N ARG D 269 -2.96 3.37 -35.01
CA ARG D 269 -2.24 2.12 -35.22
C ARG D 269 -2.94 0.95 -34.52
N ALA D 270 -3.09 -0.15 -35.24
CA ALA D 270 -3.75 -1.32 -34.67
C ALA D 270 -3.02 -1.77 -33.41
N PRO D 271 -3.74 -2.26 -32.40
CA PRO D 271 -5.16 -2.63 -32.41
C PRO D 271 -6.18 -1.47 -32.21
N MET D 272 -5.76 -0.21 -32.12
CA MET D 272 -6.74 0.87 -32.19
C MET D 272 -7.23 1.00 -33.64
N VAL D 273 -8.52 1.37 -33.81
CA VAL D 273 -9.09 1.55 -35.15
C VAL D 273 -9.68 2.95 -35.27
N SER D 274 -9.68 3.46 -36.51
CA SER D 274 -10.17 4.80 -36.79
C SER D 274 -11.69 4.89 -36.82
N ILE D 275 -12.34 3.85 -37.32
CA ILE D 275 -13.78 3.93 -37.58
C ILE D 275 -14.55 3.98 -36.28
N LEU D 276 -15.46 4.95 -36.15
CA LEU D 276 -16.32 5.09 -35.00
C LEU D 276 -17.78 4.84 -35.39
N GLU D 277 -18.57 4.35 -34.44
CA GLU D 277 -20.00 4.17 -34.69
C GLU D 277 -20.66 5.51 -34.98
N LYS D 278 -21.78 5.47 -35.72
CA LYS D 278 -22.54 6.69 -35.99
C LYS D 278 -22.93 7.39 -34.70
N GLU D 279 -23.40 6.62 -33.72
CA GLU D 279 -23.87 7.20 -32.46
C GLU D 279 -22.74 7.87 -31.69
N THR D 280 -21.54 7.31 -31.78
CA THR D 280 -20.37 7.91 -31.14
C THR D 280 -20.03 9.25 -31.76
N MET D 281 -19.95 9.28 -33.10
CA MET D 281 -19.58 10.51 -33.78
C MET D 281 -20.56 11.62 -33.47
N PHE D 282 -21.84 11.28 -33.38
CA PHE D 282 -22.86 12.30 -33.12
C PHE D 282 -22.80 12.78 -31.68
N ALA D 283 -22.53 11.88 -30.73
CA ALA D 283 -22.34 12.32 -29.35
C ALA D 283 -21.15 13.29 -29.25
N ILE D 284 -20.08 13.02 -29.99
CA ILE D 284 -18.94 13.95 -30.00
C ILE D 284 -19.33 15.27 -30.68
N ASP D 285 -19.93 15.19 -31.87
CA ASP D 285 -20.40 16.39 -32.57
C ASP D 285 -21.26 17.28 -31.67
N GLN D 286 -22.21 16.66 -30.96
CA GLN D 286 -23.13 17.43 -30.12
C GLN D 286 -22.40 18.05 -28.93
N ALA D 287 -21.48 17.30 -28.32
CA ALA D 287 -20.66 17.85 -27.24
C ALA D 287 -19.82 19.02 -27.73
N LEU D 288 -19.30 18.94 -28.96
CA LEU D 288 -18.53 20.05 -29.50
C LEU D 288 -19.42 21.26 -29.80
N ASP D 289 -20.61 21.00 -30.36
CA ASP D 289 -21.56 22.08 -30.59
C ASP D 289 -21.96 22.76 -29.28
N HIS D 290 -22.02 22.00 -28.19
CA HIS D 290 -22.45 22.55 -26.89
C HIS D 290 -21.42 23.53 -26.33
N ILE D 291 -20.13 23.34 -26.63
CA ILE D 291 -19.12 24.33 -26.30
C ILE D 291 -18.89 25.28 -27.48
N GLY D 292 -19.82 25.31 -28.44
CA GLY D 292 -19.83 26.32 -29.47
C GLY D 292 -18.78 26.17 -30.55
N LEU D 293 -17.64 25.56 -30.21
CA LEU D 293 -16.43 25.50 -31.04
C LEU D 293 -16.74 25.36 -32.51
N CYS D 294 -17.79 24.64 -32.82
CA CYS D 294 -18.36 24.58 -34.15
C CYS D 294 -19.81 25.04 -34.01
N ALA D 295 -20.32 25.74 -35.04
CA ALA D 295 -21.61 26.39 -35.03
C ALA D 295 -21.57 27.70 -34.23
N GLY D 296 -20.59 28.54 -34.52
CA GLY D 296 -20.42 29.79 -33.78
C GLY D 296 -18.97 30.21 -33.73
N MET E 1 -28.47 -37.41 2.29
CA MET E 1 -28.69 -35.97 2.40
C MET E 1 -29.13 -35.38 1.07
N PHE E 2 -28.74 -34.14 0.84
CA PHE E 2 -29.10 -33.45 -0.38
C PHE E 2 -28.06 -33.75 -1.45
N GLN E 3 -28.54 -34.04 -2.65
CA GLN E 3 -27.69 -34.38 -3.79
C GLN E 3 -28.51 -34.20 -5.05
N ARG E 4 -27.81 -34.13 -6.19
CA ARG E 4 -28.43 -34.03 -7.52
C ARG E 4 -29.24 -32.76 -7.67
N SER E 5 -30.37 -32.81 -8.41
CA SER E 5 -31.08 -31.60 -8.82
C SER E 5 -32.12 -31.22 -7.78
N ILE E 6 -31.93 -30.06 -7.16
CA ILE E 6 -32.75 -29.54 -6.07
C ILE E 6 -33.27 -28.16 -6.48
N PRO E 7 -34.54 -28.05 -6.88
CA PRO E 7 -35.06 -26.74 -7.30
C PRO E 7 -35.15 -25.76 -6.14
N ALA E 8 -34.68 -24.54 -6.37
CA ALA E 8 -34.99 -23.39 -5.52
C ALA E 8 -36.36 -22.90 -5.93
N LEU E 9 -37.39 -23.32 -5.19
CA LEU E 9 -38.77 -23.21 -5.65
C LEU E 9 -39.21 -21.76 -5.78
N ILE E 10 -39.93 -21.45 -6.87
CA ILE E 10 -40.68 -20.20 -6.95
C ILE E 10 -41.83 -20.21 -5.94
N THR E 11 -42.29 -19.01 -5.58
CA THR E 11 -43.51 -18.86 -4.81
C THR E 11 -44.58 -18.23 -5.70
N PRO E 12 -45.57 -18.99 -6.16
CA PRO E 12 -46.61 -18.42 -7.04
C PRO E 12 -47.61 -17.59 -6.26
N PHE E 13 -48.05 -16.49 -6.87
CA PHE E 13 -49.00 -15.55 -6.28
C PHE E 13 -50.30 -15.53 -7.09
N THR E 14 -51.40 -15.20 -6.41
CA THR E 14 -52.68 -15.02 -7.09
C THR E 14 -52.77 -13.64 -7.71
N LYS E 15 -53.78 -13.46 -8.56
CA LYS E 15 -54.04 -12.15 -9.16
C LYS E 15 -54.26 -11.08 -8.09
N ASP E 16 -54.75 -11.46 -6.92
CA ASP E 16 -54.92 -10.55 -5.81
C ASP E 16 -53.72 -10.54 -4.86
N ASN E 17 -52.57 -11.04 -5.30
CA ASN E 17 -51.30 -10.95 -4.58
C ASN E 17 -51.30 -11.76 -3.28
N LEU E 18 -52.10 -12.80 -3.23
CA LEU E 18 -52.01 -13.80 -2.17
C LEU E 18 -51.18 -14.98 -2.65
N ILE E 19 -50.59 -15.72 -1.70
CA ILE E 19 -49.90 -16.96 -2.05
C ILE E 19 -50.89 -17.88 -2.76
N ASP E 20 -50.50 -18.39 -3.93
CA ASP E 20 -51.34 -19.34 -4.68
C ASP E 20 -51.01 -20.73 -4.18
N GLU E 21 -51.73 -21.17 -3.14
CA GLU E 21 -51.36 -22.41 -2.48
C GLU E 21 -51.59 -23.63 -3.36
N ASP E 22 -52.70 -23.63 -4.12
CA ASP E 22 -52.94 -24.72 -5.07
C ASP E 22 -51.80 -24.81 -6.07
N SER E 23 -51.41 -23.68 -6.65
CA SER E 23 -50.34 -23.66 -7.63
C SER E 23 -49.02 -24.10 -7.03
N PHE E 24 -48.75 -23.68 -5.80
CA PHE E 24 -47.50 -24.08 -5.14
C PHE E 24 -47.47 -25.60 -4.92
N VAL E 25 -48.58 -26.16 -4.45
CA VAL E 25 -48.67 -27.59 -4.21
C VAL E 25 -48.50 -28.36 -5.52
N ASP E 26 -49.17 -27.90 -6.59
CA ASP E 26 -49.05 -28.56 -7.88
C ASP E 26 -47.61 -28.51 -8.40
N HIS E 27 -46.93 -27.39 -8.20
CA HIS E 27 -45.54 -27.26 -8.63
C HIS E 27 -44.67 -28.30 -7.92
N ILE E 28 -44.83 -28.43 -6.61
CA ILE E 28 -44.05 -29.39 -5.84
C ILE E 28 -44.34 -30.82 -6.30
N GLU E 29 -45.63 -31.15 -6.51
CA GLU E 29 -45.98 -32.49 -6.96
C GLU E 29 -45.28 -32.82 -8.28
N TRP E 30 -45.29 -31.86 -9.21
CA TRP E 30 -44.70 -32.08 -10.52
C TRP E 30 -43.18 -32.21 -10.43
N GLN E 31 -42.54 -31.40 -9.58
CA GLN E 31 -41.10 -31.49 -9.39
C GLN E 31 -40.70 -32.88 -8.90
N ILE E 32 -41.41 -33.41 -7.89
CA ILE E 32 -41.09 -34.75 -7.39
C ILE E 32 -41.35 -35.77 -8.48
N SER E 33 -42.46 -35.65 -9.19
CA SER E 33 -42.79 -36.60 -10.24
C SER E 33 -41.71 -36.64 -11.32
N GLU E 34 -41.13 -35.49 -11.65
CA GLU E 34 -40.17 -35.42 -12.75
C GLU E 34 -38.75 -35.78 -12.33
N GLY E 35 -38.47 -35.95 -11.03
CA GLY E 35 -37.19 -36.46 -10.59
C GLY E 35 -36.30 -35.55 -9.75
N SER E 36 -36.80 -34.37 -9.37
CA SER E 36 -36.05 -33.54 -8.44
C SER E 36 -35.86 -34.28 -7.12
N SER E 37 -34.67 -34.16 -6.53
CA SER E 37 -34.26 -34.96 -5.39
C SER E 37 -34.47 -34.28 -4.04
N GLY E 38 -34.75 -32.98 -4.05
CA GLY E 38 -34.96 -32.23 -2.82
C GLY E 38 -35.60 -30.90 -3.18
N LEU E 39 -35.99 -30.16 -2.15
CA LEU E 39 -36.74 -28.93 -2.35
C LEU E 39 -36.21 -27.84 -1.43
N VAL E 40 -36.08 -26.63 -1.99
CA VAL E 40 -35.76 -25.44 -1.22
C VAL E 40 -36.91 -24.45 -1.39
N PRO E 41 -37.80 -24.36 -0.40
CA PRO E 41 -38.83 -23.32 -0.42
C PRO E 41 -38.36 -22.04 0.28
N ALA E 42 -39.00 -20.93 -0.10
CA ALA E 42 -38.76 -19.61 0.50
C ALA E 42 -37.27 -19.24 0.46
N GLY E 43 -36.61 -19.53 -0.65
CA GLY E 43 -35.27 -19.03 -0.93
C GLY E 43 -35.33 -17.79 -1.77
N THR E 44 -34.19 -17.47 -2.41
CA THR E 44 -34.12 -16.29 -3.27
C THR E 44 -35.10 -16.39 -4.44
N THR E 45 -35.06 -17.51 -5.16
CA THR E 45 -35.96 -17.73 -6.30
C THR E 45 -37.41 -17.85 -5.85
N GLY E 46 -37.65 -18.10 -4.56
CA GLY E 46 -38.97 -18.06 -3.97
C GLY E 46 -39.39 -16.71 -3.44
N GLU E 47 -38.66 -15.64 -3.80
CA GLU E 47 -39.02 -14.26 -3.46
C GLU E 47 -39.16 -14.04 -1.96
N SER E 48 -38.33 -14.72 -1.15
CA SER E 48 -38.42 -14.58 0.31
C SER E 48 -38.31 -13.12 0.77
N SER E 49 -37.60 -12.27 0.01
CA SER E 49 -37.45 -10.87 0.40
C SER E 49 -38.80 -10.14 0.43
N THR E 50 -39.78 -10.59 -0.33
CA THR E 50 -41.07 -9.89 -0.39
C THR E 50 -42.20 -10.69 0.26
N LEU E 51 -41.89 -11.78 0.96
CA LEU E 51 -42.88 -12.46 1.79
C LEU E 51 -42.86 -11.86 3.19
N SER E 52 -44.03 -11.82 3.82
CA SER E 52 -44.05 -11.51 5.24
C SER E 52 -43.49 -12.69 6.03
N TYR E 53 -43.22 -12.45 7.32
CA TYR E 53 -42.78 -13.54 8.18
C TYR E 53 -43.81 -14.66 8.18
N GLU E 54 -45.10 -14.31 8.27
CA GLU E 54 -46.15 -15.31 8.31
C GLU E 54 -46.22 -16.08 6.98
N GLU E 55 -46.12 -15.37 5.85
CA GLU E 55 -46.17 -16.02 4.55
C GLU E 55 -44.96 -16.93 4.33
N HIS E 56 -43.77 -16.46 4.75
CA HIS E 56 -42.56 -17.27 4.68
C HIS E 56 -42.74 -18.61 5.39
N CYS E 57 -43.21 -18.56 6.66
CA CYS E 57 -43.50 -19.78 7.40
C CYS E 57 -44.55 -20.63 6.70
N ARG E 58 -45.59 -20.01 6.16
CA ARG E 58 -46.65 -20.76 5.48
C ARG E 58 -46.10 -21.49 4.26
N VAL E 59 -45.18 -20.85 3.52
CA VAL E 59 -44.58 -21.48 2.34
C VAL E 59 -43.71 -22.67 2.75
N VAL E 60 -42.96 -22.53 3.85
CA VAL E 60 -42.18 -23.66 4.37
C VAL E 60 -43.11 -24.78 4.84
N GLU E 61 -44.11 -24.41 5.63
CA GLU E 61 -45.09 -25.38 6.12
C GLU E 61 -45.69 -26.19 4.98
N LEU E 62 -46.18 -25.50 3.94
CA LEU E 62 -46.86 -26.15 2.83
C LEU E 62 -45.92 -27.09 2.08
N CYS E 63 -44.66 -26.67 1.88
CA CYS E 63 -43.72 -27.47 1.12
C CYS E 63 -43.38 -28.75 1.87
N VAL E 64 -43.14 -28.67 3.18
CA VAL E 64 -42.91 -29.87 3.97
C VAL E 64 -44.10 -30.80 3.89
N LYS E 65 -45.31 -30.25 4.11
CA LYS E 65 -46.51 -31.07 4.12
C LYS E 65 -46.76 -31.72 2.76
N THR E 66 -46.53 -30.96 1.68
CA THR E 66 -46.76 -31.50 0.33
C THR E 66 -45.76 -32.59 -0.01
N ALA E 67 -44.49 -32.38 0.31
CA ALA E 67 -43.46 -33.38 0.06
C ALA E 67 -43.76 -34.66 0.81
N ALA E 68 -44.24 -34.54 2.05
CA ALA E 68 -44.64 -35.67 2.89
C ALA E 68 -43.52 -36.71 2.98
N GLY E 69 -42.29 -36.22 3.15
CA GLY E 69 -41.15 -37.10 3.33
C GLY E 69 -40.69 -37.83 2.08
N ARG E 70 -41.27 -37.55 0.91
CA ARG E 70 -40.82 -38.24 -0.30
C ARG E 70 -39.43 -37.77 -0.71
N VAL E 71 -39.15 -36.49 -0.50
CA VAL E 71 -37.83 -35.90 -0.72
C VAL E 71 -37.51 -34.96 0.42
N PRO E 72 -36.23 -34.75 0.71
CA PRO E 72 -35.87 -33.83 1.80
C PRO E 72 -36.15 -32.37 1.46
N VAL E 73 -36.51 -31.61 2.50
CA VAL E 73 -36.86 -30.20 2.36
C VAL E 73 -35.84 -29.37 3.12
N MET E 74 -35.19 -28.43 2.40
CA MET E 74 -34.22 -27.51 2.99
C MET E 74 -34.86 -26.11 2.99
N ALA E 75 -35.39 -25.72 4.15
CA ALA E 75 -36.10 -24.45 4.26
C ALA E 75 -35.13 -23.28 4.21
N GLY E 76 -35.47 -22.27 3.40
CA GLY E 76 -34.78 -21.00 3.48
C GLY E 76 -35.00 -20.34 4.83
N ALA E 77 -33.91 -19.93 5.47
CA ALA E 77 -33.96 -19.19 6.73
C ALA E 77 -33.00 -18.02 6.68
N GLY E 78 -32.81 -17.44 5.50
CA GLY E 78 -31.87 -16.37 5.34
C GLY E 78 -32.45 -15.04 5.79
N SER E 79 -31.62 -14.25 6.46
CA SER E 79 -31.95 -12.88 6.80
C SER E 79 -30.64 -12.15 7.03
N ASN E 80 -30.68 -10.82 6.91
CA ASN E 80 -29.55 -10.04 7.38
C ASN E 80 -29.68 -9.67 8.85
N ASN E 81 -30.67 -10.24 9.53
CA ASN E 81 -30.94 -10.00 10.95
C ASN E 81 -30.86 -11.35 11.66
N THR E 82 -29.85 -11.53 12.52
CA THR E 82 -29.64 -12.84 13.13
C THR E 82 -30.87 -13.31 13.90
N LYS E 83 -31.51 -12.38 14.63
CA LYS E 83 -32.71 -12.73 15.38
C LYS E 83 -33.83 -13.24 14.46
N GLU E 84 -34.01 -12.59 13.30
CA GLU E 84 -35.01 -13.07 12.33
C GLU E 84 -34.67 -14.45 11.81
N SER E 85 -33.39 -14.67 11.46
CA SER E 85 -32.95 -15.99 10.99
C SER E 85 -33.23 -17.08 12.02
N ILE E 86 -32.99 -16.77 13.30
CA ILE E 86 -33.24 -17.77 14.34
C ILE E 86 -34.72 -18.13 14.41
N GLU E 87 -35.59 -17.11 14.34
CA GLU E 87 -37.03 -17.38 14.40
C GLU E 87 -37.50 -18.17 13.18
N LEU E 88 -36.99 -17.83 11.99
CA LEU E 88 -37.33 -18.61 10.80
C LEU E 88 -36.82 -20.05 10.92
N ALA E 89 -35.59 -20.21 11.43
CA ALA E 89 -35.00 -21.55 11.52
C ALA E 89 -35.70 -22.40 12.56
N GLN E 90 -36.12 -21.80 13.68
CA GLN E 90 -36.86 -22.56 14.67
C GLN E 90 -38.23 -22.95 14.14
N TYR E 91 -38.89 -22.07 13.36
CA TYR E 91 -40.17 -22.46 12.78
C TYR E 91 -40.00 -23.60 11.79
N ALA E 92 -38.98 -23.53 10.93
CA ALA E 92 -38.74 -24.60 9.97
C ALA E 92 -38.47 -25.92 10.68
N GLN E 93 -37.64 -25.91 11.72
CA GLN E 93 -37.44 -27.13 12.50
C GLN E 93 -38.75 -27.64 13.10
N ASN E 94 -39.50 -26.76 13.76
CA ASN E 94 -40.73 -27.17 14.41
C ASN E 94 -41.78 -27.67 13.42
N THR E 95 -41.71 -27.26 12.15
CA THR E 95 -42.72 -27.69 11.20
C THR E 95 -42.32 -28.93 10.41
N GLY E 96 -41.11 -29.43 10.58
CA GLY E 96 -40.69 -30.69 9.97
C GLY E 96 -39.67 -30.59 8.85
N ALA E 97 -39.03 -29.44 8.65
CA ALA E 97 -37.99 -29.33 7.63
C ALA E 97 -36.80 -30.21 7.99
N ASP E 98 -36.05 -30.62 6.95
CA ASP E 98 -34.90 -31.49 7.16
C ASP E 98 -33.59 -30.74 7.30
N ALA E 99 -33.51 -29.51 6.81
CA ALA E 99 -32.27 -28.75 6.84
C ALA E 99 -32.62 -27.28 6.62
N LEU E 100 -31.61 -26.44 6.73
CA LEU E 100 -31.76 -25.00 6.58
C LEU E 100 -30.76 -24.45 5.56
N LEU E 101 -31.21 -23.48 4.78
CA LEU E 101 -30.35 -22.70 3.91
C LEU E 101 -30.25 -21.30 4.50
N VAL E 102 -29.04 -20.88 4.86
CA VAL E 102 -28.81 -19.62 5.57
C VAL E 102 -27.80 -18.81 4.77
N VAL E 103 -28.28 -17.76 4.10
CA VAL E 103 -27.42 -16.91 3.29
C VAL E 103 -26.51 -16.08 4.19
N VAL E 104 -25.31 -15.79 3.70
CA VAL E 104 -24.45 -14.76 4.24
C VAL E 104 -25.26 -13.47 4.29
N PRO E 105 -25.30 -12.74 5.42
CA PRO E 105 -26.14 -11.54 5.49
C PRO E 105 -25.83 -10.54 4.40
N TYR E 106 -26.87 -9.88 3.90
CA TYR E 106 -26.78 -8.91 2.81
C TYR E 106 -27.00 -7.50 3.36
N TYR E 107 -26.49 -6.53 2.60
CA TYR E 107 -26.67 -5.10 2.82
C TYR E 107 -25.86 -4.59 4.02
N ASN E 108 -26.01 -5.17 5.21
CA ASN E 108 -25.32 -4.56 6.35
C ASN E 108 -23.86 -4.98 6.46
N LYS E 109 -23.38 -5.89 5.60
CA LYS E 109 -21.95 -6.22 5.45
C LYS E 109 -21.23 -6.48 6.78
N PRO E 110 -21.57 -7.53 7.51
CA PRO E 110 -20.77 -7.92 8.68
C PRO E 110 -19.37 -8.34 8.28
N ASN E 111 -18.43 -8.23 9.23
CA ASN E 111 -17.08 -8.72 8.99
C ASN E 111 -17.01 -10.19 9.39
N LYS E 112 -15.80 -10.75 9.40
CA LYS E 112 -15.62 -12.17 9.69
C LYS E 112 -16.18 -12.53 11.07
N LYS E 113 -15.86 -11.71 12.09
CA LYS E 113 -16.42 -11.96 13.41
C LYS E 113 -17.94 -11.94 13.36
N GLY E 114 -18.51 -11.05 12.53
CA GLY E 114 -19.96 -11.02 12.39
C GLY E 114 -20.51 -12.29 11.78
N LEU E 115 -19.82 -12.83 10.77
CA LEU E 115 -20.26 -14.10 10.19
C LEU E 115 -20.20 -15.22 11.21
N LEU E 116 -19.12 -15.30 11.99
CA LEU E 116 -19.04 -16.35 13.01
C LEU E 116 -20.16 -16.20 14.03
N ALA E 117 -20.46 -14.98 14.46
CA ALA E 117 -21.54 -14.76 15.43
C ALA E 117 -22.91 -15.08 14.82
N HIS E 118 -23.10 -14.81 13.53
CA HIS E 118 -24.38 -15.07 12.87
C HIS E 118 -24.60 -16.56 12.69
N PHE E 119 -23.68 -17.24 12.00
CA PHE E 119 -23.91 -18.66 11.75
C PHE E 119 -23.79 -19.46 13.04
N GLY E 120 -22.96 -19.01 13.99
CA GLY E 120 -22.89 -19.68 15.28
C GLY E 120 -24.17 -19.55 16.10
N SER E 121 -24.76 -18.35 16.14
CA SER E 121 -26.00 -18.16 16.88
C SER E 121 -27.13 -19.01 16.31
N ILE E 122 -27.20 -19.14 14.98
CA ILE E 122 -28.23 -19.98 14.37
C ILE E 122 -27.95 -21.45 14.68
N ALA E 123 -26.71 -21.88 14.51
CA ALA E 123 -26.36 -23.28 14.74
C ALA E 123 -26.67 -23.72 16.17
N ASN E 124 -26.46 -22.83 17.15
CA ASN E 124 -26.76 -23.15 18.53
C ASN E 124 -28.25 -23.05 18.84
N ALA E 125 -29.04 -22.42 17.97
CA ALA E 125 -30.45 -22.24 18.21
C ALA E 125 -31.32 -23.38 17.69
N VAL E 126 -30.78 -24.24 16.82
CA VAL E 126 -31.52 -25.36 16.25
C VAL E 126 -30.62 -26.59 16.23
N SER E 127 -31.21 -27.76 16.01
CA SER E 127 -30.44 -28.98 15.82
C SER E 127 -30.41 -29.42 14.36
N LEU E 128 -31.15 -28.75 13.48
CA LEU E 128 -31.20 -29.11 12.08
C LEU E 128 -29.84 -28.88 11.42
N PRO E 129 -29.52 -29.66 10.38
CA PRO E 129 -28.34 -29.35 9.57
C PRO E 129 -28.51 -28.03 8.84
N ILE E 130 -27.40 -27.32 8.66
CA ILE E 130 -27.39 -25.96 8.09
C ILE E 130 -26.43 -25.92 6.91
N TYR E 131 -26.90 -25.32 5.81
CA TYR E 131 -26.11 -25.11 4.59
C TYR E 131 -25.81 -23.63 4.45
N ILE E 132 -24.53 -23.29 4.33
CA ILE E 132 -24.13 -21.90 4.12
C ILE E 132 -24.39 -21.52 2.65
N TYR E 133 -25.10 -20.42 2.44
CA TYR E 133 -25.38 -19.93 1.10
C TYR E 133 -24.43 -18.75 0.84
N ASN E 134 -23.38 -18.99 0.05
CA ASN E 134 -22.38 -17.97 -0.29
C ASN E 134 -22.73 -17.41 -1.68
N ASN E 135 -23.19 -16.17 -1.72
CA ASN E 135 -23.60 -15.53 -2.98
C ASN E 135 -23.19 -14.07 -2.98
N PRO E 136 -21.88 -13.80 -3.14
CA PRO E 136 -21.41 -12.41 -3.15
C PRO E 136 -22.00 -11.55 -4.26
N SER E 137 -22.45 -12.15 -5.38
CA SER E 137 -23.14 -11.34 -6.39
C SER E 137 -24.41 -10.69 -5.85
N ARG E 138 -24.94 -11.17 -4.74
CA ARG E 138 -26.09 -10.56 -4.09
C ARG E 138 -25.76 -9.93 -2.74
N THR E 139 -24.75 -10.45 -2.02
CA THR E 139 -24.45 -9.99 -0.67
C THR E 139 -23.26 -9.05 -0.58
N VAL E 140 -22.51 -8.88 -1.67
CA VAL E 140 -21.25 -8.12 -1.73
C VAL E 140 -20.13 -8.87 -1.01
N ILE E 141 -20.26 -9.06 0.30
CA ILE E 141 -19.23 -9.79 1.06
C ILE E 141 -19.26 -11.27 0.67
N GLU E 142 -18.09 -11.92 0.77
CA GLU E 142 -17.96 -13.34 0.47
C GLU E 142 -17.35 -14.03 1.69
N MET E 143 -17.96 -15.12 2.14
CA MET E 143 -17.36 -15.92 3.20
C MET E 143 -16.12 -16.60 2.64
N ASP E 144 -14.96 -16.38 3.29
CA ASP E 144 -13.75 -17.00 2.78
C ASP E 144 -13.62 -18.43 3.31
N VAL E 145 -12.64 -19.16 2.77
CA VAL E 145 -12.57 -20.57 3.06
C VAL E 145 -12.19 -20.82 4.53
N ASP E 146 -11.32 -19.96 5.09
CA ASP E 146 -10.93 -20.11 6.51
C ASP E 146 -12.13 -19.99 7.42
N THR E 147 -13.02 -19.03 7.14
CA THR E 147 -14.21 -18.86 7.96
C THR E 147 -15.11 -20.08 7.86
N MET E 148 -15.34 -20.54 6.64
CA MET E 148 -16.21 -21.69 6.41
C MET E 148 -15.65 -22.94 7.10
N ALA E 149 -14.34 -23.15 6.99
CA ALA E 149 -13.70 -24.25 7.71
C ALA E 149 -13.89 -24.10 9.22
N GLU E 150 -13.72 -22.89 9.75
CA GLU E 150 -13.86 -22.69 11.19
C GLU E 150 -15.27 -23.02 11.67
N LEU E 151 -16.30 -22.60 10.91
CA LEU E 151 -17.68 -22.91 11.27
C LEU E 151 -17.94 -24.42 11.21
N VAL E 152 -17.38 -25.10 10.21
CA VAL E 152 -17.57 -26.54 10.10
C VAL E 152 -16.97 -27.25 11.31
N LYS E 153 -15.74 -26.87 11.70
CA LYS E 153 -15.09 -27.54 12.81
C LYS E 153 -15.71 -27.17 14.15
N THR E 154 -16.28 -25.96 14.27
CA THR E 154 -16.83 -25.51 15.55
C THR E 154 -18.24 -26.05 15.80
N TYR E 155 -19.05 -26.14 14.74
CA TYR E 155 -20.46 -26.53 14.86
C TYR E 155 -20.71 -27.76 14.01
N SER E 156 -21.17 -28.84 14.64
CA SER E 156 -21.35 -30.08 13.92
C SER E 156 -22.56 -30.05 13.01
N ASN E 157 -23.54 -29.17 13.26
CA ASN E 157 -24.71 -29.09 12.41
C ASN E 157 -24.57 -28.05 11.29
N ILE E 158 -23.36 -27.54 11.06
CA ILE E 158 -23.06 -26.79 9.84
C ILE E 158 -22.36 -27.76 8.90
N VAL E 159 -23.08 -28.21 7.87
CA VAL E 159 -22.71 -29.42 7.14
C VAL E 159 -22.40 -29.18 5.68
N GLY E 160 -22.77 -28.05 5.09
CA GLY E 160 -22.63 -27.89 3.66
C GLY E 160 -22.69 -26.45 3.21
N VAL E 161 -22.69 -26.26 1.90
CA VAL E 161 -22.65 -24.93 1.29
C VAL E 161 -23.42 -24.97 -0.02
N LYS E 162 -24.18 -23.90 -0.28
CA LYS E 162 -24.70 -23.59 -1.61
C LYS E 162 -23.74 -22.55 -2.17
N ASP E 163 -22.87 -22.96 -3.09
CA ASP E 163 -21.78 -22.12 -3.58
C ASP E 163 -22.23 -21.51 -4.90
N ALA E 164 -22.69 -20.26 -4.84
CA ALA E 164 -23.19 -19.54 -6.00
C ALA E 164 -22.16 -18.62 -6.63
N THR E 165 -20.88 -18.75 -6.25
CA THR E 165 -19.85 -17.91 -6.85
C THR E 165 -19.61 -18.23 -8.32
N GLY E 166 -19.81 -19.50 -8.72
CA GLY E 166 -19.45 -19.87 -10.07
C GLY E 166 -17.96 -19.91 -10.35
N ARG E 167 -17.11 -19.83 -9.31
CA ARG E 167 -15.66 -19.97 -9.42
C ARG E 167 -15.28 -21.30 -8.82
N ILE E 168 -15.21 -22.35 -9.66
CA ILE E 168 -15.15 -23.71 -9.15
C ILE E 168 -13.83 -24.03 -8.49
N GLU E 169 -12.79 -23.20 -8.66
CA GLU E 169 -11.59 -23.36 -7.86
C GLU E 169 -11.91 -23.32 -6.38
N LEU E 170 -12.97 -22.58 -5.99
CA LEU E 170 -13.34 -22.54 -4.57
C LEU E 170 -13.91 -23.87 -4.09
N ALA E 171 -14.49 -24.66 -5.01
CA ALA E 171 -14.96 -25.99 -4.64
C ALA E 171 -13.80 -26.88 -4.22
N SER E 172 -12.64 -26.74 -4.88
CA SER E 172 -11.45 -27.51 -4.50
C SER E 172 -10.91 -27.04 -3.16
N GLY E 173 -10.83 -25.73 -2.94
CA GLY E 173 -10.34 -25.22 -1.67
C GLY E 173 -11.26 -25.57 -0.53
N GLN E 174 -12.57 -25.55 -0.77
CA GLN E 174 -13.53 -25.90 0.28
C GLN E 174 -13.50 -27.40 0.58
N ARG E 175 -13.27 -28.22 -0.45
CA ARG E 175 -13.13 -29.67 -0.27
C ARG E 175 -11.93 -30.00 0.62
N ILE E 176 -10.79 -29.35 0.36
CA ILE E 176 -9.58 -29.61 1.15
C ILE E 176 -9.70 -29.04 2.55
N ALA E 177 -10.25 -27.82 2.68
CA ALA E 177 -10.24 -27.16 3.98
C ALA E 177 -11.34 -27.65 4.92
N CYS E 178 -12.51 -28.01 4.40
CA CYS E 178 -13.63 -28.48 5.21
C CYS E 178 -13.75 -29.99 5.25
N GLY E 179 -13.05 -30.70 4.38
CA GLY E 179 -13.13 -32.15 4.30
C GLY E 179 -14.04 -32.61 3.18
N SER E 180 -13.80 -33.85 2.73
CA SER E 180 -14.64 -34.42 1.69
C SER E 180 -16.03 -34.79 2.19
N ASP E 181 -16.27 -34.80 3.50
CA ASP E 181 -17.61 -35.01 4.06
C ASP E 181 -18.47 -33.76 4.01
N PHE E 182 -17.86 -32.60 3.81
CA PHE E 182 -18.58 -31.35 3.60
C PHE E 182 -19.41 -31.45 2.33
N ILE E 183 -20.71 -31.15 2.44
CA ILE E 183 -21.64 -31.35 1.34
C ILE E 183 -21.68 -30.07 0.51
N GLN E 184 -21.11 -30.11 -0.69
CA GLN E 184 -21.07 -28.94 -1.57
C GLN E 184 -22.14 -29.05 -2.64
N LEU E 185 -22.99 -28.03 -2.72
CA LEU E 185 -24.03 -27.93 -3.74
C LEU E 185 -23.79 -26.68 -4.55
N SER E 186 -23.84 -26.79 -5.88
CA SER E 186 -23.65 -25.62 -6.74
C SER E 186 -24.86 -24.71 -6.64
N GLY E 187 -24.59 -23.40 -6.57
CA GLY E 187 -25.67 -22.41 -6.64
C GLY E 187 -25.66 -21.65 -7.95
N ASP E 188 -25.09 -22.25 -8.99
CA ASP E 188 -24.90 -21.60 -10.29
C ASP E 188 -25.12 -22.65 -11.38
N ASP E 189 -26.28 -22.60 -12.03
CA ASP E 189 -26.66 -23.65 -12.97
C ASP E 189 -25.62 -23.83 -14.07
N SER E 190 -25.09 -22.73 -14.62
CA SER E 190 -24.22 -22.82 -15.79
C SER E 190 -22.88 -23.47 -15.49
N SER E 191 -22.45 -23.52 -14.23
CA SER E 191 -21.18 -24.16 -13.88
C SER E 191 -21.35 -25.38 -12.98
N ALA E 192 -22.60 -25.83 -12.75
CA ALA E 192 -22.86 -26.98 -11.89
C ALA E 192 -22.09 -28.24 -12.31
N LEU E 193 -21.85 -28.41 -13.61
CA LEU E 193 -21.16 -29.61 -14.09
C LEU E 193 -19.71 -29.65 -13.61
N GLY E 194 -18.96 -28.56 -13.85
CA GLY E 194 -17.59 -28.50 -13.37
C GLY E 194 -17.53 -28.50 -11.85
N PHE E 195 -18.51 -27.85 -11.21
CA PHE E 195 -18.57 -27.84 -9.75
C PHE E 195 -18.60 -29.25 -9.17
N ASN E 196 -19.32 -30.17 -9.83
CA ASN E 196 -19.43 -31.52 -9.28
C ASN E 196 -18.13 -32.30 -9.44
N VAL E 197 -17.45 -32.17 -10.58
CA VAL E 197 -16.20 -32.92 -10.76
C VAL E 197 -15.09 -32.39 -9.84
N HIS E 198 -15.23 -31.17 -9.31
CA HIS E 198 -14.33 -30.67 -8.27
C HIS E 198 -14.74 -31.10 -6.86
N GLY E 199 -15.84 -31.84 -6.70
CA GLY E 199 -16.21 -32.31 -5.38
C GLY E 199 -17.67 -32.11 -5.01
N GLY E 200 -18.41 -31.34 -5.81
CA GLY E 200 -19.83 -31.14 -5.54
C GLY E 200 -20.63 -32.40 -5.76
N VAL E 201 -21.81 -32.46 -5.12
CA VAL E 201 -22.71 -33.58 -5.25
C VAL E 201 -24.09 -33.19 -5.76
N GLY E 202 -24.29 -31.91 -6.10
CA GLY E 202 -25.60 -31.49 -6.57
C GLY E 202 -25.62 -30.01 -6.87
N CYS E 203 -26.82 -29.54 -7.18
CA CYS E 203 -27.03 -28.11 -7.52
C CYS E 203 -28.41 -27.67 -7.05
N ILE E 204 -28.47 -26.58 -6.29
CA ILE E 204 -29.75 -25.94 -5.91
C ILE E 204 -29.99 -25.00 -7.10
N SER E 205 -30.91 -25.42 -7.96
CA SER E 205 -31.10 -24.91 -9.33
C SER E 205 -32.30 -23.98 -9.54
N VAL E 206 -32.11 -23.00 -10.42
CA VAL E 206 -33.20 -22.08 -10.82
C VAL E 206 -33.89 -22.77 -11.99
N THR E 207 -33.08 -23.28 -12.92
CA THR E 207 -33.62 -23.86 -14.14
C THR E 207 -34.49 -25.09 -13.84
N ALA E 208 -34.15 -25.86 -12.80
CA ALA E 208 -34.96 -27.03 -12.42
C ALA E 208 -36.43 -26.69 -12.22
N ASN E 209 -36.76 -25.44 -11.88
CA ASN E 209 -38.16 -25.02 -11.82
C ASN E 209 -38.86 -25.24 -13.15
N VAL E 210 -38.13 -25.05 -14.26
CA VAL E 210 -38.72 -25.01 -15.59
C VAL E 210 -38.57 -26.35 -16.31
N ALA E 211 -37.44 -27.03 -16.11
CA ALA E 211 -37.11 -28.27 -16.82
C ALA E 211 -36.65 -29.31 -15.81
N PRO E 212 -37.52 -29.72 -14.89
CA PRO E 212 -37.05 -30.60 -13.81
C PRO E 212 -36.53 -31.95 -14.30
N ARG E 213 -37.17 -32.55 -15.31
CA ARG E 213 -36.77 -33.88 -15.73
C ARG E 213 -35.37 -33.90 -16.32
N ILE E 214 -35.07 -32.97 -17.23
CA ILE E 214 -33.77 -32.99 -17.88
C ILE E 214 -32.66 -32.54 -16.93
N CYS E 215 -32.98 -31.63 -16.00
CA CYS E 215 -32.03 -31.28 -14.95
C CYS E 215 -31.70 -32.49 -14.09
N ALA E 216 -32.70 -33.31 -13.78
CA ALA E 216 -32.47 -34.53 -13.00
C ALA E 216 -31.65 -35.55 -13.79
N GLU E 217 -31.99 -35.77 -15.07
CA GLU E 217 -31.20 -36.65 -15.92
C GLU E 217 -29.75 -36.18 -16.00
N PHE E 218 -29.55 -34.86 -16.09
CA PHE E 218 -28.21 -34.28 -16.14
C PHE E 218 -27.41 -34.61 -14.87
N GLN E 219 -28.00 -34.39 -13.70
CA GLN E 219 -27.31 -34.74 -12.46
C GLN E 219 -27.13 -36.25 -12.32
N LYS E 220 -28.09 -37.05 -12.81
CA LYS E 220 -27.95 -38.50 -12.74
C LYS E 220 -26.75 -38.97 -13.56
N ALA E 221 -26.59 -38.43 -14.77
CA ALA E 221 -25.45 -38.74 -15.61
C ALA E 221 -24.12 -38.45 -14.90
N ILE E 222 -24.04 -37.31 -14.21
CA ILE E 222 -22.83 -37.01 -13.43
C ILE E 222 -22.67 -38.00 -12.30
N SER E 223 -23.77 -38.31 -11.59
CA SER E 223 -23.71 -39.24 -10.47
C SER E 223 -23.11 -40.58 -10.90
N GLU E 224 -23.48 -41.05 -12.10
CA GLU E 224 -22.98 -42.30 -12.63
C GLU E 224 -21.64 -42.16 -13.34
N GLY E 225 -21.01 -40.99 -13.26
CA GLY E 225 -19.75 -40.78 -13.95
C GLY E 225 -19.82 -40.91 -15.46
N ASP E 226 -21.00 -40.71 -16.06
CA ASP E 226 -21.12 -40.66 -17.52
C ASP E 226 -20.95 -39.20 -17.95
N TYR E 227 -19.69 -38.76 -17.89
CA TYR E 227 -19.42 -37.34 -18.11
C TYR E 227 -19.54 -36.96 -19.58
N ARG E 228 -19.40 -37.91 -20.50
CA ARG E 228 -19.69 -37.61 -21.90
C ARG E 228 -21.16 -37.28 -22.10
N GLN E 229 -22.05 -38.00 -21.41
CA GLN E 229 -23.48 -37.72 -21.53
C GLN E 229 -23.86 -36.42 -20.82
N ALA E 230 -23.28 -36.19 -19.64
CA ALA E 230 -23.55 -34.94 -18.91
C ALA E 230 -23.20 -33.72 -19.76
N LEU E 231 -22.12 -33.81 -20.55
CA LEU E 231 -21.73 -32.71 -21.43
C LEU E 231 -22.74 -32.52 -22.54
N GLU E 232 -23.38 -33.60 -23.01
CA GLU E 232 -24.46 -33.44 -23.98
C GLU E 232 -25.64 -32.70 -23.36
N TYR E 233 -26.00 -33.06 -22.12
CA TYR E 233 -27.07 -32.36 -21.43
C TYR E 233 -26.70 -30.91 -21.15
N GLN E 234 -25.44 -30.66 -20.79
CA GLN E 234 -24.97 -29.30 -20.56
C GLN E 234 -25.20 -28.44 -21.79
N ASP E 235 -24.81 -28.94 -22.97
CA ASP E 235 -24.97 -28.16 -24.19
C ASP E 235 -26.44 -27.89 -24.51
N LYS E 236 -27.33 -28.82 -24.09
CA LYS E 236 -28.76 -28.62 -24.29
C LYS E 236 -29.31 -27.60 -23.30
N LEU E 237 -28.87 -27.66 -22.05
CA LEU E 237 -29.42 -26.84 -20.97
C LEU E 237 -28.78 -25.46 -20.86
N PHE E 238 -27.53 -25.30 -21.33
CA PHE E 238 -26.83 -24.02 -21.15
C PHE E 238 -27.61 -22.84 -21.70
N PRO E 239 -28.15 -22.86 -22.93
CA PRO E 239 -28.91 -21.70 -23.40
C PRO E 239 -30.10 -21.35 -22.51
N LEU E 240 -30.76 -22.35 -21.91
CA LEU E 240 -31.87 -22.04 -21.00
C LEU E 240 -31.36 -21.48 -19.68
N HIS E 241 -30.31 -22.07 -19.11
CA HIS E 241 -29.64 -21.46 -17.95
C HIS E 241 -29.39 -19.98 -18.22
N GLN E 242 -28.81 -19.66 -19.37
CA GLN E 242 -28.43 -18.27 -19.66
C GLN E 242 -29.66 -17.40 -19.92
N ALA E 243 -30.63 -17.91 -20.68
CA ALA E 243 -31.80 -17.11 -21.03
C ALA E 243 -32.60 -16.71 -19.79
N LEU E 244 -32.61 -17.56 -18.76
CA LEU E 244 -33.43 -17.30 -17.58
C LEU E 244 -32.88 -16.21 -16.67
N PHE E 245 -31.67 -15.67 -16.89
CA PHE E 245 -31.23 -14.53 -16.10
C PHE E 245 -30.80 -13.34 -16.97
N ILE E 246 -31.27 -13.25 -18.21
CA ILE E 246 -31.17 -11.99 -18.95
C ILE E 246 -31.81 -10.86 -18.15
N GLU E 247 -33.01 -11.12 -17.62
CA GLU E 247 -33.72 -10.27 -16.67
C GLU E 247 -33.90 -11.08 -15.40
N PRO E 248 -34.38 -10.51 -14.29
CA PRO E 248 -34.47 -11.29 -13.04
C PRO E 248 -35.11 -12.66 -13.24
N SER E 249 -34.45 -13.69 -12.70
CA SER E 249 -34.87 -15.07 -12.94
C SER E 249 -36.26 -15.36 -12.39
N ILE E 250 -36.71 -14.64 -11.39
CA ILE E 250 -38.03 -14.88 -10.79
C ILE E 250 -39.11 -14.64 -11.82
N SER E 251 -39.04 -13.48 -12.48
CA SER E 251 -39.94 -13.16 -13.57
C SER E 251 -39.76 -14.11 -14.75
N SER E 252 -38.51 -14.46 -15.05
CA SER E 252 -38.22 -15.27 -16.23
C SER E 252 -38.75 -16.69 -16.06
N VAL E 253 -38.63 -17.24 -14.85
CA VAL E 253 -39.10 -18.59 -14.60
C VAL E 253 -40.62 -18.66 -14.66
N LYS E 254 -41.30 -17.69 -14.05
CA LYS E 254 -42.76 -17.70 -14.07
C LYS E 254 -43.30 -17.51 -15.49
N TYR E 255 -42.65 -16.65 -16.28
CA TYR E 255 -43.03 -16.55 -17.69
C TYR E 255 -42.90 -17.89 -18.39
N ALA E 256 -41.78 -18.58 -18.15
CA ALA E 256 -41.55 -19.88 -18.79
C ALA E 256 -42.60 -20.89 -18.38
N LEU E 257 -42.88 -20.97 -17.07
CA LEU E 257 -43.88 -21.94 -16.60
C LEU E 257 -45.26 -21.65 -17.17
N SER E 258 -45.62 -20.37 -17.28
CA SER E 258 -46.92 -20.01 -17.85
C SER E 258 -47.01 -20.45 -19.31
N ARG E 259 -45.96 -20.17 -20.09
CA ARG E 259 -45.92 -20.59 -21.49
C ARG E 259 -46.05 -22.10 -21.61
N LEU E 260 -45.39 -22.86 -20.72
CA LEU E 260 -45.45 -24.32 -20.75
C LEU E 260 -46.80 -24.88 -20.32
N GLY E 261 -47.74 -24.05 -19.87
CA GLY E 261 -49.06 -24.52 -19.49
C GLY E 261 -49.25 -24.90 -18.03
N ARG E 262 -48.20 -24.80 -17.21
CA ARG E 262 -48.34 -25.00 -15.78
C ARG E 262 -49.28 -23.94 -15.19
N ASN E 263 -49.99 -24.28 -14.12
CA ASN E 263 -50.90 -23.30 -13.54
C ASN E 263 -50.09 -22.41 -12.59
N VAL E 264 -49.37 -21.46 -13.19
CA VAL E 264 -48.55 -20.49 -12.46
C VAL E 264 -48.80 -19.12 -13.06
N SER E 265 -49.23 -18.17 -12.24
CA SER E 265 -49.47 -16.82 -12.74
C SER E 265 -48.15 -16.06 -12.90
N LEU E 266 -48.18 -15.01 -13.74
CA LEU E 266 -47.00 -14.20 -13.95
C LEU E 266 -46.68 -13.28 -12.78
N VAL E 267 -47.56 -13.21 -11.78
CA VAL E 267 -47.47 -12.18 -10.74
C VAL E 267 -46.21 -12.36 -9.93
N VAL E 268 -45.48 -11.26 -9.74
CA VAL E 268 -44.36 -11.15 -8.82
C VAL E 268 -44.58 -9.91 -7.96
N ARG E 269 -43.75 -9.76 -6.93
CA ARG E 269 -43.93 -8.66 -5.98
C ARG E 269 -42.85 -7.60 -6.16
N ALA E 270 -43.27 -6.34 -6.18
CA ALA E 270 -42.35 -5.24 -6.31
C ALA E 270 -41.30 -5.30 -5.19
N PRO E 271 -40.03 -5.00 -5.49
CA PRO E 271 -39.55 -4.34 -6.71
C PRO E 271 -39.31 -5.24 -7.94
N MET E 272 -39.67 -6.52 -7.92
CA MET E 272 -39.66 -7.30 -9.15
C MET E 272 -40.87 -6.93 -10.00
N VAL E 273 -40.74 -7.06 -11.32
CA VAL E 273 -41.85 -6.83 -12.23
C VAL E 273 -41.98 -8.03 -13.16
N SER E 274 -43.20 -8.29 -13.64
CA SER E 274 -43.41 -9.42 -14.53
C SER E 274 -43.16 -9.07 -16.00
N ILE E 275 -43.26 -7.80 -16.38
CA ILE E 275 -43.05 -7.41 -17.78
C ILE E 275 -41.63 -7.74 -18.19
N LEU E 276 -41.48 -8.56 -19.25
CA LEU E 276 -40.17 -8.85 -19.84
C LEU E 276 -40.08 -8.24 -21.25
N GLU E 277 -38.87 -7.85 -21.65
CA GLU E 277 -38.65 -7.41 -23.02
C GLU E 277 -38.95 -8.54 -24.00
N LYS E 278 -39.39 -8.17 -25.20
CA LYS E 278 -39.70 -9.18 -26.22
C LYS E 278 -38.48 -10.04 -26.55
N GLU E 279 -37.30 -9.42 -26.59
CA GLU E 279 -36.08 -10.15 -26.92
C GLU E 279 -35.75 -11.17 -25.85
N THR E 280 -36.01 -10.83 -24.59
CA THR E 280 -35.86 -11.79 -23.49
C THR E 280 -36.81 -12.95 -23.65
N MET E 281 -38.08 -12.66 -23.95
CA MET E 281 -39.05 -13.73 -24.13
C MET E 281 -38.66 -14.62 -25.31
N PHE E 282 -38.21 -14.02 -26.42
CA PHE E 282 -37.75 -14.80 -27.57
C PHE E 282 -36.62 -15.74 -27.16
N ALA E 283 -35.60 -15.22 -26.45
CA ALA E 283 -34.48 -16.06 -26.05
C ALA E 283 -34.92 -17.24 -25.20
N ILE E 284 -35.85 -17.01 -24.26
CA ILE E 284 -36.34 -18.11 -23.42
C ILE E 284 -37.08 -19.13 -24.27
N ASP E 285 -37.95 -18.65 -25.18
CA ASP E 285 -38.70 -19.55 -26.06
C ASP E 285 -37.77 -20.42 -26.91
N GLN E 286 -36.76 -19.81 -27.53
CA GLN E 286 -35.84 -20.59 -28.36
C GLN E 286 -35.10 -21.63 -27.54
N ALA E 287 -34.75 -21.29 -26.29
CA ALA E 287 -34.03 -22.25 -25.45
C ALA E 287 -34.96 -23.37 -24.97
N LEU E 288 -36.23 -23.05 -24.71
CA LEU E 288 -37.19 -24.10 -24.37
C LEU E 288 -37.44 -25.01 -25.56
N ASP E 289 -37.55 -24.44 -26.76
CA ASP E 289 -37.84 -25.24 -27.94
C ASP E 289 -36.65 -26.12 -28.34
N HIS E 290 -35.43 -25.62 -28.15
CA HIS E 290 -34.24 -26.42 -28.43
C HIS E 290 -34.17 -27.65 -27.53
N ILE E 291 -34.72 -27.55 -26.32
CA ILE E 291 -34.84 -28.70 -25.44
C ILE E 291 -36.07 -29.54 -25.77
N GLY E 292 -37.08 -28.92 -26.38
CA GLY E 292 -38.27 -29.64 -26.81
C GLY E 292 -39.30 -29.79 -25.71
N LEU E 293 -39.56 -28.74 -24.95
CA LEU E 293 -40.34 -28.86 -23.72
C LEU E 293 -41.82 -28.55 -23.88
N CYS E 294 -42.22 -27.89 -24.97
CA CYS E 294 -43.63 -27.52 -25.16
C CYS E 294 -44.42 -28.73 -25.63
N ALA E 295 -45.40 -29.17 -24.81
CA ALA E 295 -46.13 -30.40 -25.10
C ALA E 295 -46.93 -30.30 -26.40
N GLY E 296 -47.47 -29.12 -26.70
CA GLY E 296 -48.31 -28.95 -27.87
C GLY E 296 -47.58 -29.04 -29.20
N MET F 1 -4.05 -31.80 -31.65
CA MET F 1 -2.63 -31.46 -31.78
C MET F 1 -2.09 -30.98 -30.45
N PHE F 2 -2.80 -30.03 -29.84
CA PHE F 2 -2.47 -29.56 -28.50
C PHE F 2 -3.54 -30.11 -27.56
N GLN F 3 -3.09 -30.83 -26.54
CA GLN F 3 -3.96 -31.45 -25.56
C GLN F 3 -3.16 -31.76 -24.31
N ARG F 4 -3.86 -32.05 -23.23
CA ARG F 4 -3.28 -32.49 -21.95
C ARG F 4 -2.36 -31.39 -21.41
N SER F 5 -1.21 -31.74 -20.82
CA SER F 5 -0.43 -30.82 -20.00
C SER F 5 0.61 -30.11 -20.87
N ILE F 6 0.54 -28.79 -20.94
CA ILE F 6 1.38 -27.97 -21.80
C ILE F 6 2.01 -26.88 -20.94
N PRO F 7 3.30 -26.93 -20.63
CA PRO F 7 3.91 -25.89 -19.79
C PRO F 7 4.01 -24.56 -20.51
N ALA F 8 3.64 -23.50 -19.79
CA ALA F 8 4.02 -22.15 -20.17
C ALA F 8 5.45 -21.94 -19.65
N LEU F 9 6.43 -22.14 -20.52
CA LEU F 9 7.81 -22.31 -20.07
C LEU F 9 8.39 -21.02 -19.49
N ILE F 10 9.10 -21.16 -18.36
CA ILE F 10 9.93 -20.05 -17.86
C ILE F 10 11.09 -19.79 -18.81
N THR F 11 11.64 -18.58 -18.74
CA THR F 11 12.90 -18.29 -19.39
C THR F 11 13.97 -18.10 -18.32
N PRO F 12 14.87 -19.06 -18.14
CA PRO F 12 15.94 -18.90 -17.15
C PRO F 12 16.97 -17.90 -17.64
N PHE F 13 17.55 -17.17 -16.68
CA PHE F 13 18.59 -16.19 -16.98
C PHE F 13 19.85 -16.54 -16.18
N THR F 14 21.01 -16.13 -16.70
CA THR F 14 22.25 -16.30 -15.97
C THR F 14 22.37 -15.24 -14.87
N LYS F 15 23.41 -15.40 -14.04
CA LYS F 15 23.75 -14.38 -13.05
C LYS F 15 24.05 -13.05 -13.71
N ASP F 16 24.49 -13.07 -14.98
CA ASP F 16 24.76 -11.87 -15.76
C ASP F 16 23.55 -11.42 -16.57
N ASN F 17 22.34 -11.87 -16.22
CA ASN F 17 21.10 -11.43 -16.87
C ASN F 17 21.11 -11.70 -18.37
N LEU F 18 21.83 -12.72 -18.83
CA LEU F 18 21.69 -13.22 -20.18
C LEU F 18 20.76 -14.43 -20.17
N ILE F 19 20.24 -14.78 -21.36
CA ILE F 19 19.45 -16.00 -21.49
C ILE F 19 20.31 -17.20 -21.13
N ASP F 20 19.84 -18.01 -20.18
CA ASP F 20 20.56 -19.22 -19.80
C ASP F 20 20.10 -20.34 -20.72
N GLU F 21 20.77 -20.46 -21.89
CA GLU F 21 20.30 -21.36 -22.94
C GLU F 21 20.43 -22.82 -22.52
N ASP F 22 21.56 -23.18 -21.91
CA ASP F 22 21.75 -24.55 -21.41
C ASP F 22 20.63 -24.94 -20.45
N SER F 23 20.34 -24.07 -19.49
CA SER F 23 19.27 -24.32 -18.55
C SER F 23 17.92 -24.45 -19.24
N PHE F 24 17.64 -23.56 -20.19
CA PHE F 24 16.37 -23.62 -20.94
C PHE F 24 16.25 -24.93 -21.73
N VAL F 25 17.33 -25.35 -22.40
CA VAL F 25 17.31 -26.61 -23.14
C VAL F 25 17.05 -27.78 -22.19
N ASP F 26 17.77 -27.82 -21.07
CA ASP F 26 17.59 -28.89 -20.09
C ASP F 26 16.17 -28.92 -19.56
N HIS F 27 15.59 -27.74 -19.32
CA HIS F 27 14.21 -27.67 -18.86
C HIS F 27 13.26 -28.27 -19.90
N ILE F 28 13.46 -27.95 -21.19
CA ILE F 28 12.60 -28.48 -22.23
C ILE F 28 12.76 -30.00 -22.33
N GLU F 29 14.01 -30.50 -22.28
CA GLU F 29 14.23 -31.94 -22.34
C GLU F 29 13.56 -32.66 -21.18
N TRP F 30 13.71 -32.10 -19.97
CA TRP F 30 13.09 -32.69 -18.79
C TRP F 30 11.57 -32.70 -18.91
N GLN F 31 10.98 -31.58 -19.37
CA GLN F 31 9.54 -31.52 -19.55
C GLN F 31 9.05 -32.63 -20.47
N ILE F 32 9.71 -32.80 -21.63
CA ILE F 32 9.29 -33.83 -22.57
C ILE F 32 9.47 -35.21 -21.95
N SER F 33 10.64 -35.46 -21.38
CA SER F 33 10.90 -36.73 -20.70
C SER F 33 9.83 -37.02 -19.64
N GLU F 34 9.36 -35.99 -18.93
CA GLU F 34 8.43 -36.21 -17.85
C GLU F 34 6.97 -36.33 -18.30
N GLY F 35 6.68 -36.09 -19.58
CA GLY F 35 5.35 -36.31 -20.12
C GLY F 35 4.56 -35.08 -20.55
N SER F 36 5.16 -33.90 -20.60
CA SER F 36 4.46 -32.75 -21.16
C SER F 36 4.15 -32.98 -22.63
N SER F 37 2.94 -32.59 -23.06
CA SER F 37 2.45 -32.90 -24.40
C SER F 37 2.70 -31.80 -25.43
N GLY F 38 3.12 -30.62 -24.98
CA GLY F 38 3.39 -29.50 -25.86
C GLY F 38 4.16 -28.45 -25.09
N LEU F 39 4.63 -27.43 -25.79
CA LEU F 39 5.45 -26.39 -25.18
C LEU F 39 4.97 -25.02 -25.63
N VAL F 40 4.95 -24.07 -24.70
CA VAL F 40 4.68 -22.67 -24.99
C VAL F 40 5.87 -21.84 -24.53
N PRO F 41 6.77 -21.48 -25.45
CA PRO F 41 7.90 -20.62 -25.09
C PRO F 41 7.60 -19.14 -25.30
N ALA F 42 8.24 -18.32 -24.46
CA ALA F 42 8.11 -16.86 -24.55
C ALA F 42 6.67 -16.41 -24.43
N GLY F 43 5.94 -17.01 -23.48
CA GLY F 43 4.67 -16.50 -23.04
C GLY F 43 4.83 -15.60 -21.83
N THR F 44 3.75 -15.46 -21.06
CA THR F 44 3.81 -14.61 -19.87
C THR F 44 4.67 -15.23 -18.77
N THR F 45 4.55 -16.54 -18.55
CA THR F 45 5.43 -17.18 -17.59
C THR F 45 6.89 -17.19 -18.05
N GLY F 46 7.13 -17.03 -19.35
CA GLY F 46 8.46 -16.86 -19.90
C GLY F 46 8.98 -15.44 -19.88
N GLU F 47 8.28 -14.52 -19.20
CA GLU F 47 8.69 -13.13 -19.06
C GLU F 47 8.84 -12.44 -20.41
N SER F 48 7.91 -12.74 -21.34
CA SER F 48 7.97 -12.11 -22.67
C SER F 48 8.02 -10.58 -22.57
N SER F 49 7.38 -10.00 -21.54
CA SER F 49 7.36 -8.56 -21.38
C SER F 49 8.74 -7.95 -21.21
N THR F 50 9.69 -8.71 -20.64
CA THR F 50 11.02 -8.20 -20.34
C THR F 50 12.10 -8.79 -21.24
N LEU F 51 11.71 -9.49 -22.31
CA LEU F 51 12.64 -9.91 -23.35
C LEU F 51 12.72 -8.85 -24.44
N SER F 52 13.91 -8.69 -25.01
CA SER F 52 14.01 -7.94 -26.25
C SER F 52 13.41 -8.76 -27.39
N TYR F 53 13.15 -8.09 -28.52
CA TYR F 53 12.69 -8.81 -29.70
C TYR F 53 13.65 -9.96 -30.03
N GLU F 54 14.96 -9.68 -30.03
CA GLU F 54 15.96 -10.68 -30.39
C GLU F 54 15.96 -11.86 -29.43
N GLU F 55 15.84 -11.59 -28.11
CA GLU F 55 15.77 -12.68 -27.14
C GLU F 55 14.49 -13.49 -27.30
N HIS F 56 13.34 -12.81 -27.49
CA HIS F 56 12.07 -13.51 -27.67
C HIS F 56 12.15 -14.47 -28.85
N CYS F 57 12.66 -14.00 -29.99
CA CYS F 57 12.82 -14.88 -31.15
C CYS F 57 13.78 -16.02 -30.85
N ARG F 58 14.86 -15.73 -30.13
CA ARG F 58 15.85 -16.76 -29.80
C ARG F 58 15.27 -17.84 -28.90
N VAL F 59 14.45 -17.44 -27.91
CA VAL F 59 13.82 -18.40 -27.02
C VAL F 59 12.86 -19.30 -27.79
N VAL F 60 12.11 -18.73 -28.73
CA VAL F 60 11.23 -19.51 -29.59
C VAL F 60 12.04 -20.46 -30.46
N GLU F 61 13.10 -19.94 -31.09
CA GLU F 61 13.95 -20.76 -31.94
C GLU F 61 14.58 -21.91 -31.16
N LEU F 62 15.09 -21.61 -29.97
CA LEU F 62 15.70 -22.64 -29.13
C LEU F 62 14.69 -23.71 -28.74
N CYS F 63 13.45 -23.30 -28.49
CA CYS F 63 12.43 -24.27 -28.08
C CYS F 63 12.03 -25.17 -29.23
N VAL F 64 11.82 -24.60 -30.43
CA VAL F 64 11.47 -25.40 -31.60
C VAL F 64 12.56 -26.43 -31.88
N LYS F 65 13.83 -25.98 -31.90
CA LYS F 65 14.90 -26.91 -32.27
C LYS F 65 15.15 -27.94 -31.18
N THR F 66 15.00 -27.59 -29.90
CA THR F 66 15.13 -28.59 -28.85
C THR F 66 14.00 -29.62 -28.92
N ALA F 67 12.76 -29.17 -29.13
CA ALA F 67 11.64 -30.10 -29.25
C ALA F 67 11.85 -31.07 -30.40
N ALA F 68 12.35 -30.58 -31.54
CA ALA F 68 12.72 -31.40 -32.69
C ALA F 68 11.59 -32.36 -33.08
N GLY F 69 10.38 -31.82 -33.21
CA GLY F 69 9.24 -32.58 -33.69
C GLY F 69 8.65 -33.56 -32.69
N ARG F 70 9.26 -33.75 -31.53
CA ARG F 70 8.74 -34.71 -30.56
C ARG F 70 7.41 -34.26 -29.96
N VAL F 71 7.27 -32.96 -29.68
CA VAL F 71 6.00 -32.39 -29.23
C VAL F 71 5.78 -31.05 -29.92
N PRO F 72 4.52 -30.67 -30.10
CA PRO F 72 4.24 -29.42 -30.81
C PRO F 72 4.59 -28.18 -29.99
N VAL F 73 5.04 -27.13 -30.70
CA VAL F 73 5.48 -25.88 -30.07
C VAL F 73 4.51 -24.78 -30.48
N MET F 74 3.90 -24.14 -29.47
CA MET F 74 3.00 -23.00 -29.65
C MET F 74 3.74 -21.76 -29.16
N ALA F 75 4.28 -20.99 -30.10
CA ALA F 75 5.13 -19.85 -29.79
C ALA F 75 4.32 -18.65 -29.32
N GLY F 76 4.76 -18.04 -28.23
CA GLY F 76 4.18 -16.77 -27.82
C GLY F 76 4.42 -15.70 -28.88
N ALA F 77 3.35 -15.05 -29.33
CA ALA F 77 3.43 -13.95 -30.28
C ALA F 77 2.59 -12.78 -29.80
N GLY F 78 2.39 -12.66 -28.49
CA GLY F 78 1.48 -11.66 -27.96
C GLY F 78 2.15 -10.31 -27.80
N SER F 79 1.41 -9.27 -28.16
CA SER F 79 1.84 -7.88 -28.01
C SER F 79 0.59 -7.02 -27.93
N ASN F 80 0.74 -5.81 -27.40
CA ASN F 80 -0.34 -4.85 -27.55
C ASN F 80 -0.15 -3.98 -28.79
N ASN F 81 0.81 -4.34 -29.64
CA ASN F 81 1.13 -3.65 -30.90
C ASN F 81 0.96 -4.68 -32.02
N THR F 82 -0.02 -4.46 -32.90
CA THR F 82 -0.31 -5.45 -33.93
C THR F 82 0.89 -5.66 -34.85
N LYS F 83 1.59 -4.58 -35.20
CA LYS F 83 2.81 -4.70 -36.01
C LYS F 83 3.82 -5.62 -35.34
N GLU F 84 4.00 -5.50 -34.02
CA GLU F 84 4.99 -6.35 -33.33
C GLU F 84 4.52 -7.79 -33.24
N SER F 85 3.21 -8.00 -33.02
CA SER F 85 2.66 -9.35 -33.03
C SER F 85 2.90 -10.03 -34.37
N ILE F 86 2.67 -9.31 -35.48
CA ILE F 86 2.86 -9.92 -36.80
C ILE F 86 4.32 -10.32 -37.00
N GLU F 87 5.26 -9.50 -36.52
CA GLU F 87 6.66 -9.80 -36.71
C GLU F 87 7.10 -11.01 -35.87
N LEU F 88 6.60 -11.11 -34.63
CA LEU F 88 6.87 -12.32 -33.84
C LEU F 88 6.21 -13.53 -34.47
N ALA F 89 4.99 -13.37 -34.99
CA ALA F 89 4.28 -14.49 -35.59
C ALA F 89 4.99 -14.99 -36.84
N GLN F 90 5.52 -14.08 -37.65
CA GLN F 90 6.19 -14.49 -38.88
C GLN F 90 7.55 -15.11 -38.58
N TYR F 91 8.27 -14.58 -37.58
CA TYR F 91 9.51 -15.24 -37.17
C TYR F 91 9.24 -16.65 -36.68
N ALA F 92 8.19 -16.82 -35.86
CA ALA F 92 7.88 -18.14 -35.31
C ALA F 92 7.56 -19.13 -36.44
N GLN F 93 6.71 -18.73 -37.38
CA GLN F 93 6.44 -19.56 -38.53
C GLN F 93 7.72 -19.91 -39.27
N ASN F 94 8.55 -18.90 -39.56
CA ASN F 94 9.74 -19.13 -40.37
C ASN F 94 10.80 -19.94 -39.62
N THR F 95 10.77 -19.96 -38.29
CA THR F 95 11.71 -20.78 -37.54
C THR F 95 11.18 -22.18 -37.26
N GLY F 96 9.94 -22.46 -37.63
CA GLY F 96 9.39 -23.78 -37.56
C GLY F 96 8.39 -24.07 -36.44
N ALA F 97 7.84 -23.06 -35.79
CA ALA F 97 6.83 -23.28 -34.78
C ALA F 97 5.59 -23.94 -35.40
N ASP F 98 4.81 -24.65 -34.57
CA ASP F 98 3.61 -25.31 -35.07
C ASP F 98 2.33 -24.51 -34.88
N ALA F 99 2.33 -23.50 -33.99
CA ALA F 99 1.15 -22.69 -33.76
C ALA F 99 1.57 -21.41 -33.05
N LEU F 100 0.60 -20.53 -32.79
CA LEU F 100 0.84 -19.25 -32.16
C LEU F 100 -0.13 -19.05 -31.01
N LEU F 101 0.37 -18.45 -29.92
CA LEU F 101 -0.45 -17.99 -28.80
C LEU F 101 -0.45 -16.46 -28.82
N VAL F 102 -1.61 -15.87 -29.03
CA VAL F 102 -1.74 -14.44 -29.23
C VAL F 102 -2.70 -13.89 -28.18
N VAL F 103 -2.13 -13.20 -27.17
CA VAL F 103 -2.93 -12.62 -26.12
C VAL F 103 -3.77 -11.46 -26.66
N VAL F 104 -4.92 -11.24 -26.04
CA VAL F 104 -5.70 -10.01 -26.22
C VAL F 104 -4.85 -8.81 -25.80
N PRO F 105 -4.78 -7.75 -26.60
CA PRO F 105 -3.90 -6.62 -26.27
C PRO F 105 -4.16 -6.05 -24.88
N TYR F 106 -3.08 -5.76 -24.16
CA TYR F 106 -3.10 -5.21 -22.81
C TYR F 106 -2.80 -3.72 -22.83
N TYR F 107 -3.24 -3.04 -21.78
CA TYR F 107 -2.96 -1.64 -21.50
C TYR F 107 -3.69 -0.66 -22.43
N ASN F 108 -3.59 -0.81 -23.76
CA ASN F 108 -4.22 0.20 -24.60
C ASN F 108 -5.71 -0.06 -24.84
N LYS F 109 -6.22 -1.21 -24.40
CA LYS F 109 -7.65 -1.50 -24.34
C LYS F 109 -8.41 -1.22 -25.63
N PRO F 110 -8.13 -1.93 -26.72
CA PRO F 110 -8.95 -1.79 -27.92
C PRO F 110 -10.37 -2.25 -27.63
N ASN F 111 -11.31 -1.78 -28.45
CA ASN F 111 -12.69 -2.25 -28.39
C ASN F 111 -12.84 -3.49 -29.27
N LYS F 112 -14.08 -3.92 -29.49
CA LYS F 112 -14.34 -5.12 -30.26
C LYS F 112 -13.80 -5.00 -31.69
N LYS F 113 -14.00 -3.84 -32.33
CA LYS F 113 -13.50 -3.66 -33.68
C LYS F 113 -11.97 -3.74 -33.72
N GLY F 114 -11.31 -3.23 -32.68
CA GLY F 114 -9.87 -3.34 -32.62
C GLY F 114 -9.39 -4.78 -32.40
N LEU F 115 -10.14 -5.56 -31.61
CA LEU F 115 -9.82 -6.97 -31.48
C LEU F 115 -9.93 -7.68 -32.82
N LEU F 116 -11.04 -7.45 -33.55
CA LEU F 116 -11.19 -8.05 -34.86
C LEU F 116 -10.07 -7.64 -35.80
N ALA F 117 -9.67 -6.36 -35.75
CA ALA F 117 -8.57 -5.88 -36.57
C ALA F 117 -7.23 -6.50 -36.15
N HIS F 118 -7.01 -6.64 -34.84
CA HIS F 118 -5.76 -7.19 -34.33
C HIS F 118 -5.61 -8.66 -34.73
N PHE F 119 -6.60 -9.49 -34.35
CA PHE F 119 -6.47 -10.92 -34.61
C PHE F 119 -6.61 -11.22 -36.10
N GLY F 120 -7.39 -10.42 -36.83
CA GLY F 120 -7.50 -10.63 -38.27
C GLY F 120 -6.23 -10.30 -39.01
N SER F 121 -5.61 -9.16 -38.68
CA SER F 121 -4.31 -8.81 -39.26
C SER F 121 -3.30 -9.93 -39.07
N ILE F 122 -3.27 -10.55 -37.88
CA ILE F 122 -2.29 -11.58 -37.60
C ILE F 122 -2.61 -12.84 -38.37
N ALA F 123 -3.89 -13.23 -38.39
CA ALA F 123 -4.30 -14.46 -39.08
C ALA F 123 -4.06 -14.37 -40.58
N ASN F 124 -4.14 -13.17 -41.16
CA ASN F 124 -3.88 -13.00 -42.59
C ASN F 124 -2.39 -12.95 -42.91
N ALA F 125 -1.53 -12.73 -41.91
CA ALA F 125 -0.10 -12.60 -42.17
C ALA F 125 0.67 -13.92 -42.01
N VAL F 126 0.08 -14.93 -41.36
CA VAL F 126 0.71 -16.25 -41.24
C VAL F 126 -0.30 -17.30 -41.65
N SER F 127 0.19 -18.53 -41.86
CA SER F 127 -0.68 -19.67 -42.11
C SER F 127 -0.78 -20.62 -40.92
N LEU F 128 -0.02 -20.36 -39.85
CA LEU F 128 -0.02 -21.21 -38.67
C LEU F 128 -1.36 -21.14 -37.93
N PRO F 129 -1.72 -22.22 -37.23
CA PRO F 129 -2.85 -22.14 -36.27
C PRO F 129 -2.59 -21.09 -35.20
N ILE F 130 -3.64 -20.37 -34.83
CA ILE F 130 -3.56 -19.29 -33.83
C ILE F 130 -4.51 -19.59 -32.68
N TYR F 131 -4.01 -19.49 -31.46
CA TYR F 131 -4.80 -19.66 -30.25
C TYR F 131 -4.99 -18.31 -29.56
N ILE F 132 -6.25 -17.94 -29.31
CA ILE F 132 -6.55 -16.68 -28.62
C ILE F 132 -6.31 -16.86 -27.13
N TYR F 133 -5.57 -15.94 -26.54
CA TYR F 133 -5.25 -16.00 -25.11
C TYR F 133 -6.08 -14.91 -24.41
N ASN F 134 -7.16 -15.34 -23.75
CA ASN F 134 -8.10 -14.44 -23.08
C ASN F 134 -7.76 -14.44 -21.59
N ASN F 135 -7.22 -13.32 -21.09
CA ASN F 135 -6.79 -13.20 -19.69
C ASN F 135 -7.08 -11.81 -19.16
N PRO F 136 -8.35 -11.52 -18.83
CA PRO F 136 -8.71 -10.16 -18.37
C PRO F 136 -8.07 -9.78 -17.04
N SER F 137 -7.69 -10.73 -16.20
CA SER F 137 -6.98 -10.37 -14.97
C SER F 137 -5.66 -9.68 -15.27
N ARG F 138 -5.17 -9.79 -16.50
CA ARG F 138 -3.99 -9.07 -16.93
C ARG F 138 -4.27 -7.98 -17.95
N THR F 139 -5.29 -8.16 -18.82
CA THR F 139 -5.55 -7.26 -19.94
C THR F 139 -6.66 -6.25 -19.66
N VAL F 140 -7.44 -6.45 -18.58
CA VAL F 140 -8.64 -5.67 -18.24
C VAL F 140 -9.78 -6.01 -19.20
N ILE F 141 -9.63 -5.69 -20.48
CA ILE F 141 -10.66 -6.05 -21.45
C ILE F 141 -10.73 -7.56 -21.59
N GLU F 142 -11.91 -8.05 -22.00
CA GLU F 142 -12.15 -9.47 -22.20
C GLU F 142 -12.79 -9.67 -23.56
N MET F 143 -12.25 -10.58 -24.37
CA MET F 143 -12.92 -10.92 -25.62
C MET F 143 -14.21 -11.67 -25.31
N ASP F 144 -15.33 -11.18 -25.84
CA ASP F 144 -16.58 -11.88 -25.55
C ASP F 144 -16.78 -13.04 -26.54
N VAL F 145 -17.81 -13.84 -26.26
CA VAL F 145 -18.05 -15.05 -27.03
C VAL F 145 -18.40 -14.72 -28.48
N ASP F 146 -19.17 -13.65 -28.71
CA ASP F 146 -19.56 -13.29 -30.07
C ASP F 146 -18.33 -12.93 -30.91
N THR F 147 -17.38 -12.21 -30.32
CA THR F 147 -16.17 -11.83 -31.04
C THR F 147 -15.33 -13.06 -31.37
N MET F 148 -15.15 -13.95 -30.39
CA MET F 148 -14.44 -15.21 -30.61
C MET F 148 -15.09 -16.02 -31.71
N ALA F 149 -16.42 -16.15 -31.68
CA ALA F 149 -17.12 -16.91 -32.71
C ALA F 149 -16.93 -16.26 -34.09
N GLU F 150 -17.02 -14.93 -34.15
CA GLU F 150 -16.85 -14.27 -35.44
C GLU F 150 -15.45 -14.52 -35.99
N LEU F 151 -14.43 -14.50 -35.11
CA LEU F 151 -13.06 -14.75 -35.55
C LEU F 151 -12.90 -16.18 -36.04
N VAL F 152 -13.44 -17.15 -35.30
CA VAL F 152 -13.40 -18.54 -35.74
C VAL F 152 -14.04 -18.68 -37.11
N LYS F 153 -15.25 -18.13 -37.28
CA LYS F 153 -15.98 -18.31 -38.54
C LYS F 153 -15.26 -17.64 -39.71
N THR F 154 -14.55 -16.55 -39.45
CA THR F 154 -13.98 -15.72 -40.51
C THR F 154 -12.59 -16.17 -40.95
N TYR F 155 -11.79 -16.73 -40.04
CA TYR F 155 -10.41 -17.08 -40.34
C TYR F 155 -10.17 -18.55 -40.04
N SER F 156 -9.75 -19.30 -41.07
CA SER F 156 -9.58 -20.74 -40.93
C SER F 156 -8.50 -21.11 -39.92
N ASN F 157 -7.50 -20.26 -39.73
CA ASN F 157 -6.36 -20.57 -38.87
C ASN F 157 -6.48 -19.98 -37.48
N ILE F 158 -7.67 -19.56 -37.07
CA ILE F 158 -7.95 -19.22 -35.67
C ILE F 158 -8.70 -20.43 -35.11
N VAL F 159 -7.98 -21.26 -34.35
CA VAL F 159 -8.42 -22.63 -34.09
C VAL F 159 -8.74 -22.91 -32.63
N GLY F 160 -8.33 -22.07 -31.69
CA GLY F 160 -8.53 -22.41 -30.30
C GLY F 160 -8.35 -21.23 -29.37
N VAL F 161 -8.37 -21.50 -28.07
CA VAL F 161 -8.29 -20.46 -27.05
C VAL F 161 -7.52 -20.99 -25.84
N LYS F 162 -6.62 -20.14 -25.31
CA LYS F 162 -6.14 -20.28 -23.94
C LYS F 162 -7.03 -19.42 -23.05
N ASP F 163 -7.88 -20.06 -22.24
CA ASP F 163 -8.93 -19.40 -21.47
C ASP F 163 -8.51 -19.33 -20.01
N ALA F 164 -7.99 -18.19 -19.59
CA ALA F 164 -7.52 -17.97 -18.23
C ALA F 164 -8.53 -17.23 -17.36
N THR F 165 -9.79 -17.13 -17.79
CA THR F 165 -10.78 -16.44 -16.96
C THR F 165 -11.02 -17.17 -15.64
N GLY F 166 -10.92 -18.50 -15.65
CA GLY F 166 -11.32 -19.26 -14.48
C GLY F 166 -12.82 -19.32 -14.27
N ARG F 167 -13.61 -18.78 -15.21
CA ARG F 167 -15.07 -18.87 -15.17
C ARG F 167 -15.49 -19.91 -16.19
N ILE F 168 -15.80 -21.11 -15.69
CA ILE F 168 -15.96 -22.29 -16.54
C ILE F 168 -17.25 -22.25 -17.33
N GLU F 169 -18.22 -21.46 -16.87
CA GLU F 169 -19.40 -21.15 -17.67
C GLU F 169 -18.99 -20.79 -19.09
N LEU F 170 -17.91 -20.02 -19.26
CA LEU F 170 -17.49 -19.56 -20.58
C LEU F 170 -17.01 -20.70 -21.47
N ALA F 171 -16.54 -21.80 -20.88
CA ALA F 171 -16.17 -22.96 -21.67
C ALA F 171 -17.37 -23.52 -22.42
N SER F 172 -18.52 -23.59 -21.74
CA SER F 172 -19.76 -24.03 -22.38
C SER F 172 -20.18 -23.05 -23.46
N GLY F 173 -20.18 -21.74 -23.14
CA GLY F 173 -20.57 -20.76 -24.14
C GLY F 173 -19.69 -20.78 -25.36
N GLN F 174 -18.38 -20.98 -25.17
CA GLN F 174 -17.44 -21.01 -26.28
C GLN F 174 -17.61 -22.28 -27.11
N ARG F 175 -17.90 -23.41 -26.44
CA ARG F 175 -18.13 -24.66 -27.14
C ARG F 175 -19.36 -24.60 -28.02
N ILE F 176 -20.43 -23.99 -27.52
CA ILE F 176 -21.67 -23.89 -28.29
C ILE F 176 -21.50 -22.91 -29.45
N ALA F 177 -20.96 -21.71 -29.16
CA ALA F 177 -20.90 -20.65 -30.17
C ALA F 177 -19.83 -20.94 -31.24
N CYS F 178 -18.68 -21.49 -30.84
CA CYS F 178 -17.56 -21.70 -31.75
C CYS F 178 -17.51 -23.10 -32.34
N GLY F 179 -18.23 -24.05 -31.77
CA GLY F 179 -18.23 -25.40 -32.29
C GLY F 179 -17.41 -26.36 -31.44
N SER F 180 -17.77 -27.65 -31.52
CA SER F 180 -17.03 -28.70 -30.84
C SER F 180 -15.59 -28.83 -31.34
N ASP F 181 -15.31 -28.40 -32.57
CA ASP F 181 -13.97 -28.49 -33.15
C ASP F 181 -13.03 -27.39 -32.65
N PHE F 182 -13.58 -26.33 -32.07
CA PHE F 182 -12.78 -25.29 -31.43
C PHE F 182 -12.00 -25.87 -30.26
N ILE F 183 -10.67 -25.69 -30.27
CA ILE F 183 -9.79 -26.34 -29.30
C ILE F 183 -9.64 -25.44 -28.08
N GLN F 184 -10.21 -25.85 -26.95
CA GLN F 184 -10.20 -25.05 -25.73
C GLN F 184 -9.16 -25.57 -24.76
N LEU F 185 -8.23 -24.72 -24.36
CA LEU F 185 -7.20 -25.06 -23.39
C LEU F 185 -7.31 -24.15 -22.18
N SER F 186 -7.22 -24.73 -20.99
CA SER F 186 -7.32 -23.95 -19.78
C SER F 186 -6.07 -23.09 -19.60
N GLY F 187 -6.26 -21.86 -19.17
CA GLY F 187 -5.14 -21.01 -18.78
C GLY F 187 -5.11 -20.76 -17.29
N ASP F 188 -5.83 -21.59 -16.53
CA ASP F 188 -5.98 -21.43 -15.08
C ASP F 188 -5.82 -22.82 -14.45
N ASP F 189 -4.65 -23.08 -13.85
CA ASP F 189 -4.31 -24.40 -13.34
C ASP F 189 -5.36 -24.91 -12.34
N SER F 190 -5.87 -24.03 -11.49
CA SER F 190 -6.73 -24.42 -10.37
C SER F 190 -8.11 -24.87 -10.82
N SER F 191 -8.57 -24.44 -11.99
CA SER F 191 -9.87 -24.86 -12.52
C SER F 191 -9.74 -25.69 -13.79
N ALA F 192 -8.53 -26.13 -14.15
CA ALA F 192 -8.36 -26.90 -15.37
C ALA F 192 -9.19 -28.17 -15.37
N LEU F 193 -9.48 -28.73 -14.19
CA LEU F 193 -10.28 -29.94 -14.10
C LEU F 193 -11.68 -29.73 -14.63
N GLY F 194 -12.43 -28.80 -14.03
CA GLY F 194 -13.77 -28.52 -14.49
C GLY F 194 -13.81 -27.96 -15.90
N PHE F 195 -12.77 -27.22 -16.29
CA PHE F 195 -12.69 -26.70 -17.66
C PHE F 195 -12.76 -27.84 -18.69
N ASN F 196 -12.07 -28.95 -18.41
CA ASN F 196 -12.05 -30.05 -19.37
C ASN F 196 -13.39 -30.77 -19.43
N VAL F 197 -14.06 -30.97 -18.30
CA VAL F 197 -15.36 -31.64 -18.34
C VAL F 197 -16.41 -30.78 -19.05
N HIS F 198 -16.21 -29.45 -19.09
CA HIS F 198 -17.07 -28.58 -19.87
C HIS F 198 -16.68 -28.54 -21.35
N GLY F 199 -15.63 -29.24 -21.75
CA GLY F 199 -15.26 -29.32 -23.16
C GLY F 199 -13.80 -28.99 -23.49
N GLY F 200 -13.02 -28.57 -22.50
CA GLY F 200 -11.61 -28.37 -22.72
C GLY F 200 -10.88 -29.67 -22.97
N VAL F 201 -9.70 -29.58 -23.61
CA VAL F 201 -8.91 -30.77 -23.90
C VAL F 201 -7.49 -30.68 -23.33
N GLY F 202 -7.19 -29.64 -22.54
CA GLY F 202 -5.86 -29.51 -22.00
C GLY F 202 -5.71 -28.22 -21.22
N CYS F 203 -4.49 -27.98 -20.74
CA CYS F 203 -4.19 -26.80 -19.93
C CYS F 203 -2.80 -26.29 -20.28
N ILE F 204 -2.70 -25.01 -20.63
CA ILE F 204 -1.40 -24.33 -20.73
C ILE F 204 -1.08 -23.84 -19.32
N SER F 205 -0.04 -24.42 -18.73
CA SER F 205 0.05 -24.56 -17.28
C SER F 205 1.29 -23.87 -16.72
N VAL F 206 1.10 -23.14 -15.61
CA VAL F 206 2.25 -22.64 -14.85
C VAL F 206 2.87 -23.75 -14.03
N THR F 207 2.03 -24.48 -13.29
CA THR F 207 2.51 -25.51 -12.37
C THR F 207 3.31 -26.59 -13.08
N ALA F 208 3.03 -26.85 -14.36
CA ALA F 208 3.72 -27.94 -15.05
C ALA F 208 5.22 -27.71 -15.11
N ASN F 209 5.67 -26.44 -15.07
CA ASN F 209 7.09 -26.12 -14.95
C ASN F 209 7.73 -26.85 -13.78
N VAL F 210 7.00 -26.96 -12.68
CA VAL F 210 7.54 -27.43 -11.41
C VAL F 210 7.30 -28.93 -11.24
N ALA F 211 6.12 -29.40 -11.63
CA ALA F 211 5.69 -30.78 -11.40
C ALA F 211 5.16 -31.38 -12.69
N PRO F 212 6.00 -31.49 -13.72
CA PRO F 212 5.46 -31.92 -15.03
C PRO F 212 4.89 -33.33 -15.04
N ARG F 213 5.46 -34.27 -14.29
CA ARG F 213 4.94 -35.64 -14.39
C ARG F 213 3.55 -35.75 -13.79
N ILE F 214 3.35 -35.18 -12.60
CA ILE F 214 2.04 -35.27 -11.95
C ILE F 214 0.97 -34.55 -12.78
N CYS F 215 1.30 -33.36 -13.30
CA CYS F 215 0.35 -32.63 -14.13
C CYS F 215 -0.02 -33.43 -15.38
N ALA F 216 0.95 -34.06 -16.02
CA ALA F 216 0.66 -34.93 -17.15
C ALA F 216 -0.18 -36.14 -16.72
N GLU F 217 0.08 -36.69 -15.54
CA GLU F 217 -0.74 -37.80 -15.06
C GLU F 217 -2.17 -37.32 -14.79
N PHE F 218 -2.30 -36.11 -14.24
CA PHE F 218 -3.60 -35.48 -14.01
C PHE F 218 -4.37 -35.34 -15.32
N GLN F 219 -3.73 -34.78 -16.35
CA GLN F 219 -4.42 -34.61 -17.63
C GLN F 219 -4.68 -35.95 -18.30
N LYS F 220 -3.80 -36.93 -18.09
CA LYS F 220 -4.02 -38.26 -18.67
C LYS F 220 -5.27 -38.90 -18.09
N ALA F 221 -5.43 -38.84 -16.77
CA ALA F 221 -6.63 -39.37 -16.13
C ALA F 221 -7.89 -38.69 -16.66
N ILE F 222 -7.84 -37.36 -16.84
CA ILE F 222 -8.99 -36.67 -17.43
C ILE F 222 -9.26 -37.19 -18.82
N SER F 223 -8.21 -37.30 -19.65
CA SER F 223 -8.38 -37.74 -21.02
C SER F 223 -9.01 -39.13 -21.11
N GLU F 224 -8.73 -40.00 -20.13
CA GLU F 224 -9.27 -41.35 -20.07
C GLU F 224 -10.61 -41.42 -19.35
N GLY F 225 -11.23 -40.28 -19.05
CA GLY F 225 -12.50 -40.26 -18.36
C GLY F 225 -12.49 -40.79 -16.95
N ASP F 226 -11.32 -40.97 -16.33
CA ASP F 226 -11.21 -41.41 -14.94
C ASP F 226 -11.26 -40.18 -14.05
N TYR F 227 -12.47 -39.65 -13.89
CA TYR F 227 -12.61 -38.39 -13.16
C TYR F 227 -12.49 -38.57 -11.65
N ARG F 228 -12.66 -39.78 -11.12
CA ARG F 228 -12.41 -39.97 -9.70
C ARG F 228 -10.92 -39.87 -9.38
N GLN F 229 -10.06 -40.44 -10.25
CA GLN F 229 -8.63 -40.32 -10.03
C GLN F 229 -8.13 -38.90 -10.31
N ALA F 230 -8.75 -38.21 -11.29
CA ALA F 230 -8.39 -36.83 -11.55
C ALA F 230 -8.67 -35.94 -10.35
N LEU F 231 -9.74 -36.25 -9.60
CA LEU F 231 -10.05 -35.48 -8.40
C LEU F 231 -9.01 -35.72 -7.30
N GLU F 232 -8.45 -36.94 -7.25
CA GLU F 232 -7.38 -37.21 -6.30
C GLU F 232 -6.11 -36.45 -6.69
N TYR F 233 -5.83 -36.34 -7.99
CA TYR F 233 -4.72 -35.52 -8.45
C TYR F 233 -4.97 -34.05 -8.14
N GLN F 234 -6.19 -33.58 -8.39
CA GLN F 234 -6.56 -32.20 -8.08
C GLN F 234 -6.28 -31.88 -6.61
N ASP F 235 -6.66 -32.80 -5.71
CA ASP F 235 -6.49 -32.56 -4.28
C ASP F 235 -5.02 -32.47 -3.90
N LYS F 236 -4.16 -33.25 -4.56
CA LYS F 236 -2.71 -33.15 -4.32
C LYS F 236 -2.15 -31.88 -4.94
N LEU F 237 -2.61 -31.51 -6.14
CA LEU F 237 -2.00 -30.40 -6.87
C LEU F 237 -2.51 -29.04 -6.44
N PHE F 238 -3.78 -28.94 -6.02
CA PHE F 238 -4.37 -27.64 -5.70
C PHE F 238 -3.52 -26.79 -4.77
N PRO F 239 -3.04 -27.29 -3.62
CA PRO F 239 -2.20 -26.42 -2.76
C PRO F 239 -0.98 -25.86 -3.47
N LEU F 240 -0.38 -26.62 -4.40
CA LEU F 240 0.78 -26.09 -5.12
C LEU F 240 0.36 -25.05 -6.16
N HIS F 241 -0.72 -25.32 -6.91
CA HIS F 241 -1.30 -24.30 -7.78
C HIS F 241 -1.44 -22.97 -7.03
N GLN F 242 -2.01 -23.03 -5.83
CA GLN F 242 -2.30 -21.80 -5.10
C GLN F 242 -1.02 -21.18 -4.55
N ALA F 243 -0.11 -22.00 -4.01
CA ALA F 243 1.09 -21.43 -3.39
C ALA F 243 1.95 -20.69 -4.40
N LEU F 244 1.89 -21.09 -5.67
CA LEU F 244 2.73 -20.54 -6.73
C LEU F 244 2.26 -19.18 -7.24
N PHE F 245 1.12 -18.64 -6.78
CA PHE F 245 0.80 -17.27 -7.13
C PHE F 245 0.41 -16.43 -5.90
N ILE F 246 0.84 -16.84 -4.71
CA ILE F 246 0.84 -15.91 -3.58
C ILE F 246 1.59 -14.63 -3.97
N GLU F 247 2.74 -14.80 -4.60
CA GLU F 247 3.53 -13.71 -5.16
C GLU F 247 3.63 -14.00 -6.65
N PRO F 248 4.14 -13.10 -7.50
CA PRO F 248 4.17 -13.38 -8.95
C PRO F 248 4.73 -14.77 -9.27
N SER F 249 4.05 -15.48 -10.17
CA SER F 249 4.36 -16.90 -10.38
C SER F 249 5.75 -17.12 -10.98
N ILE F 250 6.30 -16.16 -11.74
CA ILE F 250 7.58 -16.44 -12.39
C ILE F 250 8.69 -16.57 -11.34
N SER F 251 8.70 -15.70 -10.33
CA SER F 251 9.70 -15.85 -9.26
C SER F 251 9.42 -17.07 -8.39
N SER F 252 8.14 -17.39 -8.16
CA SER F 252 7.81 -18.54 -7.33
C SER F 252 8.17 -19.86 -8.02
N VAL F 253 7.92 -19.96 -9.32
CA VAL F 253 8.31 -21.14 -10.09
C VAL F 253 9.82 -21.35 -10.04
N LYS F 254 10.59 -20.28 -10.28
CA LYS F 254 12.05 -20.39 -10.28
C LYS F 254 12.58 -20.71 -8.88
N TYR F 255 11.94 -20.17 -7.83
CA TYR F 255 12.26 -20.59 -6.48
C TYR F 255 12.05 -22.10 -6.33
N ALA F 256 10.87 -22.58 -6.74
CA ALA F 256 10.55 -24.00 -6.62
C ALA F 256 11.57 -24.86 -7.35
N LEU F 257 11.86 -24.53 -8.61
CA LEU F 257 12.80 -25.32 -9.41
C LEU F 257 14.19 -25.31 -8.80
N SER F 258 14.64 -24.17 -8.28
CA SER F 258 15.95 -24.11 -7.63
C SER F 258 15.98 -25.01 -6.40
N ARG F 259 14.90 -25.00 -5.62
CA ARG F 259 14.85 -25.86 -4.43
C ARG F 259 14.91 -27.33 -4.81
N LEU F 260 14.31 -27.72 -5.94
CA LEU F 260 14.27 -29.12 -6.35
C LEU F 260 15.58 -29.62 -6.95
N GLY F 261 16.54 -28.74 -7.20
CA GLY F 261 17.81 -29.15 -7.76
C GLY F 261 17.96 -28.95 -9.25
N ARG F 262 16.94 -28.42 -9.93
CA ARG F 262 17.06 -28.11 -11.34
C ARG F 262 18.08 -26.98 -11.54
N ASN F 263 18.80 -27.03 -12.66
CA ASN F 263 19.81 -26.00 -12.94
C ASN F 263 19.12 -24.75 -13.50
N VAL F 264 18.41 -24.05 -12.61
CA VAL F 264 17.67 -22.83 -12.92
C VAL F 264 18.00 -21.79 -11.86
N SER F 265 18.52 -20.65 -12.29
CA SER F 265 18.83 -19.59 -11.34
C SER F 265 17.57 -18.82 -10.93
N LEU F 266 17.66 -18.12 -9.79
CA LEU F 266 16.56 -17.33 -9.29
C LEU F 266 16.32 -16.04 -10.06
N VAL F 267 17.22 -15.68 -10.99
CA VAL F 267 17.22 -14.36 -11.59
C VAL F 267 15.94 -14.15 -12.42
N VAL F 268 15.26 -13.03 -12.17
CA VAL F 268 14.18 -12.53 -12.99
C VAL F 268 14.50 -11.08 -13.35
N ARG F 269 13.67 -10.49 -14.21
CA ARG F 269 13.92 -9.14 -14.70
C ARG F 269 12.91 -8.15 -14.12
N ALA F 270 13.42 -7.01 -13.63
CA ALA F 270 12.57 -5.98 -13.10
C ALA F 270 11.53 -5.57 -14.15
N PRO F 271 10.28 -5.30 -13.77
CA PRO F 271 9.79 -5.09 -12.40
C PRO F 271 9.48 -6.35 -11.59
N MET F 272 9.72 -7.56 -12.10
CA MET F 272 9.66 -8.74 -11.25
C MET F 272 10.88 -8.80 -10.33
N VAL F 273 10.69 -9.36 -9.13
CA VAL F 273 11.79 -9.51 -8.17
C VAL F 273 11.81 -10.96 -7.68
N SER F 274 13.02 -11.46 -7.37
CA SER F 274 13.16 -12.85 -6.98
C SER F 274 13.00 -13.08 -5.48
N ILE F 275 13.17 -12.04 -4.66
CA ILE F 275 13.06 -12.21 -3.22
C ILE F 275 11.60 -12.46 -2.86
N LEU F 276 11.33 -13.61 -2.22
CA LEU F 276 9.99 -14.00 -1.76
C LEU F 276 9.91 -13.85 -0.24
N GLU F 277 8.72 -13.52 0.26
CA GLU F 277 8.52 -13.54 1.72
C GLU F 277 8.76 -14.95 2.24
N LYS F 278 9.16 -15.05 3.51
CA LYS F 278 9.39 -16.37 4.11
C LYS F 278 8.09 -17.19 4.15
N GLU F 279 6.96 -16.53 4.40
CA GLU F 279 5.68 -17.24 4.46
C GLU F 279 5.31 -17.81 3.10
N THR F 280 5.67 -17.12 2.01
CA THR F 280 5.47 -17.65 0.66
C THR F 280 6.36 -18.87 0.41
N MET F 281 7.66 -18.77 0.72
CA MET F 281 8.54 -19.93 0.50
C MET F 281 8.07 -21.12 1.31
N PHE F 282 7.58 -20.88 2.53
CA PHE F 282 7.08 -21.96 3.38
C PHE F 282 5.87 -22.63 2.75
N ALA F 283 4.91 -21.85 2.25
CA ALA F 283 3.74 -22.43 1.60
C ALA F 283 4.14 -23.25 0.36
N ILE F 284 5.08 -22.74 -0.43
CA ILE F 284 5.50 -23.49 -1.62
C ILE F 284 6.18 -24.79 -1.19
N ASP F 285 7.05 -24.72 -0.18
CA ASP F 285 7.74 -25.90 0.32
C ASP F 285 6.77 -26.97 0.81
N GLN F 286 5.79 -26.56 1.65
CA GLN F 286 4.82 -27.54 2.17
C GLN F 286 4.04 -28.20 1.04
N ALA F 287 3.70 -27.43 0.00
CA ALA F 287 2.94 -27.99 -1.12
C ALA F 287 3.81 -28.92 -1.96
N LEU F 288 5.10 -28.58 -2.12
CA LEU F 288 6.02 -29.50 -2.81
C LEU F 288 6.14 -30.81 -2.04
N ASP F 289 6.29 -30.71 -0.71
CA ASP F 289 6.52 -31.90 0.11
C ASP F 289 5.27 -32.75 0.24
N HIS F 290 4.09 -32.12 0.16
CA HIS F 290 2.85 -32.88 0.19
C HIS F 290 2.71 -33.79 -1.03
N ILE F 291 3.23 -33.37 -2.18
CA ILE F 291 3.27 -34.22 -3.36
C ILE F 291 4.50 -35.13 -3.37
N GLY F 292 5.55 -34.78 -2.64
CA GLY F 292 6.71 -35.63 -2.50
C GLY F 292 7.74 -35.46 -3.60
N LEU F 293 8.00 -34.20 -3.97
CA LEU F 293 8.79 -33.89 -5.16
C LEU F 293 10.30 -33.76 -4.89
N CYS F 294 10.73 -33.64 -3.63
CA CYS F 294 12.15 -33.44 -3.34
C CYS F 294 12.86 -34.80 -3.37
N ALA F 295 13.91 -34.91 -4.19
CA ALA F 295 14.57 -36.20 -4.38
C ALA F 295 15.29 -36.64 -3.10
N GLY F 296 16.01 -35.73 -2.46
CA GLY F 296 16.81 -36.09 -1.29
C GLY F 296 16.01 -36.38 -0.03
N LYS G . 26.89 17.95 15.58
CA LYS G . 28.11 18.44 16.23
C LYS G . 28.32 17.72 17.57
O LYS G . 27.41 16.98 18.02
CB LYS G . 28.06 19.97 16.40
CG LYS G . 26.98 20.51 17.37
CD LYS G . 27.32 21.98 17.68
CE LYS G . 26.24 22.71 18.50
NZ LYS G . 25.87 21.98 19.71
OXT LYS G . 29.40 17.86 18.21
N LYS H . 33.06 18.34 16.89
CA LYS H . 31.86 18.19 16.09
C LYS H . 31.68 16.69 15.77
O LYS H . 30.60 16.27 15.26
CB LYS H . 31.92 19.06 14.82
CG LYS H . 33.01 18.66 13.81
CD LYS H . 32.65 19.32 12.46
CE LYS H . 33.84 19.35 11.47
NZ LYS H . 34.32 18.00 11.18
OXT LYS H . 32.62 15.90 16.05
N LYS I . -33.90 -7.26 8.10
CA LYS I . -34.94 -6.85 7.18
C LYS I . -34.34 -5.90 6.14
O LYS I . -35.01 -5.54 5.12
CB LYS I . -36.12 -6.22 7.93
CG LYS I . -35.88 -4.77 8.40
CD LYS I . -37.23 -4.06 8.50
CE LYS I . -37.24 -2.94 9.55
NZ LYS I . -36.43 -1.81 9.10
OXT LYS I . -33.15 -5.48 6.29
N LYS J . 4.39 -2.17 -27.37
CA LYS J . 5.35 -2.26 -26.29
C LYS J . 4.69 -1.75 -24.99
O LYS J . 3.52 -1.28 -25.04
CB LYS J . 6.63 -1.47 -26.61
CG LYS J . 6.43 0.04 -26.59
CD LYS J . 7.77 0.71 -26.33
CE LYS J . 7.87 2.06 -27.04
NZ LYS J . 6.93 2.99 -26.41
OXT LYS J . 5.32 -1.81 -23.90
N LYS K . -37.69 -7.93 3.14
CA LYS K . -36.96 -8.24 4.37
C LYS K . -35.63 -8.91 4.00
O LYS K . -35.42 -9.20 2.80
CB LYS K . -37.80 -9.12 5.29
CG LYS K . -38.11 -10.50 4.69
CD LYS K . -38.79 -11.37 5.76
CE LYS K . -39.32 -12.71 5.19
NZ LYS K . -38.27 -13.44 4.49
OXT LYS K . -34.75 -9.18 4.88
N LYS L . 7.83 -4.80 -22.87
CA LYS L . 7.15 -4.73 -24.16
C LYS L . 5.79 -5.41 -24.06
O LYS L . 5.01 -5.38 -25.05
CB LYS L . 8.00 -5.36 -25.28
CG LYS L . 8.07 -6.90 -25.25
CD LYS L . 8.69 -7.36 -26.58
CE LYS L . 9.16 -8.82 -26.58
NZ LYS L . 8.07 -9.73 -26.25
OXT LYS L . 5.43 -5.98 -22.98
#